data_8V46
#
_entry.id   8V46
#
_cell.length_a   1.00
_cell.length_b   1.00
_cell.length_c   1.00
_cell.angle_alpha   90.00
_cell.angle_beta   90.00
_cell.angle_gamma   90.00
#
_symmetry.space_group_name_H-M   'P 1'
#
loop_
_entity.id
_entity.type
_entity.pdbx_description
1 polymer 'AriA antitoxin'
2 polymer AriB
3 non-polymer "ADENOSINE-5'-TRIPHOSPHATE"
4 non-polymer 'MAGNESIUM ION'
#
loop_
_entity_poly.entity_id
_entity_poly.type
_entity_poly.pdbx_seq_one_letter_code
_entity_poly.pdbx_strand_id
1 'polypeptide(L)'
;VAIRTISKIELSKIHNRYNLTVDFFNDLNVIHGKNGAGKSTLIHVIANIVNGDFIRFAFLIFEEIKATYSDGLKIVIRRD
KIDEQSFISVTLSNGKYIKFAVGEAMATVREIESERHLRERDVKSMLAMDIDKFVKENELQKVRASYFPAFRTMLEAWSS
SSDVGYERRVIRSSFYNRKASAFARELFGQFLPSINYPSPMEIEDRLREEIRRAQLGIAAYESRTFSESFVKVFSALFDN
SSVEGEITGELLKEIEGLAIAQDSSIKNGYYAEYSKVYEEIRSLINRNLKGKVENSVSGALVVYRDALRDRQDYQEKAFS
EIDNYMSSVNSFLEDKEMAYDFDLRRKYPKVGLKFPDGSWSPIRVLSSGERQLLTMLYAASKMGDDAIVLIDQPEISLHI
DWQEDLLKRMLSQLSGRQIIVCTHSPSIATGYEDFMINISPEFISSRDNDNHKDSEEMEEDESL
;
A,B,C,F
2 'polypeptide(L)'
;MSSCAYTIDSYITLLTMSSKKRLLVEGRHDRSHLYQLIYKFNPASKVKIDTAQDIKASDKAMSKNNRLKIETIHSKVKGK
DNISFLCDRAFREFAFNDQIEDLLNSHYCDDSLYWTLGHSLENYFFNPSIIIDAFQFLSPSEYKYKAIELFSELISSSFA
VLAAVSLAAKDIDKAGLPAALIDWKDIVINDGTIKLIRRDSYDIDSACVDSFFNAFDAVLPRVIASDVGICSRVVRGHTG
ILLLQKLFSACLYYVGREDDALQADSSANYFCNLSELSLTTALAESWVRKIGVLEDVYFPDSLLKNIE
;
D
#
loop_
_chem_comp.id
_chem_comp.type
_chem_comp.name
_chem_comp.formula
ATP non-polymer ADENOSINE-5'-TRIPHOSPHATE 'C10 H16 N5 O13 P3'
MG non-polymer 'MAGNESIUM ION' 'Mg 2'
#
# COMPACT_ATOMS: atom_id res chain seq x y z
N ILE A 3 -15.66 33.03 -3.62
CA ILE A 3 -16.07 32.12 -2.56
C ILE A 3 -15.19 32.31 -1.33
N ARG A 4 -15.06 31.25 -0.53
CA ARG A 4 -14.28 31.28 0.70
C ARG A 4 -13.09 30.35 0.57
N THR A 5 -11.89 30.90 0.79
CA THR A 5 -10.65 30.14 0.70
C THR A 5 -9.85 30.31 1.97
N ILE A 6 -9.03 29.31 2.29
CA ILE A 6 -8.15 29.37 3.45
C ILE A 6 -7.04 30.39 3.18
N SER A 7 -6.55 31.03 4.24
CA SER A 7 -5.53 32.05 4.10
C SER A 7 -4.38 31.95 5.09
N LYS A 8 -4.55 31.29 6.23
CA LYS A 8 -3.50 31.18 7.22
C LYS A 8 -3.80 30.01 8.13
N ILE A 9 -2.80 29.16 8.37
CA ILE A 9 -2.92 28.04 9.30
C ILE A 9 -1.79 28.18 10.32
N GLU A 10 -2.15 28.28 11.59
CA GLU A 10 -1.17 28.39 12.67
C GLU A 10 -1.32 27.18 13.56
N LEU A 11 -0.24 26.43 13.73
CA LEU A 11 -0.22 25.27 14.61
C LEU A 11 0.62 25.59 15.84
N SER A 12 0.28 24.95 16.95
CA SER A 12 0.99 25.18 18.21
C SER A 12 1.20 23.84 18.90
N LYS A 13 2.46 23.39 18.94
CA LYS A 13 2.91 22.20 19.66
C LYS A 13 2.18 20.94 19.20
N ILE A 14 2.27 20.66 17.90
CA ILE A 14 1.73 19.41 17.36
C ILE A 14 2.62 18.27 17.82
N HIS A 15 1.99 17.23 18.40
CA HIS A 15 2.66 16.10 19.06
C HIS A 15 3.58 16.56 20.19
N ASN A 16 3.26 17.71 20.79
CA ASN A 16 4.00 18.35 21.88
C ASN A 16 5.45 18.67 21.52
N ARG A 17 5.78 18.84 20.24
CA ARG A 17 7.17 19.15 19.91
C ARG A 17 7.38 20.23 18.87
N TYR A 18 6.43 20.57 17.99
CA TYR A 18 6.74 21.60 16.99
C TYR A 18 5.52 22.43 16.65
N ASN A 19 5.79 23.68 16.27
CA ASN A 19 4.79 24.65 15.82
C ASN A 19 5.01 24.96 14.35
N LEU A 20 4.01 25.56 13.71
CA LEU A 20 4.09 25.90 12.30
C LEU A 20 3.11 27.04 12.00
N THR A 21 3.48 27.88 11.03
CA THR A 21 2.64 28.99 10.60
C THR A 21 2.78 29.15 9.09
N VAL A 22 1.72 28.87 8.35
CA VAL A 22 1.73 28.89 6.89
C VAL A 22 0.73 29.91 6.40
N ASP A 23 1.19 30.82 5.54
CA ASP A 23 0.33 31.77 4.85
C ASP A 23 0.10 31.29 3.43
N PHE A 24 -1.15 31.30 2.99
CA PHE A 24 -1.54 30.73 1.71
C PHE A 24 -1.87 31.79 0.69
N PHE A 25 -1.88 31.38 -0.57
CA PHE A 25 -2.41 32.17 -1.67
C PHE A 25 -3.81 31.66 -2.02
N ASN A 26 -4.53 32.46 -2.81
CA ASN A 26 -5.90 32.15 -3.14
C ASN A 26 -6.06 31.36 -4.44
N ASP A 27 -4.98 31.11 -5.16
CA ASP A 27 -5.06 30.39 -6.43
C ASP A 27 -4.33 29.07 -6.41
N LEU A 28 -3.03 29.06 -6.09
CA LEU A 28 -2.24 27.84 -6.12
C LEU A 28 -1.20 27.91 -5.02
N ASN A 29 -1.04 26.83 -4.27
CA ASN A 29 -0.08 26.75 -3.19
C ASN A 29 0.73 25.46 -3.35
N VAL A 30 1.96 25.59 -3.81
CA VAL A 30 2.87 24.45 -3.95
C VAL A 30 3.69 24.38 -2.68
N ILE A 31 3.41 23.40 -1.83
CA ILE A 31 4.02 23.30 -0.52
C ILE A 31 5.14 22.28 -0.58
N HIS A 32 6.35 22.69 -0.22
CA HIS A 32 7.48 21.79 -0.20
C HIS A 32 8.24 21.97 1.11
N GLY A 33 9.03 20.96 1.45
CA GLY A 33 9.81 21.01 2.67
C GLY A 33 10.65 19.76 2.78
N LYS A 34 11.37 19.66 3.88
CA LYS A 34 12.20 18.49 4.11
C LYS A 34 11.34 17.31 4.53
N ASN A 35 11.97 16.15 4.66
CA ASN A 35 11.25 14.96 5.09
C ASN A 35 10.92 15.06 6.58
N GLY A 36 9.68 14.74 6.92
CA GLY A 36 9.24 14.88 8.29
C GLY A 36 8.95 16.30 8.71
N ALA A 37 8.78 17.22 7.76
CA ALA A 37 8.52 18.61 8.12
C ALA A 37 7.12 18.83 8.63
N GLY A 38 6.16 18.02 8.20
CA GLY A 38 4.80 18.21 8.64
C GLY A 38 3.88 18.70 7.54
N LYS A 39 4.08 18.19 6.33
CA LYS A 39 3.26 18.60 5.19
C LYS A 39 1.95 17.83 5.14
N SER A 40 2.01 16.51 5.29
CA SER A 40 0.80 15.69 5.28
C SER A 40 -0.08 15.98 6.47
N THR A 41 0.52 16.26 7.64
CA THR A 41 -0.24 16.65 8.81
C THR A 41 -0.94 17.99 8.60
N LEU A 42 -0.26 18.92 7.93
CA LEU A 42 -0.89 20.20 7.59
C LEU A 42 -2.07 20.03 6.66
N ILE A 43 -1.92 19.15 5.66
CA ILE A 43 -3.01 18.90 4.73
C ILE A 43 -4.19 18.21 5.44
N HIS A 44 -3.90 17.31 6.38
CA HIS A 44 -4.96 16.68 7.17
C HIS A 44 -5.69 17.69 8.04
N VAL A 45 -4.95 18.63 8.63
CA VAL A 45 -5.56 19.67 9.46
C VAL A 45 -6.46 20.56 8.62
N ILE A 46 -6.01 20.96 7.43
CA ILE A 46 -6.81 21.80 6.54
C ILE A 46 -8.05 21.07 6.08
N ALA A 47 -7.92 19.79 5.71
CA ALA A 47 -9.06 19.02 5.23
C ALA A 47 -10.07 18.74 6.33
N ASN A 48 -9.61 18.58 7.57
CA ASN A 48 -10.56 18.39 8.67
C ASN A 48 -11.27 19.70 9.02
N ILE A 49 -10.57 20.83 8.94
CA ILE A 49 -11.18 22.11 9.29
C ILE A 49 -12.19 22.53 8.23
N VAL A 50 -11.82 22.40 6.95
CA VAL A 50 -12.68 22.89 5.86
C VAL A 50 -13.93 22.02 5.72
N ASN A 51 -13.79 20.71 5.87
CA ASN A 51 -14.96 19.83 5.87
C ASN A 51 -15.81 19.96 7.12
N GLY A 52 -15.33 20.64 8.15
CA GLY A 52 -16.08 20.76 9.38
C GLY A 52 -16.13 19.51 10.22
N ASP A 53 -15.16 18.62 10.03
CA ASP A 53 -15.12 17.36 10.79
C ASP A 53 -14.21 17.55 12.00
N PHE A 54 -14.71 18.32 12.97
CA PHE A 54 -13.91 18.68 14.15
C PHE A 54 -13.72 17.52 15.11
N ILE A 55 -14.56 16.47 15.01
CA ILE A 55 -14.42 15.30 15.86
C ILE A 55 -13.17 14.48 15.53
N ARG A 56 -12.52 14.76 14.39
CA ARG A 56 -11.21 14.20 14.11
C ARG A 56 -10.16 14.72 15.08
N PHE A 57 -10.31 15.95 15.58
CA PHE A 57 -9.26 16.59 16.36
C PHE A 57 -9.14 16.04 17.77
N ALA A 58 -9.99 15.12 18.17
CA ALA A 58 -9.76 14.37 19.41
C ALA A 58 -8.70 13.30 19.26
N PHE A 59 -8.24 13.03 18.04
CA PHE A 59 -7.23 12.00 17.79
C PHE A 59 -5.86 12.59 17.49
N LEU A 60 -5.68 13.89 17.68
CA LEU A 60 -4.41 14.55 17.49
C LEU A 60 -3.97 15.20 18.79
N ILE A 61 -2.69 15.07 19.11
CA ILE A 61 -2.12 15.69 20.30
C ILE A 61 -1.58 17.06 19.90
N PHE A 62 -2.21 18.11 20.40
CA PHE A 62 -1.84 19.47 20.03
C PHE A 62 -2.18 20.39 21.19
N GLU A 63 -1.99 21.69 20.98
CA GLU A 63 -2.43 22.71 21.92
C GLU A 63 -3.42 23.68 21.30
N GLU A 64 -3.12 24.23 20.14
CA GLU A 64 -3.99 25.23 19.53
C GLU A 64 -3.76 25.25 18.02
N ILE A 65 -4.85 25.25 17.26
CA ILE A 65 -4.82 25.30 15.81
C ILE A 65 -5.74 26.43 15.37
N LYS A 66 -5.21 27.40 14.66
CA LYS A 66 -5.99 28.53 14.17
C LYS A 66 -6.12 28.45 12.66
N ALA A 67 -7.33 28.67 12.15
CA ALA A 67 -7.59 28.68 10.73
C ALA A 67 -8.28 29.99 10.37
N THR A 68 -7.67 30.76 9.48
CA THR A 68 -8.25 32.00 8.99
C THR A 68 -8.70 31.79 7.55
N TYR A 69 -9.93 32.19 7.25
CA TYR A 69 -10.41 32.12 5.89
C TYR A 69 -10.21 33.46 5.19
N SER A 70 -10.64 33.53 3.93
CA SER A 70 -10.45 34.74 3.15
C SER A 70 -11.42 35.84 3.56
N ASP A 71 -12.61 35.48 4.00
CA ASP A 71 -13.61 36.47 4.40
C ASP A 71 -13.43 36.97 5.83
N GLY A 72 -12.48 36.40 6.58
CA GLY A 72 -12.20 36.84 7.93
C GLY A 72 -12.66 35.91 9.03
N LEU A 73 -13.34 34.82 8.70
CA LEU A 73 -13.79 33.88 9.72
C LEU A 73 -12.62 33.08 10.26
N LYS A 74 -12.44 33.12 11.58
CA LYS A 74 -11.36 32.42 12.24
C LYS A 74 -11.91 31.32 13.11
N ILE A 75 -11.31 30.14 13.03
CA ILE A 75 -11.68 28.98 13.84
C ILE A 75 -10.48 28.63 14.70
N VAL A 76 -10.67 28.58 16.01
CA VAL A 76 -9.60 28.27 16.95
C VAL A 76 -9.96 26.98 17.66
N ILE A 77 -9.14 25.95 17.50
CA ILE A 77 -9.35 24.65 18.12
C ILE A 77 -8.30 24.50 19.21
N ARG A 78 -8.75 24.24 20.44
CA ARG A 78 -7.83 24.16 21.57
C ARG A 78 -8.07 22.84 22.31
N ARG A 79 -7.00 22.11 22.58
CA ARG A 79 -7.06 20.87 23.34
C ARG A 79 -6.47 21.13 24.72
N ASP A 80 -7.29 20.95 25.75
CA ASP A 80 -6.87 21.18 27.12
C ASP A 80 -7.03 19.90 27.93
N LYS A 81 -6.39 19.89 29.10
CA LYS A 81 -6.46 18.74 30.02
C LYS A 81 -6.91 19.27 31.37
N ILE A 82 -8.21 19.22 31.63
CA ILE A 82 -8.79 19.67 32.89
C ILE A 82 -9.05 18.43 33.74
N ASP A 83 -8.35 18.36 34.88
CA ASP A 83 -8.51 17.30 35.90
C ASP A 83 -8.32 15.91 35.30
N GLU A 84 -7.24 15.77 34.53
CA GLU A 84 -6.80 14.58 33.76
C GLU A 84 -7.75 14.22 32.62
N GLN A 85 -8.84 14.97 32.44
CA GLN A 85 -9.80 14.73 31.38
C GLN A 85 -9.54 15.72 30.25
N SER A 86 -9.36 15.20 29.04
CA SER A 86 -9.01 16.05 27.91
C SER A 86 -10.27 16.57 27.22
N PHE A 87 -10.19 17.79 26.69
CA PHE A 87 -11.33 18.47 26.12
C PHE A 87 -10.92 19.26 24.89
N ILE A 88 -11.74 19.17 23.84
CA ILE A 88 -11.56 19.91 22.60
C ILE A 88 -12.57 21.04 22.59
N SER A 89 -12.09 22.27 22.41
CA SER A 89 -12.95 23.45 22.37
C SER A 89 -12.74 24.16 21.03
N VAL A 90 -13.82 24.31 20.28
CA VAL A 90 -13.79 25.00 18.99
C VAL A 90 -14.48 26.34 19.18
N THR A 91 -13.75 27.43 18.92
CA THR A 91 -14.26 28.78 19.11
C THR A 91 -14.18 29.54 17.80
N LEU A 92 -15.29 30.13 17.37
CA LEU A 92 -15.30 30.88 16.14
C LEU A 92 -14.98 32.35 16.42
N SER A 93 -15.09 33.19 15.40
CA SER A 93 -14.82 34.60 15.55
C SER A 93 -16.05 35.41 15.95
N ASN A 94 -17.25 34.84 15.81
CA ASN A 94 -18.48 35.51 16.21
C ASN A 94 -18.91 35.16 17.62
N GLY A 95 -18.07 34.47 18.38
CA GLY A 95 -18.35 34.13 19.75
C GLY A 95 -19.01 32.78 19.95
N LYS A 96 -19.58 32.20 18.90
CA LYS A 96 -20.15 30.86 19.00
C LYS A 96 -19.05 29.84 19.21
N TYR A 97 -19.30 28.87 20.08
CA TYR A 97 -18.28 27.89 20.41
C TYR A 97 -18.93 26.58 20.80
N ILE A 98 -18.14 25.51 20.73
CA ILE A 98 -18.54 24.20 21.20
C ILE A 98 -17.37 23.62 21.98
N LYS A 99 -17.66 22.65 22.84
CA LYS A 99 -16.64 22.00 23.65
C LYS A 99 -17.09 20.60 23.97
N PHE A 100 -16.23 19.62 23.76
CA PHE A 100 -16.56 18.23 24.01
C PHE A 100 -15.37 17.50 24.59
N ALA A 101 -15.59 16.26 24.99
CA ALA A 101 -14.58 15.44 25.61
C ALA A 101 -13.93 14.50 24.60
N VAL A 102 -12.64 14.25 24.80
CA VAL A 102 -11.90 13.37 23.90
C VAL A 102 -12.36 11.92 24.06
N GLY A 103 -12.62 11.50 25.30
CA GLY A 103 -13.13 10.15 25.53
C GLY A 103 -14.51 9.94 24.96
N GLU A 104 -15.36 10.97 25.00
CA GLU A 104 -16.68 10.91 24.39
C GLU A 104 -16.59 10.77 22.87
N ALA A 105 -15.65 11.50 22.25
CA ALA A 105 -15.46 11.41 20.82
C ALA A 105 -14.89 10.06 20.41
N MET A 106 -13.96 9.52 21.21
CA MET A 106 -13.43 8.19 20.94
C MET A 106 -14.49 7.11 21.09
N ALA A 107 -15.38 7.28 22.07
CA ALA A 107 -16.49 6.34 22.24
C ALA A 107 -17.48 6.43 21.08
N THR A 108 -17.73 7.65 20.58
CA THR A 108 -18.61 7.82 19.42
C THR A 108 -18.02 7.20 18.17
N VAL A 109 -16.72 7.37 17.96
CA VAL A 109 -16.05 6.77 16.80
C VAL A 109 -16.03 5.26 16.92
N ARG A 110 -15.83 4.72 18.12
CA ARG A 110 -15.86 3.27 18.34
C ARG A 110 -17.26 2.71 18.13
N GLU A 111 -18.29 3.46 18.50
CA GLU A 111 -19.66 3.04 18.24
C GLU A 111 -19.99 3.07 16.75
N ILE A 112 -19.43 4.04 16.02
CA ILE A 112 -19.58 4.04 14.56
C ILE A 112 -18.88 2.84 13.95
N GLU A 113 -17.72 2.46 14.51
CA GLU A 113 -17.01 1.26 14.06
C GLU A 113 -17.83 0.00 14.33
N SER A 114 -18.48 -0.08 15.47
CA SER A 114 -19.29 -1.25 15.82
C SER A 114 -20.77 -0.93 15.73
N VAL A 123 -25.94 5.79 11.92
CA VAL A 123 -26.73 6.42 12.98
C VAL A 123 -25.85 7.35 13.80
N LYS A 124 -26.14 8.63 13.76
CA LYS A 124 -25.37 9.61 14.51
C LYS A 124 -25.71 9.55 15.99
N SER A 125 -24.71 9.77 16.84
CA SER A 125 -24.91 9.85 18.28
C SER A 125 -25.32 11.26 18.65
N MET A 126 -25.35 11.55 19.96
CA MET A 126 -25.66 12.89 20.42
C MET A 126 -24.54 13.87 20.08
N LEU A 127 -23.29 13.41 20.20
CA LEU A 127 -22.14 14.27 19.92
C LEU A 127 -22.05 14.60 18.43
N ALA A 128 -22.31 13.61 17.57
CA ALA A 128 -22.27 13.85 16.13
C ALA A 128 -23.37 14.80 15.70
N MET A 129 -24.57 14.66 16.30
CA MET A 129 -25.66 15.58 16.00
C MET A 129 -25.36 17.00 16.50
N ASP A 130 -24.72 17.12 17.66
CA ASP A 130 -24.36 18.44 18.19
C ASP A 130 -23.28 19.09 17.34
N ILE A 131 -22.30 18.31 16.89
CA ILE A 131 -21.25 18.81 16.00
C ILE A 131 -21.85 19.27 14.68
N ASP A 132 -22.77 18.48 14.12
CA ASP A 132 -23.39 18.83 12.85
C ASP A 132 -24.29 20.06 13.00
N LYS A 133 -24.97 20.19 14.14
CA LYS A 133 -25.77 21.40 14.40
C LYS A 133 -24.89 22.63 14.51
N PHE A 134 -23.74 22.50 15.19
CA PHE A 134 -22.82 23.63 15.34
C PHE A 134 -22.22 24.04 14.01
N VAL A 135 -21.87 23.08 13.15
CA VAL A 135 -21.29 23.45 11.86
C VAL A 135 -22.36 23.82 10.83
N LYS A 136 -23.63 23.52 11.09
CA LYS A 136 -24.67 23.91 10.14
C LYS A 136 -25.26 25.27 10.47
N GLU A 137 -25.47 25.58 11.75
CA GLU A 137 -26.05 26.88 12.09
C GLU A 137 -25.06 28.02 11.94
N ASN A 138 -23.76 27.74 11.91
CA ASN A 138 -22.75 28.75 11.68
C ASN A 138 -22.29 28.82 10.25
N GLU A 139 -22.83 27.95 9.37
CA GLU A 139 -22.48 27.86 7.95
C GLU A 139 -20.99 27.61 7.76
N LEU A 140 -20.46 26.64 8.50
CA LEU A 140 -19.04 26.30 8.44
C LEU A 140 -18.70 25.36 7.30
N GLN A 141 -19.68 24.92 6.51
CA GLN A 141 -19.47 23.93 5.47
C GLN A 141 -19.96 24.44 4.12
N LYS A 142 -19.59 25.68 3.81
CA LYS A 142 -19.91 26.24 2.50
C LYS A 142 -19.09 25.55 1.40
N VAL A 143 -17.79 25.42 1.61
CA VAL A 143 -16.87 24.89 0.62
C VAL A 143 -16.39 23.53 1.10
N ARG A 144 -16.34 22.57 0.18
CA ARG A 144 -15.86 21.23 0.50
C ARG A 144 -14.34 21.21 0.39
N ALA A 145 -13.74 20.02 0.49
CA ALA A 145 -12.31 19.87 0.35
C ALA A 145 -12.02 18.50 -0.25
N SER A 146 -11.63 18.47 -1.51
CA SER A 146 -11.24 17.22 -2.14
C SER A 146 -9.86 16.83 -1.66
N TYR A 147 -9.75 15.65 -1.07
CA TYR A 147 -8.50 15.19 -0.47
C TYR A 147 -7.94 14.05 -1.30
N PHE A 148 -6.80 14.28 -1.93
CA PHE A 148 -6.08 13.24 -2.63
C PHE A 148 -4.97 12.74 -1.72
N PRO A 149 -5.07 11.55 -1.15
CA PRO A 149 -4.02 11.06 -0.26
C PRO A 149 -2.80 10.63 -1.05
N ALA A 150 -1.70 10.44 -0.33
CA ALA A 150 -0.48 9.94 -0.96
C ALA A 150 -0.58 8.45 -1.27
N PHE A 151 -1.50 7.74 -0.63
CA PHE A 151 -1.66 6.30 -0.77
C PHE A 151 -2.85 5.93 -1.64
N ARG A 152 -3.25 6.82 -2.54
CA ARG A 152 -4.48 6.62 -3.30
C ARG A 152 -4.37 5.53 -4.34
N THR A 153 -3.14 5.24 -4.82
CA THR A 153 -2.96 4.30 -5.91
C THR A 153 -3.27 2.86 -5.47
N MET A 154 -2.84 2.48 -4.27
CA MET A 154 -3.22 1.18 -3.73
C MET A 154 -4.65 1.19 -3.19
N LEU A 155 -5.12 2.36 -2.74
CA LEU A 155 -6.47 2.45 -2.18
C LEU A 155 -7.53 2.22 -3.24
N GLU A 156 -7.35 2.76 -4.44
CA GLU A 156 -8.36 2.54 -5.48
C GLU A 156 -8.27 1.12 -6.04
N ALA A 157 -7.10 0.49 -5.99
CA ALA A 157 -6.99 -0.92 -6.32
C ALA A 157 -7.74 -1.77 -5.31
N TRP A 158 -7.63 -1.44 -4.02
CA TRP A 158 -8.40 -2.14 -2.99
C TRP A 158 -9.89 -1.90 -3.15
N SER A 159 -10.29 -0.70 -3.55
CA SER A 159 -11.70 -0.41 -3.76
C SER A 159 -12.26 -1.17 -4.96
N SER A 160 -11.48 -1.30 -6.03
CA SER A 160 -11.91 -2.06 -7.20
C SER A 160 -11.75 -3.56 -7.01
N SER A 161 -11.06 -4.00 -5.96
CA SER A 161 -10.92 -5.42 -5.68
C SER A 161 -11.99 -5.97 -4.74
N SER A 162 -12.94 -5.16 -4.31
CA SER A 162 -13.99 -5.65 -3.41
C SER A 162 -15.38 -5.42 -4.01
N ARG A 172 -17.07 3.79 -4.31
CA ARG A 172 -16.48 4.95 -3.66
C ARG A 172 -16.63 6.19 -4.53
N SER A 173 -16.95 7.32 -3.90
CA SER A 173 -17.16 8.56 -4.62
C SER A 173 -16.86 9.72 -3.68
N SER A 174 -17.19 10.94 -4.12
CA SER A 174 -16.97 12.11 -3.28
C SER A 174 -17.98 12.21 -2.15
N PHE A 175 -19.11 11.52 -2.24
CA PHE A 175 -20.16 11.61 -1.25
C PHE A 175 -20.45 10.32 -0.52
N TYR A 176 -20.26 9.16 -1.14
CA TYR A 176 -20.45 7.87 -0.49
C TYR A 176 -19.11 7.15 -0.50
N ASN A 177 -18.31 7.40 0.54
CA ASN A 177 -16.97 6.86 0.66
C ASN A 177 -16.71 6.40 2.08
N ARG A 178 -17.72 5.79 2.71
CA ARG A 178 -17.61 5.47 4.13
C ARG A 178 -16.68 4.28 4.37
N LYS A 179 -16.75 3.26 3.49
CA LYS A 179 -15.94 2.07 3.68
C LYS A 179 -14.46 2.35 3.45
N ALA A 180 -14.15 3.12 2.40
CA ALA A 180 -12.75 3.43 2.09
C ALA A 180 -12.14 4.36 3.13
N SER A 181 -12.90 5.35 3.58
CA SER A 181 -12.42 6.24 4.63
C SER A 181 -12.23 5.49 5.95
N ALA A 182 -13.14 4.55 6.25
CA ALA A 182 -13.00 3.75 7.46
C ALA A 182 -11.77 2.84 7.40
N PHE A 183 -11.52 2.24 6.23
CA PHE A 183 -10.35 1.38 6.07
C PHE A 183 -9.05 2.18 6.14
N ALA A 184 -9.04 3.37 5.51
CA ALA A 184 -7.85 4.20 5.54
C ALA A 184 -7.58 4.78 6.93
N ARG A 185 -8.64 5.08 7.69
CA ARG A 185 -8.46 5.50 9.06
C ARG A 185 -8.03 4.35 9.96
N GLU A 186 -8.45 3.12 9.62
CA GLU A 186 -7.97 1.95 10.34
C GLU A 186 -6.47 1.76 10.11
N LEU A 187 -6.00 1.97 8.88
CA LEU A 187 -4.59 1.76 8.60
C LEU A 187 -3.73 2.91 9.12
N PHE A 188 -4.16 4.16 8.95
CA PHE A 188 -3.30 5.32 9.17
C PHE A 188 -3.76 6.19 10.34
N GLY A 189 -4.55 5.66 11.25
CA GLY A 189 -4.99 6.44 12.40
C GLY A 189 -6.25 7.23 12.10
N GLN A 190 -6.95 7.60 13.17
CA GLN A 190 -8.30 8.15 13.05
C GLN A 190 -8.31 9.65 12.77
N PHE A 191 -7.15 10.31 12.71
CA PHE A 191 -7.12 11.70 12.35
C PHE A 191 -7.20 11.94 10.84
N LEU A 192 -7.01 10.88 10.06
CA LEU A 192 -6.97 11.00 8.60
C LEU A 192 -8.35 11.41 8.08
N PRO A 193 -8.44 12.39 7.19
CA PRO A 193 -9.74 12.88 6.74
C PRO A 193 -10.45 11.87 5.84
N SER A 194 -11.71 12.18 5.56
CA SER A 194 -12.49 11.35 4.66
C SER A 194 -11.96 11.48 3.23
N ILE A 195 -12.05 10.39 2.49
CA ILE A 195 -11.48 10.31 1.15
C ILE A 195 -12.48 10.87 0.15
N ASN A 196 -12.39 12.17 -0.13
CA ASN A 196 -13.38 12.88 -0.92
C ASN A 196 -13.03 12.98 -2.39
N TYR A 197 -11.89 12.46 -2.83
CA TYR A 197 -11.46 12.72 -4.20
C TYR A 197 -12.30 11.89 -5.17
N PRO A 198 -12.64 12.43 -6.33
CA PRO A 198 -13.57 11.75 -7.24
C PRO A 198 -12.96 10.52 -7.89
N SER A 199 -13.68 9.42 -7.81
CA SER A 199 -13.32 8.20 -8.51
C SER A 199 -13.63 8.36 -10.00
N PRO A 200 -12.94 7.61 -10.89
CA PRO A 200 -13.27 7.69 -12.32
C PRO A 200 -14.67 7.23 -12.69
N MET A 201 -15.31 6.39 -11.87
CA MET A 201 -16.72 6.07 -12.08
C MET A 201 -17.59 7.30 -11.89
N GLU A 202 -17.29 8.11 -10.87
CA GLU A 202 -18.00 9.35 -10.64
C GLU A 202 -17.77 10.32 -11.79
N ILE A 203 -16.56 10.34 -12.34
CA ILE A 203 -16.24 11.19 -13.49
C ILE A 203 -17.04 10.76 -14.71
N GLU A 204 -17.15 9.44 -14.94
CA GLU A 204 -17.93 8.95 -16.08
C GLU A 204 -19.41 9.27 -15.93
N ASP A 205 -19.95 9.11 -14.73
CA ASP A 205 -21.36 9.43 -14.48
C ASP A 205 -21.63 10.92 -14.65
N ARG A 206 -20.72 11.77 -14.17
CA ARG A 206 -20.91 13.21 -14.31
C ARG A 206 -20.79 13.65 -15.76
N LEU A 207 -19.89 13.01 -16.52
CA LEU A 207 -19.78 13.31 -17.94
C LEU A 207 -21.04 12.93 -18.70
N ARG A 208 -21.62 11.76 -18.37
CA ARG A 208 -22.88 11.35 -19.00
C ARG A 208 -24.02 12.28 -18.65
N GLU A 209 -24.11 12.71 -17.37
CA GLU A 209 -25.17 13.63 -16.97
C GLU A 209 -25.02 14.99 -17.63
N GLU A 210 -23.79 15.49 -17.75
CA GLU A 210 -23.57 16.78 -18.41
C GLU A 210 -23.88 16.71 -19.90
N ILE A 211 -23.57 15.58 -20.54
CA ILE A 211 -23.90 15.40 -21.95
C ILE A 211 -25.41 15.34 -22.14
N ARG A 212 -26.12 14.65 -21.25
CA ARG A 212 -27.58 14.57 -21.34
C ARG A 212 -28.22 15.95 -21.12
N ARG A 213 -27.72 16.71 -20.15
CA ARG A 213 -28.23 18.06 -19.92
C ARG A 213 -27.94 18.98 -21.10
N ALA A 214 -26.77 18.84 -21.72
CA ALA A 214 -26.44 19.67 -22.88
C ALA A 214 -27.32 19.32 -24.08
N GLN A 215 -27.63 18.02 -24.25
CA GLN A 215 -28.53 17.61 -25.33
C GLN A 215 -29.94 18.15 -25.12
N LEU A 216 -30.43 18.11 -23.88
CA LEU A 216 -31.77 18.62 -23.60
C LEU A 216 -31.83 20.14 -23.77
N GLY A 217 -30.77 20.84 -23.37
CA GLY A 217 -30.71 22.28 -23.61
C GLY A 217 -30.65 22.62 -25.09
N ILE A 218 -29.94 21.80 -25.87
CA ILE A 218 -29.88 21.99 -27.32
C ILE A 218 -31.25 21.79 -27.94
N ALA A 219 -32.00 20.79 -27.47
CA ALA A 219 -33.36 20.55 -27.97
C ALA A 219 -34.30 21.70 -27.65
N ALA A 220 -34.23 22.23 -26.42
CA ALA A 220 -35.05 23.38 -26.04
C ALA A 220 -34.68 24.61 -26.87
N TYR A 221 -33.39 24.81 -27.13
CA TYR A 221 -32.96 25.89 -28.01
C TYR A 221 -33.44 25.69 -29.44
N GLU A 222 -33.50 24.44 -29.91
CA GLU A 222 -34.01 24.17 -31.25
C GLU A 222 -35.48 24.52 -31.36
N SER A 223 -36.28 24.16 -30.34
CA SER A 223 -37.70 24.49 -30.36
C SER A 223 -37.93 25.99 -30.32
N ARG A 224 -37.23 26.70 -29.44
CA ARG A 224 -37.37 28.15 -29.34
C ARG A 224 -36.91 28.86 -30.61
N THR A 225 -35.78 28.43 -31.18
CA THR A 225 -35.26 29.05 -32.39
C THR A 225 -36.15 28.73 -33.58
N PHE A 226 -36.76 27.55 -33.62
CA PHE A 226 -37.70 27.21 -34.70
C PHE A 226 -38.92 28.10 -34.66
N SER A 227 -39.51 28.29 -33.47
CA SER A 227 -40.68 29.15 -33.34
C SER A 227 -40.35 30.61 -33.66
N GLU A 228 -39.24 31.12 -33.13
CA GLU A 228 -38.86 32.51 -33.38
C GLU A 228 -38.48 32.74 -34.84
N SER A 229 -37.83 31.75 -35.47
CA SER A 229 -37.44 31.89 -36.87
C SER A 229 -38.64 31.84 -37.79
N PHE A 230 -39.64 31.00 -37.48
CA PHE A 230 -40.86 30.98 -38.27
C PHE A 230 -41.63 32.29 -38.14
N VAL A 231 -41.68 32.84 -36.92
CA VAL A 231 -42.33 34.13 -36.70
C VAL A 231 -41.61 35.23 -37.47
N LYS A 232 -40.26 35.23 -37.45
CA LYS A 232 -39.49 36.24 -38.15
C LYS A 232 -39.63 36.13 -39.66
N VAL A 233 -39.67 34.90 -40.18
CA VAL A 233 -39.86 34.68 -41.63
C VAL A 233 -41.24 35.16 -42.06
N PHE A 234 -42.28 34.79 -41.32
CA PHE A 234 -43.64 35.13 -41.70
C PHE A 234 -43.90 36.64 -41.53
N SER A 235 -43.18 37.28 -40.61
CA SER A 235 -43.32 38.72 -40.44
C SER A 235 -42.55 39.49 -41.50
N ALA A 236 -41.33 39.06 -41.80
CA ALA A 236 -40.48 39.80 -42.72
C ALA A 236 -40.80 39.49 -44.17
N LEU A 237 -41.63 38.47 -44.41
CA LEU A 237 -42.04 38.14 -45.77
C LEU A 237 -42.92 39.23 -46.37
N PHE A 238 -43.77 39.84 -45.55
CA PHE A 238 -44.64 40.91 -46.02
C PHE A 238 -44.89 41.93 -44.91
N THR A 248 -26.59 37.87 -52.48
CA THR A 248 -27.05 36.54 -52.10
C THR A 248 -26.05 35.47 -52.51
N GLY A 249 -25.04 35.87 -53.29
CA GLY A 249 -24.00 34.94 -53.69
C GLY A 249 -23.13 34.50 -52.53
N GLU A 250 -22.80 35.43 -51.63
CA GLU A 250 -21.98 35.09 -50.47
C GLU A 250 -22.77 34.29 -49.45
N LEU A 251 -24.09 34.52 -49.38
CA LEU A 251 -24.94 33.86 -48.38
C LEU A 251 -25.01 32.36 -48.61
N LEU A 252 -25.12 31.93 -49.86
CA LEU A 252 -25.20 30.51 -50.17
C LEU A 252 -23.89 29.79 -49.85
N LYS A 253 -22.76 30.45 -50.13
CA LYS A 253 -21.46 29.86 -49.81
C LYS A 253 -21.24 29.79 -48.30
N GLU A 254 -21.68 30.83 -47.57
CA GLU A 254 -21.53 30.81 -46.11
C GLU A 254 -22.43 29.76 -45.47
N ILE A 255 -23.65 29.61 -45.98
CA ILE A 255 -24.56 28.56 -45.49
C ILE A 255 -24.03 27.18 -45.84
N GLU A 256 -23.38 27.04 -47.00
CA GLU A 256 -22.72 25.80 -47.37
C GLU A 256 -21.59 25.45 -46.40
N GLY A 257 -20.78 26.45 -46.05
CA GLY A 257 -19.71 26.22 -45.09
C GLY A 257 -20.22 25.88 -43.69
N LEU A 258 -21.30 26.54 -43.28
CA LEU A 258 -21.91 26.24 -41.98
C LEU A 258 -22.50 24.84 -41.94
N ALA A 259 -23.16 24.41 -43.03
CA ALA A 259 -23.73 23.07 -43.06
C ALA A 259 -22.65 22.00 -43.15
N ILE A 260 -21.55 22.29 -43.86
CA ILE A 260 -20.42 21.36 -43.90
C ILE A 260 -19.78 21.22 -42.52
N ALA A 261 -19.60 22.34 -41.82
CA ALA A 261 -19.06 22.29 -40.46
C ALA A 261 -20.04 21.62 -39.49
N GLN A 262 -21.34 21.74 -39.73
CA GLN A 262 -22.32 21.06 -38.89
C GLN A 262 -22.31 19.56 -39.10
N ASP A 263 -22.14 19.12 -40.36
CA ASP A 263 -22.13 17.68 -40.62
C ASP A 263 -20.81 17.04 -40.19
N SER A 264 -19.76 17.84 -40.01
CA SER A 264 -18.44 17.34 -39.65
C SER A 264 -18.15 17.47 -38.16
N SER A 265 -19.17 17.30 -37.32
CA SER A 265 -19.01 17.39 -35.87
C SER A 265 -19.54 16.13 -35.22
N ILE A 266 -18.94 15.77 -34.09
CA ILE A 266 -19.36 14.58 -33.36
C ILE A 266 -20.67 14.84 -32.64
N LYS A 267 -20.98 16.10 -32.35
CA LYS A 267 -22.18 16.46 -31.60
C LYS A 267 -23.47 16.24 -32.40
N ASN A 268 -23.36 16.10 -33.72
CA ASN A 268 -24.51 15.90 -34.60
C ASN A 268 -24.71 14.44 -34.94
N GLY A 269 -24.48 13.54 -33.99
CA GLY A 269 -24.60 12.11 -34.27
C GLY A 269 -26.03 11.65 -34.49
N TYR A 270 -27.00 12.37 -33.93
CA TYR A 270 -28.40 11.99 -34.12
C TYR A 270 -28.99 12.53 -35.41
N TYR A 271 -28.33 13.49 -36.05
CA TYR A 271 -28.80 14.05 -37.32
C TYR A 271 -27.62 14.66 -38.05
N ALA A 272 -27.30 14.14 -39.23
CA ALA A 272 -26.18 14.62 -40.04
C ALA A 272 -26.61 14.81 -41.48
N GLU A 273 -27.74 15.50 -41.67
CA GLU A 273 -28.32 15.69 -43.00
C GLU A 273 -28.50 17.17 -43.31
N TYR A 274 -27.53 18.00 -42.91
CA TYR A 274 -27.61 19.44 -43.18
C TYR A 274 -27.28 19.75 -44.63
N SER A 275 -26.31 19.03 -45.20
CA SER A 275 -25.90 19.30 -46.58
C SER A 275 -26.98 18.92 -47.58
N LYS A 276 -27.75 17.88 -47.31
CA LYS A 276 -28.86 17.51 -48.19
C LYS A 276 -29.95 18.57 -48.20
N VAL A 277 -30.27 19.11 -47.02
CA VAL A 277 -31.26 20.19 -46.92
C VAL A 277 -30.76 21.45 -47.61
N TYR A 278 -29.46 21.74 -47.47
CA TYR A 278 -28.86 22.88 -48.17
C TYR A 278 -28.92 22.70 -49.68
N GLU A 279 -28.65 21.48 -50.17
CA GLU A 279 -28.70 21.22 -51.60
C GLU A 279 -30.12 21.32 -52.14
N GLU A 280 -31.11 20.87 -51.36
CA GLU A 280 -32.50 20.99 -51.77
C GLU A 280 -32.93 22.46 -51.84
N ILE A 281 -32.52 23.27 -50.85
CA ILE A 281 -32.85 24.68 -50.84
C ILE A 281 -32.15 25.41 -51.99
N ARG A 282 -30.90 25.06 -52.27
CA ARG A 282 -30.17 25.67 -53.37
C ARG A 282 -30.76 25.29 -54.72
N SER A 283 -31.22 24.04 -54.87
CA SER A 283 -31.86 23.62 -56.10
C SER A 283 -33.21 24.31 -56.29
N LEU A 284 -33.94 24.56 -55.21
CA LEU A 284 -35.19 25.32 -55.32
C LEU A 284 -34.92 26.77 -55.66
N ILE A 285 -33.82 27.33 -55.15
CA ILE A 285 -33.48 28.73 -55.42
C ILE A 285 -33.03 28.91 -56.86
N ASN A 286 -32.17 28.00 -57.36
CA ASN A 286 -31.48 28.18 -58.63
C ASN A 286 -32.40 28.16 -59.84
N ARG A 287 -33.58 27.54 -59.73
CA ARG A 287 -34.49 27.48 -60.86
C ARG A 287 -35.22 28.79 -61.11
N ASN A 288 -35.20 29.71 -60.16
CA ASN A 288 -35.87 31.00 -60.33
C ASN A 288 -35.18 32.09 -59.50
N ASN A 295 -34.04 40.43 -52.44
CA ASN A 295 -35.49 40.56 -52.51
C ASN A 295 -36.14 39.93 -51.27
N SER A 296 -37.27 39.25 -51.49
CA SER A 296 -37.96 38.59 -50.38
C SER A 296 -37.20 37.34 -49.92
N VAL A 297 -36.47 36.69 -50.83
CA VAL A 297 -35.73 35.50 -50.46
C VAL A 297 -34.45 35.82 -49.69
N SER A 298 -33.94 37.05 -49.81
CA SER A 298 -32.72 37.44 -49.13
C SER A 298 -32.89 37.46 -47.61
N GLY A 299 -34.07 37.91 -47.14
CA GLY A 299 -34.34 37.88 -45.71
C GLY A 299 -34.43 36.48 -45.17
N ALA A 300 -35.05 35.56 -45.92
CA ALA A 300 -35.10 34.15 -45.53
C ALA A 300 -33.70 33.54 -45.51
N LEU A 301 -32.85 33.92 -46.48
CA LEU A 301 -31.48 33.42 -46.50
C LEU A 301 -30.67 33.92 -45.32
N VAL A 302 -30.81 35.20 -44.97
CA VAL A 302 -30.01 35.70 -43.85
C VAL A 302 -30.53 35.19 -42.51
N VAL A 303 -31.84 34.95 -42.36
CA VAL A 303 -32.27 34.37 -41.10
C VAL A 303 -31.97 32.88 -41.04
N TYR A 304 -31.85 32.19 -42.19
CA TYR A 304 -31.38 30.81 -42.19
C TYR A 304 -29.91 30.74 -41.78
N ARG A 305 -29.10 31.68 -42.29
CA ARG A 305 -27.70 31.76 -41.87
C ARG A 305 -27.58 32.08 -40.38
N ASP A 306 -28.43 32.98 -39.88
CA ASP A 306 -28.40 33.34 -38.47
C ASP A 306 -28.87 32.18 -37.59
N ALA A 307 -29.84 31.39 -38.07
CA ALA A 307 -30.28 30.22 -37.32
C ALA A 307 -29.19 29.16 -37.25
N LEU A 308 -28.48 28.94 -38.36
CA LEU A 308 -27.37 27.99 -38.35
C LEU A 308 -26.23 28.46 -37.45
N ARG A 309 -25.92 29.77 -37.49
CA ARG A 309 -24.90 30.33 -36.60
C ARG A 309 -25.30 30.21 -35.13
N ASP A 310 -26.58 30.45 -34.82
CA ASP A 310 -27.04 30.36 -33.45
C ASP A 310 -27.03 28.92 -32.95
N ARG A 311 -27.39 27.97 -33.80
CA ARG A 311 -27.33 26.57 -33.39
C ARG A 311 -25.90 26.11 -33.18
N GLN A 312 -24.98 26.53 -34.05
CA GLN A 312 -23.57 26.18 -33.88
C GLN A 312 -22.99 26.79 -32.62
N ASP A 313 -23.32 28.06 -32.33
CA ASP A 313 -22.80 28.70 -31.14
C ASP A 313 -23.41 28.13 -29.86
N TYR A 314 -24.67 27.72 -29.89
CA TYR A 314 -25.25 27.07 -28.73
C TYR A 314 -24.67 25.67 -28.53
N GLN A 315 -24.31 24.98 -29.62
CA GLN A 315 -23.61 23.71 -29.47
C GLN A 315 -22.22 23.89 -28.87
N GLU A 316 -21.53 24.97 -29.25
CA GLU A 316 -20.24 25.26 -28.63
C GLU A 316 -20.38 25.64 -27.17
N LYS A 317 -21.43 26.39 -26.83
CA LYS A 317 -21.60 26.84 -25.45
C LYS A 317 -22.04 25.71 -24.54
N ALA A 318 -22.97 24.86 -24.99
CA ALA A 318 -23.53 23.84 -24.12
C ALA A 318 -22.55 22.70 -23.87
N PHE A 319 -21.57 22.52 -24.75
CA PHE A 319 -20.54 21.50 -24.61
C PHE A 319 -19.18 22.10 -24.27
N SER A 320 -19.16 23.30 -23.67
CA SER A 320 -17.90 24.00 -23.47
C SER A 320 -17.06 23.36 -22.37
N GLU A 321 -17.69 23.03 -21.24
CA GLU A 321 -16.94 22.50 -20.10
C GLU A 321 -16.48 21.07 -20.36
N ILE A 322 -17.34 20.27 -21.01
CA ILE A 322 -16.99 18.89 -21.33
C ILE A 322 -15.84 18.84 -22.33
N ASP A 323 -15.90 19.68 -23.37
CA ASP A 323 -14.82 19.71 -24.34
C ASP A 323 -13.54 20.29 -23.75
N ASN A 324 -13.65 21.23 -22.82
CA ASN A 324 -12.45 21.78 -22.18
C ASN A 324 -11.77 20.75 -21.29
N TYR A 325 -12.56 20.01 -20.51
CA TYR A 325 -12.00 18.95 -19.67
C TYR A 325 -11.40 17.82 -20.50
N MET A 326 -12.10 17.42 -21.57
CA MET A 326 -11.58 16.35 -22.41
C MET A 326 -10.38 16.81 -23.22
N SER A 327 -10.28 18.10 -23.54
CA SER A 327 -9.09 18.60 -24.20
C SER A 327 -7.91 18.66 -23.25
N SER A 328 -8.16 18.95 -21.97
CA SER A 328 -7.09 18.88 -20.98
C SER A 328 -6.61 17.45 -20.77
N VAL A 329 -7.51 16.49 -20.73
CA VAL A 329 -7.11 15.09 -20.55
C VAL A 329 -6.41 14.56 -21.79
N ASN A 330 -6.94 14.84 -22.98
CA ASN A 330 -6.37 14.32 -24.22
C ASN A 330 -5.05 15.00 -24.59
N SER A 331 -4.65 16.06 -23.90
CA SER A 331 -3.31 16.61 -24.05
C SER A 331 -2.24 15.73 -23.45
N PHE A 332 -2.61 14.76 -22.62
CA PHE A 332 -1.67 13.85 -21.97
C PHE A 332 -1.63 12.47 -22.62
N LEU A 333 -2.79 11.93 -22.98
CA LEU A 333 -2.86 10.57 -23.53
C LEU A 333 -2.21 10.52 -24.90
N GLU A 334 -1.44 9.46 -25.14
CA GLU A 334 -0.61 9.37 -26.33
C GLU A 334 -1.32 8.64 -27.47
N ASP A 335 -1.70 7.37 -27.23
CA ASP A 335 -2.22 6.52 -28.28
C ASP A 335 -3.73 6.34 -28.20
N LYS A 336 -4.42 7.21 -27.47
CA LYS A 336 -5.86 7.13 -27.32
C LYS A 336 -6.38 8.51 -26.95
N GLU A 337 -7.70 8.68 -27.02
CA GLU A 337 -8.29 9.93 -26.58
C GLU A 337 -9.66 9.67 -25.98
N MET A 338 -9.97 10.38 -24.91
CA MET A 338 -11.28 10.26 -24.30
C MET A 338 -12.29 11.04 -25.12
N ALA A 339 -13.42 10.41 -25.45
CA ALA A 339 -14.39 11.02 -26.34
C ALA A 339 -15.77 10.41 -26.11
N TYR A 340 -16.78 11.07 -26.64
CA TYR A 340 -18.16 10.64 -26.61
C TYR A 340 -18.69 10.45 -28.02
N ASP A 341 -19.70 9.59 -28.13
CA ASP A 341 -20.29 9.23 -29.42
C ASP A 341 -21.80 9.06 -29.27
N PHE A 342 -22.53 9.58 -30.24
CA PHE A 342 -23.98 9.46 -30.31
C PHE A 342 -24.35 8.63 -31.53
N ASP A 343 -25.11 7.57 -31.32
CA ASP A 343 -25.66 6.77 -32.41
C ASP A 343 -27.17 6.75 -32.30
N LEU A 344 -27.84 6.73 -33.45
CA LEU A 344 -29.30 6.77 -33.49
C LEU A 344 -29.93 5.45 -33.08
N ARG A 345 -29.23 4.33 -33.32
CA ARG A 345 -29.79 3.01 -33.04
C ARG A 345 -29.97 2.80 -31.54
N ARG A 346 -28.93 3.06 -30.76
CA ARG A 346 -29.08 3.15 -29.32
C ARG A 346 -29.60 4.53 -28.95
N LYS A 347 -29.85 4.72 -27.66
CA LYS A 347 -30.20 6.03 -27.12
C LYS A 347 -29.31 6.39 -25.93
N TYR A 348 -28.12 5.82 -25.87
CA TYR A 348 -27.19 6.03 -24.76
C TYR A 348 -25.92 6.68 -25.32
N PRO A 349 -25.58 7.91 -24.91
CA PRO A 349 -24.33 8.52 -25.38
C PRO A 349 -23.14 7.81 -24.76
N LYS A 350 -22.27 7.28 -25.61
CA LYS A 350 -21.15 6.46 -25.15
C LYS A 350 -19.97 7.37 -24.82
N VAL A 351 -19.46 7.25 -23.60
CA VAL A 351 -18.32 8.03 -23.14
C VAL A 351 -17.20 7.06 -22.78
N GLY A 352 -16.02 7.26 -23.35
CA GLY A 352 -14.92 6.38 -23.04
C GLY A 352 -13.73 6.65 -23.92
N LEU A 353 -12.77 5.74 -23.84
CA LEU A 353 -11.55 5.85 -24.63
C LEU A 353 -11.81 5.44 -26.07
N LYS A 354 -11.14 6.13 -26.99
CA LYS A 354 -11.23 5.86 -28.42
C LYS A 354 -9.82 5.76 -28.97
N PHE A 355 -9.56 4.70 -29.70
CA PHE A 355 -8.28 4.37 -30.31
C PHE A 355 -8.29 4.74 -31.79
N PRO A 356 -7.12 4.99 -32.38
CA PRO A 356 -7.10 5.37 -33.81
C PRO A 356 -7.53 4.26 -34.77
N ASP A 357 -7.56 3.00 -34.33
CA ASP A 357 -8.05 1.92 -35.16
C ASP A 357 -9.55 1.71 -35.04
N GLY A 358 -10.27 2.64 -34.41
CA GLY A 358 -11.71 2.58 -34.32
C GLY A 358 -12.27 1.84 -33.14
N SER A 359 -11.42 1.19 -32.33
CA SER A 359 -11.89 0.46 -31.18
C SER A 359 -12.34 1.41 -30.08
N TRP A 360 -13.25 0.93 -29.24
CA TRP A 360 -13.75 1.69 -28.09
C TRP A 360 -13.51 0.89 -26.83
N SER A 361 -12.98 1.56 -25.81
CA SER A 361 -12.74 0.95 -24.51
C SER A 361 -13.25 1.90 -23.43
N PRO A 362 -13.70 1.36 -22.29
CA PRO A 362 -14.16 2.23 -21.20
C PRO A 362 -13.02 2.94 -20.50
N ILE A 363 -13.35 3.82 -19.55
CA ILE A 363 -12.31 4.58 -18.85
C ILE A 363 -11.68 3.80 -17.71
N ARG A 364 -12.04 2.53 -17.53
CA ARG A 364 -11.40 1.70 -16.53
C ARG A 364 -10.22 0.90 -17.09
N VAL A 365 -9.88 1.09 -18.36
CA VAL A 365 -8.76 0.37 -18.96
C VAL A 365 -7.56 1.31 -18.98
N LEU A 366 -7.68 2.45 -18.31
CA LEU A 366 -6.53 3.32 -18.13
C LEU A 366 -5.56 2.71 -17.12
N SER A 367 -4.31 3.16 -17.19
CA SER A 367 -3.29 2.73 -16.24
C SER A 367 -3.47 3.48 -14.93
N SER A 368 -2.54 3.31 -14.01
CA SER A 368 -2.65 4.03 -12.73
C SER A 368 -2.32 5.51 -12.88
N GLY A 369 -1.27 5.82 -13.65
CA GLY A 369 -0.88 7.21 -13.83
C GLY A 369 -1.89 8.02 -14.62
N GLU A 370 -2.47 7.41 -15.67
CA GLU A 370 -3.51 8.09 -16.44
C GLU A 370 -4.77 8.26 -15.62
N ARG A 371 -5.09 7.32 -14.73
CA ARG A 371 -6.21 7.49 -13.82
C ARG A 371 -5.95 8.63 -12.84
N GLN A 372 -4.70 8.76 -12.38
CA GLN A 372 -4.35 9.88 -11.50
C GLN A 372 -4.50 11.21 -12.22
N LEU A 373 -4.10 11.26 -13.49
CA LEU A 373 -4.29 12.47 -14.29
C LEU A 373 -5.77 12.79 -14.48
N LEU A 374 -6.57 11.75 -14.74
CA LEU A 374 -8.01 11.93 -14.94
C LEU A 374 -8.68 12.52 -13.70
N THR A 375 -8.36 11.96 -12.52
CA THR A 375 -8.99 12.45 -11.30
C THR A 375 -8.46 13.83 -10.89
N MET A 376 -7.15 14.06 -11.01
CA MET A 376 -6.59 15.34 -10.63
C MET A 376 -6.94 16.45 -11.61
N LEU A 377 -7.35 16.11 -12.83
CA LEU A 377 -7.82 17.15 -13.74
C LEU A 377 -9.33 17.33 -13.66
N TYR A 378 -10.09 16.31 -13.26
CA TYR A 378 -11.51 16.52 -13.04
C TYR A 378 -11.76 17.32 -11.76
N ALA A 379 -10.90 17.15 -10.75
CA ALA A 379 -11.10 17.89 -9.50
C ALA A 379 -10.84 19.38 -9.67
N ALA A 380 -10.01 19.77 -10.63
CA ALA A 380 -9.73 21.16 -10.91
C ALA A 380 -10.58 21.72 -12.04
N SER A 381 -11.55 20.95 -12.54
CA SER A 381 -12.38 21.37 -13.66
C SER A 381 -13.59 22.13 -13.17
N LYS A 382 -14.32 22.71 -14.11
CA LYS A 382 -15.58 23.39 -13.79
C LYS A 382 -16.69 22.41 -13.49
N MET A 383 -16.58 21.17 -13.96
CA MET A 383 -17.62 20.18 -13.73
C MET A 383 -17.59 19.67 -12.29
N GLY A 384 -16.44 19.77 -11.63
CA GLY A 384 -16.34 19.33 -10.26
C GLY A 384 -17.07 20.24 -9.30
N ASP A 385 -17.26 19.74 -8.08
CA ASP A 385 -17.96 20.51 -7.07
C ASP A 385 -17.09 21.67 -6.58
N ASP A 386 -17.75 22.68 -6.03
CA ASP A 386 -17.06 23.82 -5.43
C ASP A 386 -16.28 23.35 -4.22
N ALA A 387 -14.95 23.35 -4.32
CA ALA A 387 -14.13 22.71 -3.31
C ALA A 387 -12.77 23.38 -3.27
N ILE A 388 -11.94 22.91 -2.34
CA ILE A 388 -10.54 23.26 -2.25
C ILE A 388 -9.75 21.99 -2.50
N VAL A 389 -8.94 21.99 -3.54
CA VAL A 389 -8.32 20.75 -4.02
C VAL A 389 -7.01 20.55 -3.26
N LEU A 390 -6.99 19.60 -2.33
CA LEU A 390 -5.81 19.28 -1.54
C LEU A 390 -5.22 17.99 -2.07
N ILE A 391 -4.05 18.08 -2.68
CA ILE A 391 -3.38 16.91 -3.26
C ILE A 391 -2.07 16.69 -2.52
N ASP A 392 -1.88 15.49 -2.01
CA ASP A 392 -0.67 15.09 -1.32
C ASP A 392 0.13 14.18 -2.24
N GLN A 393 1.36 14.59 -2.55
CA GLN A 393 2.26 13.97 -3.52
C GLN A 393 1.59 13.79 -4.88
N PRO A 394 1.43 14.85 -5.67
CA PRO A 394 0.82 14.69 -7.00
C PRO A 394 1.71 13.98 -8.01
N GLU A 395 2.98 13.74 -7.71
CA GLU A 395 3.91 13.11 -8.62
C GLU A 395 3.87 11.59 -8.55
N ILE A 396 2.88 11.02 -7.87
CA ILE A 396 2.82 9.57 -7.68
C ILE A 396 2.43 8.92 -9.01
N SER A 397 3.28 8.00 -9.49
CA SER A 397 3.09 7.22 -10.71
C SER A 397 2.95 8.10 -11.95
N LEU A 398 3.69 9.20 -11.98
CA LEU A 398 3.67 10.09 -13.13
C LEU A 398 5.08 10.21 -13.71
N HIS A 399 5.17 10.11 -15.03
CA HIS A 399 6.43 10.33 -15.72
C HIS A 399 6.82 11.80 -15.64
N ILE A 400 8.11 12.08 -15.87
CA ILE A 400 8.64 13.42 -15.75
C ILE A 400 8.09 14.35 -16.83
N ASP A 401 7.57 13.80 -17.93
CA ASP A 401 6.96 14.64 -18.95
C ASP A 401 5.54 15.07 -18.57
N TRP A 402 4.86 14.29 -17.75
CA TRP A 402 3.51 14.64 -17.32
C TRP A 402 3.53 15.58 -16.12
N GLN A 403 4.57 15.51 -15.29
CA GLN A 403 4.69 16.40 -14.15
C GLN A 403 4.91 17.85 -14.57
N GLU A 404 5.57 18.05 -15.71
CA GLU A 404 5.81 19.40 -16.19
C GLU A 404 4.56 20.08 -16.73
N ASP A 405 3.52 19.31 -17.05
CA ASP A 405 2.30 19.87 -17.60
C ASP A 405 1.07 19.70 -16.71
N LEU A 406 1.18 18.97 -15.59
CA LEU A 406 0.03 18.71 -14.74
C LEU A 406 -0.55 19.98 -14.14
N LEU A 407 0.29 20.82 -13.53
CA LEU A 407 -0.23 22.04 -12.90
C LEU A 407 -0.69 23.06 -13.94
N LYS A 408 -0.04 23.10 -15.11
CA LYS A 408 -0.49 23.99 -16.18
C LYS A 408 -1.85 23.58 -16.70
N ARG A 409 -2.07 22.28 -16.91
CA ARG A 409 -3.37 21.81 -17.39
C ARG A 409 -4.43 21.89 -16.31
N MET A 410 -4.06 21.86 -15.03
CA MET A 410 -5.06 22.08 -13.99
C MET A 410 -5.45 23.55 -13.90
N LEU A 411 -4.47 24.46 -14.03
CA LEU A 411 -4.79 25.88 -13.94
C LEU A 411 -5.39 26.44 -15.22
N SER A 412 -5.24 25.77 -16.36
CA SER A 412 -5.72 26.33 -17.61
C SER A 412 -7.22 26.17 -17.81
N GLN A 413 -7.90 25.45 -16.93
CA GLN A 413 -9.35 25.27 -17.07
C GLN A 413 -10.14 26.42 -16.48
N LEU A 414 -9.49 27.31 -15.72
CA LEU A 414 -10.06 28.54 -15.18
C LEU A 414 -11.29 28.29 -14.30
N SER A 415 -11.18 27.29 -13.43
CA SER A 415 -12.28 26.99 -12.53
C SER A 415 -12.41 28.01 -11.41
N GLY A 416 -11.31 28.65 -11.03
CA GLY A 416 -11.31 29.52 -9.87
C GLY A 416 -11.17 28.80 -8.56
N ARG A 417 -10.57 27.61 -8.54
CA ARG A 417 -10.39 26.83 -7.34
C ARG A 417 -9.21 27.33 -6.53
N GLN A 418 -8.95 26.65 -5.42
CA GLN A 418 -7.73 26.82 -4.65
C GLN A 418 -7.05 25.46 -4.55
N ILE A 419 -5.88 25.35 -5.17
CA ILE A 419 -5.15 24.09 -5.24
C ILE A 419 -3.99 24.16 -4.26
N ILE A 420 -3.90 23.15 -3.39
CA ILE A 420 -2.83 23.05 -2.41
C ILE A 420 -2.18 21.69 -2.60
N VAL A 421 -0.95 21.69 -3.10
CA VAL A 421 -0.23 20.46 -3.42
C VAL A 421 0.99 20.36 -2.52
N CYS A 422 1.23 19.18 -1.98
CA CYS A 422 2.41 18.92 -1.16
C CYS A 422 3.32 17.98 -1.92
N THR A 423 4.44 18.51 -2.42
CA THR A 423 5.27 17.77 -3.36
C THR A 423 6.73 17.78 -2.93
N HIS A 424 7.45 16.77 -3.42
CA HIS A 424 8.90 16.69 -3.31
C HIS A 424 9.58 16.81 -4.66
N SER A 425 8.83 17.04 -5.72
CA SER A 425 9.33 16.96 -7.08
C SER A 425 9.53 18.34 -7.67
N PRO A 426 10.73 18.67 -8.15
CA PRO A 426 10.91 19.96 -8.83
C PRO A 426 10.29 20.01 -10.21
N SER A 427 9.91 18.87 -10.79
CA SER A 427 9.22 18.87 -12.07
C SER A 427 7.75 19.18 -11.95
N ILE A 428 7.14 18.97 -10.78
CA ILE A 428 5.78 19.43 -10.56
C ILE A 428 5.76 20.94 -10.44
N ALA A 429 6.70 21.50 -9.69
CA ALA A 429 6.66 22.89 -9.26
C ALA A 429 7.32 23.84 -10.22
N THR A 430 7.75 23.38 -11.40
CA THR A 430 8.51 24.25 -12.29
C THR A 430 7.61 25.29 -12.94
N GLY A 431 8.12 26.52 -13.04
CA GLY A 431 7.37 27.62 -13.58
C GLY A 431 6.41 28.27 -12.62
N TYR A 432 6.31 27.78 -11.39
CA TYR A 432 5.40 28.30 -10.38
C TYR A 432 6.13 28.53 -9.08
N GLU A 433 7.29 29.19 -9.18
CA GLU A 433 8.10 29.49 -8.02
C GLU A 433 7.60 30.70 -7.24
N ASP A 434 6.65 31.46 -7.80
CA ASP A 434 5.99 32.51 -7.05
C ASP A 434 4.93 31.97 -6.11
N PHE A 435 4.42 30.77 -6.38
CA PHE A 435 3.39 30.15 -5.56
C PHE A 435 3.96 29.09 -4.64
N MET A 436 5.28 28.96 -4.56
CA MET A 436 5.88 27.91 -3.74
C MET A 436 6.00 28.35 -2.30
N ILE A 437 5.61 27.47 -1.38
CA ILE A 437 5.61 27.74 0.05
C ILE A 437 6.53 26.74 0.72
N ASN A 438 7.53 27.24 1.44
CA ASN A 438 8.43 26.39 2.20
C ASN A 438 7.87 26.16 3.59
N ILE A 439 8.09 24.96 4.12
CA ILE A 439 7.64 24.60 5.45
C ILE A 439 8.88 24.30 6.29
N SER A 440 9.01 25.00 7.42
CA SER A 440 10.09 24.77 8.37
C SER A 440 9.50 24.89 9.77
N PRO A 441 9.14 23.79 10.40
CA PRO A 441 8.59 23.86 11.76
C PRO A 441 9.66 24.21 12.77
N GLU A 442 9.21 24.80 13.87
CA GLU A 442 10.09 25.19 14.96
C GLU A 442 9.94 24.20 16.10
N PHE A 443 11.00 23.45 16.38
CA PHE A 443 10.98 22.48 17.46
C PHE A 443 11.07 23.19 18.81
N ILE A 444 10.18 22.84 19.72
CA ILE A 444 10.18 23.40 21.08
C ILE A 444 10.62 22.31 22.04
N SER A 445 11.56 22.66 22.92
CA SER A 445 12.10 21.69 23.85
C SER A 445 11.10 21.36 24.95
N SER A 446 11.26 20.17 25.52
CA SER A 446 10.36 19.72 26.58
C SER A 446 11.08 18.78 27.54
N ILE B 3 29.94 -13.72 -7.22
CA ILE B 3 28.70 -14.47 -7.02
C ILE B 3 27.88 -14.52 -8.30
N ARG B 4 26.60 -14.82 -8.15
CA ARG B 4 25.70 -14.99 -9.29
C ARG B 4 24.78 -13.77 -9.38
N THR B 5 24.82 -13.10 -10.54
CA THR B 5 24.02 -11.91 -10.77
C THR B 5 23.30 -12.05 -12.11
N ILE B 6 22.09 -11.47 -12.17
CA ILE B 6 21.32 -11.43 -13.41
C ILE B 6 22.04 -10.53 -14.41
N SER B 7 22.21 -11.02 -15.64
CA SER B 7 22.89 -10.25 -16.67
C SER B 7 22.05 -10.01 -17.92
N LYS B 8 20.95 -10.73 -18.12
CA LYS B 8 20.10 -10.52 -19.27
C LYS B 8 18.70 -11.07 -18.99
N ILE B 9 17.68 -10.33 -19.42
CA ILE B 9 16.30 -10.78 -19.34
C ILE B 9 15.63 -10.47 -20.67
N GLU B 10 15.07 -11.50 -21.31
CA GLU B 10 14.35 -11.35 -22.57
C GLU B 10 12.90 -11.72 -22.36
N LEU B 11 11.99 -10.91 -22.89
CA LEU B 11 10.55 -11.13 -22.78
C LEU B 11 9.96 -11.11 -24.18
N SER B 12 9.23 -12.17 -24.54
CA SER B 12 8.64 -12.29 -25.86
C SER B 12 7.13 -12.43 -25.73
N LYS B 13 6.41 -11.45 -26.29
CA LYS B 13 4.94 -11.40 -26.31
C LYS B 13 4.33 -11.47 -24.91
N ILE B 14 4.96 -10.78 -23.96
CA ILE B 14 4.45 -10.77 -22.60
C ILE B 14 3.23 -9.88 -22.53
N HIS B 15 2.20 -10.34 -21.79
CA HIS B 15 0.82 -9.83 -21.78
C HIS B 15 0.16 -9.85 -23.16
N ASN B 16 0.69 -10.67 -24.07
CA ASN B 16 0.36 -10.69 -25.50
C ASN B 16 0.46 -9.30 -26.13
N ARG B 17 1.43 -8.50 -25.66
CA ARG B 17 1.41 -7.09 -26.04
C ARG B 17 2.76 -6.56 -26.53
N TYR B 18 3.88 -7.00 -25.94
CA TYR B 18 5.15 -6.40 -26.29
C TYR B 18 6.30 -7.38 -26.05
N ASN B 19 7.45 -7.04 -26.62
CA ASN B 19 8.71 -7.74 -26.40
C ASN B 19 9.73 -6.77 -25.83
N LEU B 20 10.66 -7.27 -25.02
CA LEU B 20 11.62 -6.39 -24.36
C LEU B 20 12.85 -7.20 -23.94
N THR B 21 14.02 -6.80 -24.42
CA THR B 21 15.28 -7.42 -24.02
C THR B 21 16.10 -6.41 -23.26
N VAL B 22 16.52 -6.76 -22.05
CA VAL B 22 17.28 -5.88 -21.16
C VAL B 22 18.59 -6.58 -20.82
N ASP B 23 19.69 -5.83 -20.90
CA ASP B 23 21.01 -6.31 -20.53
C ASP B 23 21.48 -5.54 -19.31
N PHE B 24 21.93 -6.27 -18.29
CA PHE B 24 22.16 -5.70 -16.97
C PHE B 24 23.64 -5.54 -16.67
N PHE B 25 23.93 -4.69 -15.69
CA PHE B 25 25.24 -4.61 -15.07
C PHE B 25 25.28 -5.52 -13.85
N ASN B 26 26.46 -5.62 -13.23
CA ASN B 26 26.61 -6.51 -12.09
C ASN B 26 26.63 -5.78 -10.75
N ASP B 27 26.61 -4.45 -10.74
CA ASP B 27 26.62 -3.70 -9.50
C ASP B 27 25.39 -2.83 -9.31
N LEU B 28 25.07 -1.98 -10.28
CA LEU B 28 23.93 -1.07 -10.17
C LEU B 28 23.25 -0.93 -11.51
N ASN B 29 21.93 -0.98 -11.51
CA ASN B 29 21.12 -0.78 -12.71
C ASN B 29 20.00 0.19 -12.38
N VAL B 30 19.91 1.28 -13.13
CA VAL B 30 18.86 2.27 -12.95
C VAL B 30 17.95 2.19 -14.17
N ILE B 31 16.88 1.43 -14.06
CA ILE B 31 15.94 1.29 -15.17
C ILE B 31 15.03 2.50 -15.20
N HIS B 32 14.79 3.05 -16.39
CA HIS B 32 13.85 4.15 -16.52
C HIS B 32 13.17 4.05 -17.87
N GLY B 33 12.02 4.71 -17.98
CA GLY B 33 11.26 4.67 -19.21
C GLY B 33 9.98 5.46 -19.05
N LYS B 34 9.18 5.45 -20.11
CA LYS B 34 7.92 6.19 -20.11
C LYS B 34 6.85 5.41 -19.36
N ASN B 35 5.65 5.96 -19.33
CA ASN B 35 4.55 5.31 -18.63
C ASN B 35 4.07 4.10 -19.41
N GLY B 36 3.87 2.99 -18.71
CA GLY B 36 3.46 1.76 -19.35
C GLY B 36 4.56 1.07 -20.14
N ALA B 37 5.82 1.36 -19.83
CA ALA B 37 6.92 0.76 -20.57
C ALA B 37 7.30 -0.62 -20.06
N GLY B 38 6.72 -1.07 -18.96
CA GLY B 38 6.99 -2.39 -18.44
C GLY B 38 8.10 -2.48 -17.43
N LYS B 39 8.27 -1.46 -16.59
CA LYS B 39 9.27 -1.51 -15.54
C LYS B 39 8.86 -2.48 -14.43
N SER B 40 7.62 -2.34 -13.97
CA SER B 40 7.15 -3.15 -12.84
C SER B 40 7.02 -4.62 -13.22
N THR B 41 6.59 -4.89 -14.45
CA THR B 41 6.53 -6.27 -14.93
C THR B 41 7.91 -6.88 -15.06
N LEU B 42 8.90 -6.07 -15.46
CA LEU B 42 10.29 -6.54 -15.49
C LEU B 42 10.79 -6.89 -14.10
N ILE B 43 10.45 -6.07 -13.10
CA ILE B 43 10.85 -6.36 -11.72
C ILE B 43 10.17 -7.64 -11.23
N HIS B 44 8.91 -7.84 -11.59
CA HIS B 44 8.20 -9.05 -11.19
C HIS B 44 8.80 -10.30 -11.83
N VAL B 45 9.18 -10.20 -13.11
CA VAL B 45 9.80 -11.32 -13.81
C VAL B 45 11.14 -11.68 -13.19
N ILE B 46 11.95 -10.65 -12.87
CA ILE B 46 13.26 -10.88 -12.25
C ILE B 46 13.11 -11.50 -10.87
N ALA B 47 12.15 -11.01 -10.07
CA ALA B 47 11.96 -11.53 -8.72
C ALA B 47 11.45 -12.95 -8.73
N ASN B 48 10.52 -13.27 -9.65
CA ASN B 48 10.01 -14.63 -9.74
C ASN B 48 11.05 -15.61 -10.23
N ILE B 49 11.91 -15.19 -11.15
CA ILE B 49 12.96 -16.07 -11.65
C ILE B 49 14.03 -16.30 -10.58
N VAL B 50 14.46 -15.22 -9.92
CA VAL B 50 15.56 -15.32 -8.95
C VAL B 50 15.11 -16.06 -7.69
N ASN B 51 13.88 -15.81 -7.23
CA ASN B 51 13.37 -16.51 -6.06
C ASN B 51 13.08 -17.99 -6.32
N GLY B 52 13.05 -18.42 -7.58
CA GLY B 52 12.70 -19.80 -7.87
C GLY B 52 11.23 -20.10 -7.78
N ASP B 53 10.38 -19.07 -7.82
CA ASP B 53 8.94 -19.25 -7.70
C ASP B 53 8.32 -19.29 -9.09
N PHE B 54 8.54 -20.42 -9.78
CA PHE B 54 8.09 -20.56 -11.16
C PHE B 54 6.59 -20.79 -11.27
N ILE B 55 5.93 -21.16 -10.17
CA ILE B 55 4.47 -21.34 -10.17
C ILE B 55 3.73 -20.02 -10.37
N ARG B 56 4.40 -18.89 -10.19
CA ARG B 56 3.83 -17.59 -10.54
C ARG B 56 3.62 -17.46 -12.05
N PHE B 57 4.47 -18.11 -12.85
CA PHE B 57 4.43 -17.91 -14.29
C PHE B 57 3.24 -18.57 -14.96
N ALA B 58 2.45 -19.36 -14.23
CA ALA B 58 1.17 -19.81 -14.74
C ALA B 58 0.17 -18.66 -14.86
N PHE B 59 0.36 -17.58 -14.13
CA PHE B 59 -0.57 -16.46 -14.12
C PHE B 59 -0.16 -15.34 -15.06
N LEU B 60 0.90 -15.52 -15.81
CA LEU B 60 1.39 -14.53 -16.76
C LEU B 60 1.19 -15.05 -18.17
N ILE B 61 0.58 -14.23 -19.02
CA ILE B 61 0.38 -14.59 -20.42
C ILE B 61 1.60 -14.11 -21.21
N PHE B 62 2.32 -15.05 -21.82
CA PHE B 62 3.54 -14.73 -22.53
C PHE B 62 3.84 -15.86 -23.51
N GLU B 63 5.00 -15.77 -24.15
CA GLU B 63 5.46 -16.82 -25.05
C GLU B 63 6.79 -17.40 -24.60
N GLU B 64 7.78 -16.57 -24.29
CA GLU B 64 9.10 -17.07 -23.93
C GLU B 64 9.83 -16.03 -23.11
N ILE B 65 10.43 -16.47 -22.01
CA ILE B 65 11.22 -15.61 -21.12
C ILE B 65 12.57 -16.27 -20.92
N LYS B 66 13.64 -15.57 -21.28
CA LYS B 66 15.00 -16.08 -21.13
C LYS B 66 15.72 -15.28 -20.06
N ALA B 67 16.31 -15.98 -19.10
CA ALA B 67 17.08 -15.36 -18.02
C ALA B 67 18.50 -15.89 -18.07
N THR B 68 19.46 -14.98 -18.10
CA THR B 68 20.88 -15.33 -18.10
C THR B 68 21.51 -14.83 -16.83
N TYR B 69 22.24 -15.69 -16.13
CA TYR B 69 22.97 -15.27 -14.96
C TYR B 69 24.40 -14.89 -15.34
N SER B 70 25.21 -14.56 -14.33
CA SER B 70 26.58 -14.14 -14.59
C SER B 70 27.48 -15.30 -14.97
N ASP B 71 27.30 -16.46 -14.35
CA ASP B 71 28.18 -17.60 -14.59
C ASP B 71 27.85 -18.35 -15.88
N GLY B 72 26.75 -18.02 -16.54
CA GLY B 72 26.37 -18.66 -17.78
C GLY B 72 25.12 -19.50 -17.71
N LEU B 73 24.52 -19.63 -16.54
CA LEU B 73 23.29 -20.40 -16.40
C LEU B 73 22.13 -19.68 -17.09
N LYS B 74 21.38 -20.39 -17.91
CA LYS B 74 20.30 -19.83 -18.69
C LYS B 74 19.02 -20.60 -18.41
N ILE B 75 17.92 -19.88 -18.18
CA ILE B 75 16.62 -20.46 -17.93
C ILE B 75 15.67 -19.97 -19.02
N VAL B 76 14.98 -20.90 -19.67
CA VAL B 76 14.01 -20.57 -20.72
C VAL B 76 12.65 -21.04 -20.24
N ILE B 77 11.71 -20.11 -20.14
CA ILE B 77 10.34 -20.40 -19.72
C ILE B 77 9.42 -20.18 -20.90
N ARG B 78 8.61 -21.20 -21.23
CA ARG B 78 7.71 -21.14 -22.36
C ARG B 78 6.30 -21.46 -21.92
N ARG B 79 5.33 -20.90 -22.63
CA ARG B 79 3.92 -21.15 -22.40
C ARG B 79 3.33 -21.71 -23.69
N ASP B 80 3.22 -23.03 -23.77
CA ASP B 80 2.72 -23.68 -24.96
C ASP B 80 1.24 -24.00 -24.82
N LYS B 81 0.59 -24.21 -25.96
CA LYS B 81 -0.84 -24.49 -26.01
C LYS B 81 -1.05 -25.82 -26.74
N ILE B 82 -1.54 -26.83 -26.01
CA ILE B 82 -1.88 -28.12 -26.58
C ILE B 82 -3.24 -28.54 -26.04
N ASP B 83 -4.12 -28.98 -26.95
CA ASP B 83 -5.46 -29.50 -26.65
C ASP B 83 -6.30 -28.49 -25.87
N GLU B 84 -6.19 -27.22 -26.26
CA GLU B 84 -6.81 -26.07 -25.58
C GLU B 84 -6.44 -26.00 -24.10
N GLN B 85 -5.18 -26.32 -23.80
CA GLN B 85 -4.64 -26.22 -22.46
C GLN B 85 -3.25 -25.61 -22.52
N SER B 86 -2.96 -24.71 -21.59
CA SER B 86 -1.65 -24.08 -21.54
C SER B 86 -0.75 -24.82 -20.59
N PHE B 87 0.51 -25.00 -21.00
CA PHE B 87 1.50 -25.70 -20.20
C PHE B 87 2.75 -24.83 -20.11
N ILE B 88 3.26 -24.67 -18.89
CA ILE B 88 4.47 -23.89 -18.64
C ILE B 88 5.64 -24.85 -18.60
N SER B 89 6.64 -24.60 -19.45
CA SER B 89 7.81 -25.43 -19.56
C SER B 89 9.03 -24.62 -19.16
N VAL B 90 9.79 -25.14 -18.19
CA VAL B 90 11.03 -24.51 -17.73
C VAL B 90 12.19 -25.39 -18.15
N THR B 91 13.12 -24.82 -18.90
CA THR B 91 14.26 -25.56 -19.44
C THR B 91 15.54 -24.85 -19.02
N LEU B 92 16.42 -25.55 -18.33
CA LEU B 92 17.67 -24.97 -17.89
C LEU B 92 18.72 -25.06 -19.00
N SER B 93 19.93 -24.60 -18.69
CA SER B 93 21.06 -24.79 -19.59
C SER B 93 21.67 -26.17 -19.46
N ASN B 94 21.33 -26.90 -18.40
CA ASN B 94 21.81 -28.27 -18.21
C ASN B 94 21.01 -29.29 -18.99
N GLY B 95 19.88 -28.90 -19.57
CA GLY B 95 19.00 -29.80 -20.27
C GLY B 95 17.86 -30.33 -19.43
N LYS B 96 17.98 -30.25 -18.11
CA LYS B 96 16.89 -30.68 -17.23
C LYS B 96 15.73 -29.71 -17.33
N TYR B 97 14.52 -30.26 -17.45
CA TYR B 97 13.36 -29.45 -17.72
C TYR B 97 12.21 -29.92 -16.85
N ILE B 98 11.16 -29.10 -16.80
CA ILE B 98 9.95 -29.44 -16.06
C ILE B 98 8.77 -28.75 -16.73
N LYS B 99 7.75 -29.53 -17.09
CA LYS B 99 6.52 -29.02 -17.67
C LYS B 99 5.39 -29.22 -16.66
N PHE B 100 4.64 -28.16 -16.39
CA PHE B 100 3.48 -28.28 -15.52
C PHE B 100 2.28 -27.56 -16.12
N ALA B 101 1.10 -28.08 -15.82
CA ALA B 101 -0.13 -27.53 -16.36
C ALA B 101 -0.52 -26.26 -15.62
N VAL B 102 -1.19 -25.36 -16.35
CA VAL B 102 -1.62 -24.09 -15.78
C VAL B 102 -2.77 -24.31 -14.79
N GLY B 103 -3.72 -25.19 -15.14
CA GLY B 103 -4.88 -25.40 -14.30
C GLY B 103 -4.56 -26.03 -12.95
N GLU B 104 -3.61 -26.96 -12.92
CA GLU B 104 -3.17 -27.56 -11.67
C GLU B 104 -2.51 -26.54 -10.76
N ALA B 105 -1.68 -25.66 -11.33
CA ALA B 105 -1.03 -24.60 -10.57
C ALA B 105 -2.06 -23.60 -10.04
N MET B 106 -3.05 -23.26 -10.86
CA MET B 106 -4.11 -22.36 -10.41
C MET B 106 -4.94 -22.99 -9.30
N ALA B 107 -5.22 -24.29 -9.38
CA ALA B 107 -5.98 -24.99 -8.34
C ALA B 107 -5.19 -25.05 -7.03
N THR B 108 -3.88 -25.29 -7.11
CA THR B 108 -3.07 -25.30 -5.90
C THR B 108 -2.91 -23.91 -5.31
N VAL B 109 -2.93 -22.87 -6.15
CA VAL B 109 -2.90 -21.50 -5.63
C VAL B 109 -4.21 -21.15 -4.93
N ARG B 110 -5.35 -21.49 -5.54
CA ARG B 110 -6.64 -21.22 -4.91
C ARG B 110 -6.84 -22.03 -3.64
N GLU B 111 -6.29 -23.25 -3.58
CA GLU B 111 -6.33 -24.01 -2.34
C GLU B 111 -5.43 -23.40 -1.27
N ILE B 112 -4.27 -22.88 -1.65
CA ILE B 112 -3.36 -22.26 -0.71
C ILE B 112 -3.58 -20.75 -0.65
N MET B 126 1.38 -30.73 -4.10
CA MET B 126 2.04 -31.82 -4.82
C MET B 126 2.94 -31.28 -5.93
N LEU B 127 2.36 -30.42 -6.77
CA LEU B 127 3.13 -29.81 -7.86
C LEU B 127 4.21 -28.88 -7.33
N ALA B 128 3.91 -28.14 -6.27
CA ALA B 128 4.89 -27.24 -5.66
C ALA B 128 6.05 -28.01 -5.08
N MET B 129 5.81 -29.21 -4.56
CA MET B 129 6.89 -30.06 -4.09
C MET B 129 7.82 -30.48 -5.22
N ASP B 130 7.24 -30.80 -6.39
CA ASP B 130 8.05 -31.11 -7.56
C ASP B 130 8.85 -29.90 -8.02
N ILE B 131 8.26 -28.72 -7.95
CA ILE B 131 8.94 -27.49 -8.34
C ILE B 131 10.12 -27.19 -7.41
N ASP B 132 9.91 -27.33 -6.09
CA ASP B 132 11.02 -27.03 -5.19
C ASP B 132 12.08 -28.13 -5.20
N LYS B 133 11.69 -29.37 -5.51
CA LYS B 133 12.69 -30.42 -5.72
C LYS B 133 13.54 -30.13 -6.95
N PHE B 134 12.91 -29.64 -8.02
CA PHE B 134 13.65 -29.25 -9.22
C PHE B 134 14.58 -28.06 -8.95
N VAL B 135 14.12 -27.11 -8.15
CA VAL B 135 14.93 -25.93 -7.84
C VAL B 135 16.11 -26.30 -6.94
N LYS B 136 15.85 -27.08 -5.88
CA LYS B 136 16.90 -27.45 -4.94
C LYS B 136 17.87 -28.45 -5.55
N GLU B 137 17.44 -29.21 -6.55
CA GLU B 137 18.34 -30.12 -7.25
C GLU B 137 19.40 -29.35 -8.04
N ASN B 138 19.02 -28.25 -8.68
CA ASN B 138 19.90 -27.52 -9.57
C ASN B 138 20.42 -26.22 -8.97
N GLU B 139 20.18 -25.99 -7.67
CA GLU B 139 20.67 -24.84 -6.91
C GLU B 139 20.22 -23.51 -7.52
N LEU B 140 18.95 -23.42 -7.89
CA LEU B 140 18.43 -22.18 -8.45
C LEU B 140 18.07 -21.15 -7.39
N GLN B 141 18.09 -21.53 -6.11
CA GLN B 141 17.84 -20.61 -5.01
C GLN B 141 19.13 -20.27 -4.27
N LYS B 142 20.22 -20.13 -5.02
CA LYS B 142 21.50 -19.76 -4.42
C LYS B 142 21.47 -18.34 -3.88
N VAL B 143 20.84 -17.42 -4.60
CA VAL B 143 20.74 -16.03 -4.20
C VAL B 143 19.28 -15.59 -4.33
N ARG B 144 18.74 -15.00 -3.27
CA ARG B 144 17.35 -14.55 -3.26
C ARG B 144 17.24 -13.14 -3.83
N ALA B 145 16.04 -12.58 -3.76
CA ALA B 145 15.80 -11.21 -4.22
C ALA B 145 14.88 -10.50 -3.23
N SER B 146 15.30 -9.32 -2.78
CA SER B 146 14.45 -8.48 -1.94
C SER B 146 13.61 -7.59 -2.83
N TYR B 147 12.30 -7.73 -2.74
CA TYR B 147 11.38 -7.03 -3.63
C TYR B 147 10.74 -5.86 -2.87
N PHE B 148 11.06 -4.65 -3.31
CA PHE B 148 10.41 -3.46 -2.79
C PHE B 148 9.36 -3.02 -3.79
N PRO B 149 8.08 -3.13 -3.49
CA PRO B 149 7.04 -2.73 -4.44
C PRO B 149 6.88 -1.22 -4.46
N ALA B 150 5.99 -0.75 -5.34
CA ALA B 150 5.68 0.67 -5.38
C ALA B 150 4.63 1.06 -4.36
N PHE B 151 4.05 0.08 -3.66
CA PHE B 151 3.00 0.33 -2.68
C PHE B 151 3.46 -0.09 -1.29
N ARG B 152 4.69 0.30 -0.94
CA ARG B 152 5.29 -0.10 0.33
C ARG B 152 4.56 0.51 1.52
N THR B 153 4.11 1.76 1.39
CA THR B 153 3.63 2.50 2.55
C THR B 153 2.30 1.95 3.07
N MET B 154 1.34 1.76 2.17
CA MET B 154 0.04 1.24 2.62
C MET B 154 0.13 -0.23 2.98
N LEU B 155 1.05 -0.97 2.38
CA LEU B 155 1.26 -2.36 2.77
C LEU B 155 1.88 -2.46 4.16
N GLU B 156 2.83 -1.59 4.48
CA GLU B 156 3.40 -1.53 5.82
C GLU B 156 2.35 -1.11 6.84
N ALA B 157 1.50 -0.14 6.48
CA ALA B 157 0.47 0.30 7.41
C ALA B 157 -0.61 -0.77 7.60
N TRP B 158 -0.90 -1.55 6.56
CA TRP B 158 -1.88 -2.61 6.69
C TRP B 158 -1.34 -3.77 7.53
N SER B 159 -0.09 -4.17 7.28
CA SER B 159 0.44 -5.33 7.96
C SER B 159 0.81 -5.04 9.42
N SER B 160 0.95 -3.78 9.80
CA SER B 160 1.27 -3.43 11.17
C SER B 160 0.04 -3.24 12.05
N SER B 161 -1.16 -3.40 11.49
CA SER B 161 -2.38 -3.25 12.26
C SER B 161 -2.97 -4.62 12.61
N SER B 174 8.63 -14.24 8.68
CA SER B 174 8.24 -14.58 7.32
C SER B 174 6.73 -14.72 7.21
N PHE B 175 6.05 -14.70 8.36
CA PHE B 175 4.60 -14.74 8.34
C PHE B 175 4.01 -13.41 7.86
N TYR B 176 4.66 -12.31 8.18
CA TYR B 176 4.30 -11.00 7.60
C TYR B 176 4.48 -11.03 6.09
N ASN B 177 5.54 -11.68 5.61
CA ASN B 177 5.77 -11.85 4.17
C ASN B 177 4.63 -12.62 3.53
N ARG B 178 4.18 -13.70 4.19
CA ARG B 178 3.12 -14.54 3.63
C ARG B 178 1.78 -13.81 3.58
N LYS B 179 1.42 -13.13 4.68
CA LYS B 179 0.13 -12.45 4.72
C LYS B 179 0.11 -11.23 3.79
N ALA B 180 1.21 -10.47 3.76
CA ALA B 180 1.28 -9.31 2.88
C ALA B 180 1.33 -9.73 1.41
N SER B 181 2.01 -10.86 1.12
CA SER B 181 2.03 -11.38 -0.23
C SER B 181 0.65 -11.81 -0.68
N ALA B 182 -0.11 -12.46 0.21
CA ALA B 182 -1.47 -12.88 -0.13
C ALA B 182 -2.38 -11.69 -0.37
N PHE B 183 -2.29 -10.67 0.49
CA PHE B 183 -3.15 -9.48 0.31
C PHE B 183 -2.78 -8.70 -0.94
N ALA B 184 -1.49 -8.50 -1.20
CA ALA B 184 -1.06 -7.76 -2.38
C ALA B 184 -1.31 -8.53 -3.66
N ARG B 185 -1.22 -9.86 -3.64
CA ARG B 185 -1.60 -10.65 -4.80
C ARG B 185 -3.10 -10.65 -5.04
N GLU B 186 -3.89 -10.54 -3.97
CA GLU B 186 -5.31 -10.33 -4.14
C GLU B 186 -5.60 -8.99 -4.81
N LEU B 187 -4.88 -7.95 -4.42
CA LEU B 187 -5.12 -6.63 -4.98
C LEU B 187 -4.61 -6.46 -6.41
N PHE B 188 -3.39 -6.94 -6.71
CA PHE B 188 -2.71 -6.61 -7.95
C PHE B 188 -2.45 -7.81 -8.85
N GLY B 189 -3.12 -8.93 -8.61
CA GLY B 189 -2.95 -10.10 -9.46
C GLY B 189 -1.96 -11.10 -8.89
N GLN B 190 -2.09 -12.34 -9.35
CA GLN B 190 -1.38 -13.45 -8.75
C GLN B 190 0.05 -13.60 -9.26
N PHE B 191 0.44 -12.87 -10.29
CA PHE B 191 1.82 -12.91 -10.76
C PHE B 191 2.78 -12.14 -9.85
N LEU B 192 2.24 -11.33 -8.94
CA LEU B 192 3.06 -10.48 -8.09
C LEU B 192 3.94 -11.32 -7.18
N PRO B 193 5.22 -11.00 -7.04
CA PRO B 193 6.14 -11.83 -6.26
C PRO B 193 5.86 -11.72 -4.77
N SER B 194 6.50 -12.60 -4.02
CA SER B 194 6.35 -12.59 -2.57
C SER B 194 7.05 -11.36 -1.99
N ILE B 195 6.27 -10.55 -1.27
CA ILE B 195 6.81 -9.35 -0.65
C ILE B 195 7.71 -9.77 0.50
N ASN B 196 9.00 -9.46 0.39
CA ASN B 196 9.94 -9.93 1.40
C ASN B 196 11.00 -8.89 1.74
N TYR B 197 10.74 -7.61 1.51
CA TYR B 197 11.66 -6.59 1.96
C TYR B 197 11.56 -6.44 3.48
N PRO B 198 12.63 -5.99 4.13
CA PRO B 198 12.58 -5.85 5.60
C PRO B 198 11.68 -4.71 6.04
N SER B 199 10.60 -5.06 6.72
CA SER B 199 9.70 -4.08 7.31
C SER B 199 10.39 -3.39 8.49
N PRO B 200 9.94 -2.18 8.86
CA PRO B 200 10.55 -1.49 10.02
C PRO B 200 10.41 -2.23 11.34
N MET B 201 9.33 -2.99 11.54
CA MET B 201 9.22 -3.84 12.72
C MET B 201 10.27 -4.95 12.70
N GLU B 202 10.48 -5.54 11.52
CA GLU B 202 11.54 -6.54 11.37
C GLU B 202 12.91 -5.92 11.60
N ILE B 203 13.11 -4.68 11.14
CA ILE B 203 14.37 -3.98 11.35
C ILE B 203 14.63 -3.75 12.83
N GLU B 204 13.59 -3.31 13.57
CA GLU B 204 13.73 -3.07 15.01
C GLU B 204 14.00 -4.36 15.76
N ASP B 205 13.30 -5.45 15.40
CA ASP B 205 13.51 -6.74 16.06
C ASP B 205 14.90 -7.30 15.79
N ARG B 206 15.38 -7.20 14.54
CA ARG B 206 16.70 -7.70 14.22
C ARG B 206 17.80 -6.84 14.83
N LEU B 207 17.55 -5.54 14.98
CA LEU B 207 18.51 -4.70 15.69
C LEU B 207 18.60 -5.06 17.17
N ARG B 208 17.45 -5.37 17.80
CA ARG B 208 17.47 -5.83 19.18
C ARG B 208 18.22 -7.16 19.32
N GLU B 209 18.01 -8.07 18.39
CA GLU B 209 18.70 -9.36 18.44
C GLU B 209 20.21 -9.20 18.23
N GLU B 210 20.63 -8.30 17.34
CA GLU B 210 22.05 -8.07 17.14
C GLU B 210 22.68 -7.39 18.35
N ILE B 211 21.94 -6.51 19.04
CA ILE B 211 22.44 -5.90 20.26
C ILE B 211 22.61 -6.94 21.37
N ARG B 212 21.66 -7.87 21.49
CA ARG B 212 21.77 -8.96 22.46
C ARG B 212 22.97 -9.85 22.15
N ARG B 213 23.18 -10.18 20.87
CA ARG B 213 24.33 -11.00 20.48
C ARG B 213 25.64 -10.29 20.76
N ALA B 214 25.68 -8.97 20.53
CA ALA B 214 26.89 -8.21 20.81
C ALA B 214 27.19 -8.14 22.30
N GLN B 215 26.14 -8.01 23.12
CA GLN B 215 26.32 -8.04 24.58
C GLN B 215 26.83 -9.38 25.06
N LEU B 216 26.30 -10.47 24.50
CA LEU B 216 26.78 -11.81 24.89
C LEU B 216 28.21 -12.05 24.42
N GLY B 217 28.58 -11.53 23.25
CA GLY B 217 29.97 -11.63 22.82
C GLY B 217 30.92 -10.83 23.69
N ILE B 218 30.47 -9.67 24.16
CA ILE B 218 31.27 -8.88 25.10
C ILE B 218 31.42 -9.62 26.43
N ALA B 219 30.36 -10.28 26.88
CA ALA B 219 30.42 -11.09 28.10
C ALA B 219 31.41 -12.24 27.98
N ALA B 220 31.38 -12.94 26.83
CA ALA B 220 32.32 -14.04 26.60
C ALA B 220 33.76 -13.53 26.49
N TYR B 221 33.95 -12.36 25.88
CA TYR B 221 35.28 -11.78 25.79
C TYR B 221 35.81 -11.36 27.14
N GLU B 222 34.95 -10.84 28.01
CA GLU B 222 35.38 -10.48 29.37
C GLU B 222 35.73 -11.72 30.17
N SER B 223 34.94 -12.79 30.03
CA SER B 223 35.25 -14.04 30.71
C SER B 223 36.55 -14.67 30.21
N ARG B 224 36.87 -14.51 28.94
CA ARG B 224 38.17 -14.97 28.42
C ARG B 224 39.31 -14.10 28.93
N THR B 225 39.16 -12.78 28.85
CA THR B 225 40.26 -11.87 29.14
C THR B 225 40.54 -11.75 30.62
N PHE B 226 39.60 -12.12 31.50
CA PHE B 226 39.90 -12.21 32.93
C PHE B 226 40.99 -13.23 33.20
N SER B 227 40.79 -14.46 32.71
CA SER B 227 41.78 -15.52 32.89
C SER B 227 43.03 -15.27 32.07
N GLU B 228 42.91 -14.57 30.94
CA GLU B 228 44.10 -14.26 30.15
C GLU B 228 44.95 -13.20 30.84
N SER B 229 44.32 -12.15 31.39
CA SER B 229 45.05 -11.10 32.06
C SER B 229 45.63 -11.57 33.39
N PHE B 230 45.04 -12.59 34.02
CA PHE B 230 45.63 -13.12 35.24
C PHE B 230 46.99 -13.76 34.97
N VAL B 231 47.10 -14.58 33.92
CA VAL B 231 48.41 -15.14 33.60
C VAL B 231 49.31 -14.11 32.94
N LYS B 232 48.76 -13.04 32.36
CA LYS B 232 49.60 -11.95 31.91
C LYS B 232 50.25 -11.22 33.08
N VAL B 233 49.49 -11.01 34.16
CA VAL B 233 50.03 -10.41 35.38
C VAL B 233 51.06 -11.34 36.02
N PHE B 234 50.78 -12.65 36.03
CA PHE B 234 51.74 -13.61 36.59
C PHE B 234 53.01 -13.70 35.75
N SER B 235 52.91 -13.51 34.44
CA SER B 235 54.11 -13.44 33.61
C SER B 235 54.87 -12.15 33.86
N ALA B 236 54.16 -11.06 34.11
CA ALA B 236 54.81 -9.78 34.39
C ALA B 236 55.46 -9.74 35.77
N LEU B 237 55.00 -10.57 36.70
CA LEU B 237 55.55 -10.60 38.05
C LEU B 237 56.73 -11.56 38.19
N PHE B 238 57.11 -12.26 37.13
CA PHE B 238 58.24 -13.18 37.17
C PHE B 238 59.40 -12.69 36.29
N ASP B 239 59.38 -11.43 35.90
CA ASP B 239 60.45 -10.84 35.09
C ASP B 239 60.97 -9.60 35.78
N ASN B 240 62.28 -9.40 35.70
CA ASN B 240 62.93 -8.26 36.35
C ASN B 240 63.30 -7.19 35.34
N GLY B 249 53.80 7.52 34.61
CA GLY B 249 53.83 8.81 33.93
C GLY B 249 52.77 8.92 32.85
N GLU B 250 53.20 8.80 31.59
CA GLU B 250 52.27 8.87 30.47
C GLU B 250 51.42 7.61 30.36
N LEU B 251 51.87 6.50 30.95
CA LEU B 251 51.03 5.30 31.03
C LEU B 251 49.79 5.58 31.87
N LEU B 252 49.94 6.33 32.95
CA LEU B 252 48.79 6.70 33.78
C LEU B 252 47.84 7.63 33.02
N LYS B 253 48.37 8.54 32.20
CA LYS B 253 47.52 9.41 31.40
C LYS B 253 46.79 8.62 30.31
N GLU B 254 47.45 7.64 29.70
CA GLU B 254 46.80 6.81 28.69
C GLU B 254 45.73 5.92 29.30
N ILE B 255 45.99 5.38 30.50
CA ILE B 255 44.99 4.60 31.23
C ILE B 255 43.82 5.49 31.64
N GLU B 256 44.11 6.75 31.99
CA GLU B 256 43.05 7.72 32.29
C GLU B 256 42.17 7.99 31.07
N GLY B 257 42.80 8.15 29.90
CA GLY B 257 42.03 8.37 28.69
C GLY B 257 41.19 7.17 28.30
N LEU B 258 41.74 5.97 28.43
CA LEU B 258 40.99 4.75 28.12
C LEU B 258 39.84 4.54 29.10
N ALA B 259 40.06 4.82 30.38
CA ALA B 259 39.00 4.69 31.37
C ALA B 259 37.92 5.74 31.20
N ILE B 260 38.29 6.96 30.79
CA ILE B 260 37.30 8.00 30.50
C ILE B 260 36.48 7.61 29.27
N ALA B 261 37.12 7.07 28.24
CA ALA B 261 36.40 6.64 27.04
C ALA B 261 35.46 5.46 27.33
N GLN B 262 35.91 4.51 28.15
CA GLN B 262 35.10 3.33 28.42
C GLN B 262 33.97 3.64 29.40
N ASP B 263 34.20 4.56 30.34
CA ASP B 263 33.17 4.90 31.32
C ASP B 263 32.04 5.70 30.70
N SER B 264 32.34 6.49 29.67
CA SER B 264 31.34 7.31 29.00
C SER B 264 30.80 6.63 27.74
N SER B 265 30.91 5.32 27.64
CA SER B 265 30.45 4.58 26.49
C SER B 265 29.08 3.98 26.79
N ILE B 266 28.15 4.13 25.86
CA ILE B 266 26.79 3.63 26.01
C ILE B 266 26.74 2.11 25.97
N LYS B 267 27.76 1.46 25.38
CA LYS B 267 27.76 0.02 25.22
C LYS B 267 27.97 -0.72 26.54
N ASN B 268 28.48 -0.05 27.57
CA ASN B 268 28.61 -0.63 28.90
C ASN B 268 27.39 -0.23 29.72
N GLY B 269 26.45 -1.15 29.90
CA GLY B 269 25.29 -0.88 30.72
C GLY B 269 25.49 -1.32 32.15
N TYR B 270 26.56 -2.07 32.39
CA TYR B 270 26.90 -2.58 33.70
C TYR B 270 28.39 -2.37 33.97
N TYR B 271 28.70 -2.00 35.21
CA TYR B 271 30.05 -1.68 35.69
C TYR B 271 30.73 -0.62 34.83
N ALA B 272 30.23 0.61 34.88
CA ALA B 272 30.76 1.73 34.11
C ALA B 272 31.51 2.68 35.05
N GLU B 273 32.24 2.09 35.99
CA GLU B 273 32.96 2.82 37.03
C GLU B 273 34.43 2.46 37.05
N TYR B 274 35.09 2.55 35.88
CA TYR B 274 36.53 2.35 35.82
C TYR B 274 37.29 3.52 36.41
N SER B 275 36.62 4.66 36.59
CA SER B 275 37.27 5.83 37.20
C SER B 275 37.64 5.58 38.65
N LYS B 276 36.82 4.80 39.37
CA LYS B 276 37.10 4.49 40.76
C LYS B 276 38.36 3.66 40.91
N VAL B 277 38.48 2.58 40.12
CA VAL B 277 39.66 1.74 40.22
C VAL B 277 40.88 2.43 39.65
N TYR B 278 40.69 3.33 38.65
CA TYR B 278 41.82 4.14 38.18
C TYR B 278 42.32 5.09 39.26
N GLU B 279 41.40 5.71 40.00
CA GLU B 279 41.80 6.60 41.09
C GLU B 279 42.48 5.84 42.22
N GLU B 280 42.00 4.63 42.52
CA GLU B 280 42.66 3.78 43.50
C GLU B 280 44.06 3.39 43.05
N ILE B 281 44.23 3.06 41.77
CA ILE B 281 45.53 2.66 41.25
C ILE B 281 46.51 3.84 41.27
N ARG B 282 46.06 5.02 40.85
CA ARG B 282 46.97 6.18 40.84
C ARG B 282 47.25 6.68 42.26
N SER B 283 46.32 6.48 43.20
CA SER B 283 46.58 6.84 44.59
C SER B 283 47.59 5.90 45.22
N LEU B 284 47.49 4.60 44.94
CA LEU B 284 48.47 3.65 45.47
C LEU B 284 49.84 3.82 44.80
N ILE B 285 49.86 4.28 43.55
CA ILE B 285 51.13 4.56 42.89
C ILE B 285 51.77 5.81 43.49
N ASN B 286 50.98 6.86 43.70
CA ASN B 286 51.52 8.10 44.28
C ASN B 286 51.90 7.93 45.75
N ARG B 287 51.28 6.98 46.45
CA ARG B 287 51.71 6.67 47.80
C ARG B 287 53.05 5.94 47.82
N ASN B 288 53.37 5.23 46.75
CA ASN B 288 54.65 4.52 46.67
C ASN B 288 55.52 5.10 45.56
N VAL B 293 61.24 2.43 42.62
CA VAL B 293 60.10 2.09 41.78
C VAL B 293 60.28 0.72 41.17
N GLU B 294 59.33 -0.17 41.43
CA GLU B 294 59.39 -1.52 40.89
C GLU B 294 59.06 -1.53 39.40
N ASN B 295 59.81 -2.36 38.66
CA ASN B 295 59.51 -2.52 37.24
C ASN B 295 58.27 -3.39 37.02
N SER B 296 57.92 -4.22 38.02
CA SER B 296 56.73 -5.04 37.92
C SER B 296 55.46 -4.21 37.96
N VAL B 297 55.48 -3.07 38.66
CA VAL B 297 54.35 -2.15 38.65
C VAL B 297 54.15 -1.54 37.27
N SER B 298 55.25 -1.17 36.60
CA SER B 298 55.17 -0.64 35.24
C SER B 298 54.70 -1.71 34.26
N GLY B 299 55.15 -2.96 34.43
CA GLY B 299 54.67 -4.05 33.60
C GLY B 299 53.20 -4.34 33.81
N ALA B 300 52.73 -4.25 35.06
CA ALA B 300 51.31 -4.41 35.34
C ALA B 300 50.49 -3.27 34.74
N LEU B 301 51.05 -2.05 34.74
CA LEU B 301 50.38 -0.93 34.09
C LEU B 301 50.29 -1.14 32.58
N VAL B 302 51.34 -1.71 31.98
CA VAL B 302 51.31 -2.04 30.55
C VAL B 302 50.24 -3.09 30.26
N VAL B 303 50.15 -4.12 31.11
CA VAL B 303 49.14 -5.17 30.96
C VAL B 303 47.73 -4.60 31.11
N TYR B 304 47.55 -3.70 32.08
CA TYR B 304 46.24 -3.08 32.33
C TYR B 304 45.83 -2.18 31.16
N ARG B 305 46.78 -1.40 30.63
CA ARG B 305 46.48 -0.54 29.49
C ARG B 305 46.13 -1.35 28.25
N ASP B 306 46.87 -2.46 28.02
CA ASP B 306 46.57 -3.33 26.89
C ASP B 306 45.22 -4.00 27.05
N ALA B 307 44.87 -4.40 28.29
CA ALA B 307 43.57 -5.01 28.54
C ALA B 307 42.43 -4.01 28.32
N LEU B 308 42.62 -2.76 28.74
CA LEU B 308 41.60 -1.72 28.53
C LEU B 308 41.40 -1.44 27.05
N ARG B 309 42.51 -1.26 26.31
CA ARG B 309 42.35 -0.94 24.88
C ARG B 309 41.86 -2.14 24.09
N ASP B 310 42.17 -3.36 24.52
CA ASP B 310 41.68 -4.54 23.81
C ASP B 310 40.19 -4.77 24.09
N ARG B 311 39.74 -4.52 25.33
CA ARG B 311 38.32 -4.61 25.62
C ARG B 311 37.54 -3.53 24.87
N GLN B 312 38.10 -2.31 24.78
CA GLN B 312 37.46 -1.24 24.01
C GLN B 312 37.41 -1.58 22.52
N ASP B 313 38.48 -2.20 22.00
CA ASP B 313 38.51 -2.54 20.58
C ASP B 313 37.53 -3.66 20.26
N TYR B 314 37.42 -4.67 21.13
CA TYR B 314 36.42 -5.72 20.90
C TYR B 314 35.00 -5.18 21.08
N GLN B 315 34.80 -4.24 22.01
CA GLN B 315 33.48 -3.64 22.19
C GLN B 315 33.09 -2.80 20.98
N GLU B 316 34.06 -2.13 20.36
CA GLU B 316 33.78 -1.38 19.14
C GLU B 316 33.51 -2.31 17.96
N LYS B 317 34.29 -3.39 17.84
CA LYS B 317 34.11 -4.30 16.71
C LYS B 317 32.92 -5.23 16.87
N ALA B 318 32.38 -5.37 18.08
CA ALA B 318 31.16 -6.16 18.24
C ALA B 318 29.94 -5.38 17.77
N PHE B 319 29.93 -4.07 17.99
CA PHE B 319 28.87 -3.19 17.54
C PHE B 319 29.21 -2.51 16.22
N SER B 320 29.99 -3.16 15.35
CA SER B 320 30.45 -2.51 14.13
C SER B 320 29.32 -2.36 13.12
N GLU B 321 28.54 -3.42 12.91
CA GLU B 321 27.49 -3.39 11.90
C GLU B 321 26.36 -2.46 12.31
N ILE B 322 25.99 -2.48 13.58
CA ILE B 322 24.90 -1.65 14.08
C ILE B 322 25.29 -0.17 14.03
N ASP B 323 26.53 0.15 14.39
CA ASP B 323 26.98 1.54 14.34
C ASP B 323 27.12 2.02 12.91
N ASN B 324 27.56 1.15 11.99
CA ASN B 324 27.64 1.53 10.59
C ASN B 324 26.26 1.79 10.00
N TYR B 325 25.28 0.94 10.34
CA TYR B 325 23.93 1.12 9.83
C TYR B 325 23.27 2.37 10.40
N MET B 326 23.43 2.60 11.71
CA MET B 326 22.87 3.80 12.30
C MET B 326 23.61 5.07 11.89
N SER B 327 24.89 4.97 11.52
CA SER B 327 25.58 6.12 10.97
C SER B 327 25.12 6.42 9.55
N SER B 328 24.78 5.38 8.78
CA SER B 328 24.20 5.60 7.46
C SER B 328 22.82 6.23 7.56
N VAL B 329 22.01 5.77 8.52
CA VAL B 329 20.68 6.34 8.69
C VAL B 329 20.74 7.77 9.20
N ASN B 330 21.58 8.02 10.21
CA ASN B 330 21.66 9.34 10.83
C ASN B 330 22.33 10.39 9.95
N SER B 331 22.93 10.00 8.83
CA SER B 331 23.39 10.98 7.86
C SER B 331 22.25 11.58 7.06
N PHE B 332 21.07 10.98 7.11
CA PHE B 332 19.89 11.48 6.43
C PHE B 332 18.92 12.21 7.35
N LEU B 333 18.70 11.69 8.56
CA LEU B 333 17.73 12.29 9.48
C LEU B 333 18.24 13.64 9.99
N GLU B 334 17.32 14.61 10.06
CA GLU B 334 17.71 15.99 10.35
C GLU B 334 17.58 16.33 11.83
N ASP B 335 16.37 16.27 12.37
CA ASP B 335 16.10 16.71 13.74
C ASP B 335 15.86 15.54 14.68
N LYS B 336 16.41 14.38 14.36
CA LYS B 336 16.37 13.23 15.24
C LYS B 336 17.60 12.39 14.99
N GLU B 337 17.75 11.33 15.78
CA GLU B 337 18.93 10.48 15.67
C GLU B 337 18.56 9.09 16.14
N MET B 338 18.67 8.10 15.26
CA MET B 338 18.37 6.73 15.65
C MET B 338 19.50 6.19 16.52
N ALA B 339 19.14 5.67 17.69
CA ALA B 339 20.15 5.27 18.66
C ALA B 339 19.58 4.21 19.59
N TYR B 340 20.48 3.51 20.28
CA TYR B 340 20.14 2.51 21.26
C TYR B 340 20.61 2.95 22.64
N ASP B 341 19.98 2.35 23.65
CA ASP B 341 20.29 2.64 25.05
C ASP B 341 19.94 1.42 25.89
N PHE B 342 20.54 1.34 27.06
CA PHE B 342 20.29 0.23 27.97
C PHE B 342 19.69 0.72 29.28
N TYR B 348 17.75 -4.40 29.30
CA TYR B 348 17.02 -4.64 28.06
C TYR B 348 17.37 -3.58 27.01
N PRO B 349 17.59 -4.02 25.77
CA PRO B 349 17.97 -3.06 24.72
C PRO B 349 16.79 -2.19 24.30
N LYS B 350 17.08 -0.91 24.07
CA LYS B 350 16.10 0.05 23.59
C LYS B 350 16.62 0.67 22.30
N VAL B 351 15.84 0.56 21.23
CA VAL B 351 16.20 1.12 19.93
C VAL B 351 15.12 2.12 19.55
N GLY B 352 15.50 3.39 19.40
CA GLY B 352 14.54 4.41 19.13
C GLY B 352 15.18 5.64 18.54
N LEU B 353 14.50 6.77 18.71
CA LEU B 353 14.91 8.03 18.13
C LEU B 353 15.12 9.06 19.23
N LYS B 354 16.36 9.49 19.42
CA LYS B 354 16.66 10.61 20.30
C LYS B 354 16.35 11.91 19.57
N PHE B 355 15.77 12.83 20.27
CA PHE B 355 15.49 14.17 19.83
C PHE B 355 16.44 15.14 20.51
N PRO B 356 16.60 16.38 20.00
CA PRO B 356 17.54 17.32 20.64
C PRO B 356 17.19 17.72 22.06
N ASP B 357 15.95 17.53 22.50
CA ASP B 357 15.60 17.75 23.90
C ASP B 357 15.93 16.54 24.77
N GLY B 358 16.42 15.45 24.18
CA GLY B 358 16.75 14.26 24.94
C GLY B 358 15.63 13.24 25.05
N SER B 359 14.43 13.57 24.56
CA SER B 359 13.32 12.64 24.65
C SER B 359 13.47 11.51 23.64
N TRP B 360 12.85 10.38 23.94
CA TRP B 360 12.86 9.22 23.07
C TRP B 360 11.48 9.02 22.45
N SER B 361 11.48 8.45 21.25
CA SER B 361 10.27 8.11 20.54
C SER B 361 10.50 6.79 19.81
N PRO B 362 9.45 6.01 19.56
CA PRO B 362 9.63 4.76 18.81
C PRO B 362 9.86 5.04 17.33
N ILE B 363 10.15 3.97 16.61
CA ILE B 363 10.31 4.07 15.16
C ILE B 363 8.96 4.26 14.48
N ARG B 364 7.86 3.91 15.15
CA ARG B 364 6.53 4.06 14.58
C ARG B 364 6.12 5.51 14.38
N VAL B 365 6.76 6.46 15.06
CA VAL B 365 6.41 7.86 14.88
C VAL B 365 7.04 8.49 13.65
N LEU B 366 7.89 7.75 12.95
CA LEU B 366 8.56 8.26 11.76
C LEU B 366 7.57 8.48 10.63
N SER B 367 8.01 9.25 9.63
CA SER B 367 7.20 9.57 8.47
C SER B 367 7.11 8.36 7.55
N SER B 368 6.43 8.52 6.41
CA SER B 368 6.44 7.47 5.41
C SER B 368 7.78 7.41 4.69
N GLY B 369 8.30 8.59 4.29
CA GLY B 369 9.56 8.64 3.58
C GLY B 369 10.75 8.23 4.43
N GLU B 370 10.71 8.57 5.71
CA GLU B 370 11.80 8.20 6.61
C GLU B 370 11.81 6.71 6.89
N ARG B 371 10.63 6.10 7.01
CA ARG B 371 10.57 4.64 7.17
C ARG B 371 11.02 3.94 5.90
N GLN B 372 10.67 4.47 4.72
CA GLN B 372 11.14 3.88 3.47
C GLN B 372 12.65 4.01 3.32
N LEU B 373 13.21 5.13 3.77
CA LEU B 373 14.66 5.31 3.80
C LEU B 373 15.32 4.30 4.73
N LEU B 374 14.70 4.04 5.88
CA LEU B 374 15.22 3.04 6.81
C LEU B 374 15.24 1.65 6.20
N THR B 375 14.16 1.26 5.53
CA THR B 375 14.08 -0.06 4.93
C THR B 375 15.05 -0.22 3.78
N MET B 376 15.17 0.81 2.92
CA MET B 376 16.08 0.71 1.79
C MET B 376 17.54 0.76 2.21
N LEU B 377 17.87 1.46 3.30
CA LEU B 377 19.23 1.41 3.81
C LEU B 377 19.52 0.10 4.53
N TYR B 378 18.51 -0.53 5.12
CA TYR B 378 18.75 -1.80 5.79
C TYR B 378 18.93 -2.93 4.80
N ALA B 379 18.25 -2.86 3.65
CA ALA B 379 18.37 -3.94 2.67
C ALA B 379 19.75 -3.99 2.02
N ALA B 380 20.43 -2.86 1.94
CA ALA B 380 21.78 -2.81 1.39
C ALA B 380 22.87 -2.93 2.45
N SER B 381 22.50 -3.15 3.71
CA SER B 381 23.48 -3.23 4.77
C SER B 381 24.15 -4.61 4.78
N LYS B 382 25.23 -4.72 5.54
CA LYS B 382 25.88 -6.01 5.70
C LYS B 382 25.09 -6.94 6.60
N MET B 383 24.34 -6.38 7.54
CA MET B 383 23.49 -7.20 8.40
C MET B 383 22.16 -7.57 7.73
N GLY B 384 21.83 -6.95 6.60
CA GLY B 384 20.71 -7.41 5.82
C GLY B 384 21.03 -8.68 5.07
N ASP B 385 19.98 -9.37 4.63
CA ASP B 385 20.16 -10.64 3.94
C ASP B 385 20.78 -10.42 2.57
N ASP B 386 21.78 -11.24 2.25
CA ASP B 386 22.50 -11.09 0.98
C ASP B 386 21.60 -11.57 -0.15
N ALA B 387 21.22 -10.65 -1.02
CA ALA B 387 20.25 -10.94 -2.07
C ALA B 387 20.50 -9.99 -3.24
N ILE B 388 19.54 -9.93 -4.15
CA ILE B 388 19.52 -8.96 -5.24
C ILE B 388 18.44 -7.96 -4.93
N VAL B 389 18.81 -6.71 -4.70
CA VAL B 389 17.87 -5.69 -4.23
C VAL B 389 17.13 -5.14 -5.44
N LEU B 390 15.83 -5.37 -5.49
CA LEU B 390 14.96 -4.86 -6.54
C LEU B 390 14.00 -3.86 -5.91
N ILE B 391 14.15 -2.59 -6.28
CA ILE B 391 13.32 -1.53 -5.73
C ILE B 391 12.49 -0.93 -6.87
N ASP B 392 11.19 -0.83 -6.66
CA ASP B 392 10.27 -0.25 -7.63
C ASP B 392 9.85 1.11 -7.12
N GLN B 393 10.17 2.16 -7.87
CA GLN B 393 10.03 3.57 -7.51
C GLN B 393 10.67 3.88 -6.16
N PRO B 394 12.00 3.96 -6.09
CA PRO B 394 12.65 4.28 -4.82
C PRO B 394 12.51 5.73 -4.39
N GLU B 395 12.00 6.60 -5.25
CA GLU B 395 11.92 8.03 -4.99
C GLU B 395 10.65 8.42 -4.25
N ILE B 396 9.84 7.45 -3.84
CA ILE B 396 8.54 7.74 -3.23
C ILE B 396 8.75 8.35 -1.86
N SER B 397 8.19 9.54 -1.66
CA SER B 397 8.20 10.32 -0.42
C SER B 397 9.59 10.68 0.06
N LEU B 398 10.57 10.72 -0.84
CA LEU B 398 11.93 11.10 -0.49
C LEU B 398 12.23 12.48 -1.05
N HIS B 399 12.79 13.35 -0.21
CA HIS B 399 13.25 14.65 -0.66
C HIS B 399 14.43 14.47 -1.60
N ILE B 400 14.65 15.46 -2.47
CA ILE B 400 15.67 15.33 -3.51
C ILE B 400 17.07 15.29 -2.93
N ASP B 401 17.27 15.92 -1.75
CA ASP B 401 18.53 15.81 -1.04
C ASP B 401 18.77 14.40 -0.52
N TRP B 402 17.72 13.61 -0.33
CA TRP B 402 17.87 12.21 0.02
C TRP B 402 17.98 11.33 -1.20
N GLN B 403 17.31 11.70 -2.30
CA GLN B 403 17.42 10.94 -3.54
C GLN B 403 18.81 11.01 -4.13
N GLU B 404 19.49 12.16 -3.97
CA GLU B 404 20.82 12.30 -4.51
C GLU B 404 21.86 11.48 -3.75
N ASP B 405 21.56 11.07 -2.52
CA ASP B 405 22.51 10.34 -1.71
C ASP B 405 22.08 8.92 -1.39
N LEU B 406 20.89 8.50 -1.82
CA LEU B 406 20.40 7.17 -1.51
C LEU B 406 21.27 6.08 -2.11
N LEU B 407 21.54 6.16 -3.42
CA LEU B 407 22.34 5.14 -4.07
C LEU B 407 23.80 5.20 -3.64
N LYS B 408 24.29 6.40 -3.30
CA LYS B 408 25.65 6.54 -2.81
C LYS B 408 25.82 5.87 -1.45
N ARG B 409 24.89 6.13 -0.52
CA ARG B 409 24.98 5.51 0.79
C ARG B 409 24.60 4.03 0.77
N MET B 410 23.92 3.57 -0.28
CA MET B 410 23.70 2.14 -0.40
C MET B 410 24.93 1.43 -0.98
N LEU B 411 25.60 2.03 -1.95
CA LEU B 411 26.79 1.41 -2.52
C LEU B 411 28.02 1.59 -1.66
N SER B 412 28.00 2.54 -0.71
CA SER B 412 29.18 2.76 0.12
C SER B 412 29.23 1.86 1.33
N GLN B 413 28.28 0.95 1.50
CA GLN B 413 28.33 0.01 2.61
C GLN B 413 29.07 -1.27 2.26
N LEU B 414 29.59 -1.38 1.03
CA LEU B 414 30.43 -2.49 0.55
C LEU B 414 29.72 -3.83 0.68
N SER B 415 28.43 -3.85 0.37
CA SER B 415 27.65 -5.09 0.47
C SER B 415 27.99 -6.06 -0.66
N GLY B 416 28.36 -5.53 -1.84
CA GLY B 416 28.64 -6.38 -2.97
C GLY B 416 27.44 -6.89 -3.72
N ARG B 417 26.24 -6.43 -3.37
CA ARG B 417 25.01 -6.93 -3.97
C ARG B 417 24.68 -6.16 -5.23
N GLN B 418 23.75 -6.72 -6.01
CA GLN B 418 23.28 -6.10 -7.24
C GLN B 418 21.98 -5.35 -6.96
N ILE B 419 21.94 -4.10 -7.37
CA ILE B 419 20.79 -3.23 -7.13
C ILE B 419 20.16 -2.88 -8.46
N ILE B 420 18.86 -3.13 -8.58
CA ILE B 420 18.10 -2.81 -9.78
C ILE B 420 16.93 -1.93 -9.36
N VAL B 421 16.93 -0.68 -9.81
CA VAL B 421 15.87 0.26 -9.45
C VAL B 421 15.14 0.69 -10.71
N CYS B 422 13.85 0.97 -10.56
CA CYS B 422 13.02 1.52 -11.63
C CYS B 422 12.49 2.86 -11.14
N THR B 423 12.84 3.94 -11.83
CA THR B 423 12.55 5.26 -11.30
C THR B 423 11.96 6.16 -12.35
N HIS B 424 11.23 7.18 -11.88
CA HIS B 424 10.76 8.28 -12.69
C HIS B 424 11.49 9.58 -12.38
N SER B 425 12.42 9.57 -11.44
CA SER B 425 13.02 10.79 -10.92
C SER B 425 14.44 10.94 -11.40
N PRO B 426 14.81 12.10 -11.96
CA PRO B 426 16.19 12.31 -12.39
C PRO B 426 17.16 12.52 -11.25
N SER B 427 16.69 12.68 -10.01
CA SER B 427 17.58 12.88 -8.88
C SER B 427 18.01 11.57 -8.24
N ILE B 428 17.30 10.48 -8.49
CA ILE B 428 17.78 9.17 -8.06
C ILE B 428 19.01 8.78 -8.88
N ALA B 429 18.96 9.05 -10.17
CA ALA B 429 19.97 8.58 -11.11
C ALA B 429 21.11 9.55 -11.31
N THR B 430 21.17 10.65 -10.54
CA THR B 430 22.25 11.60 -10.72
C THR B 430 23.55 11.06 -10.13
N GLY B 431 24.66 11.38 -10.78
CA GLY B 431 25.95 10.84 -10.42
C GLY B 431 26.21 9.43 -10.86
N TYR B 432 25.19 8.72 -11.36
CA TYR B 432 25.30 7.34 -11.80
C TYR B 432 24.61 7.18 -13.14
N GLU B 433 24.84 8.12 -14.04
CA GLU B 433 24.24 8.08 -15.36
C GLU B 433 24.90 7.05 -16.28
N ASP B 434 26.05 6.51 -15.88
CA ASP B 434 26.65 5.43 -16.66
C ASP B 434 25.90 4.12 -16.51
N PHE B 435 25.11 3.97 -15.46
CA PHE B 435 24.37 2.75 -15.18
C PHE B 435 22.90 2.84 -15.54
N MET B 436 22.48 3.93 -16.18
CA MET B 436 21.07 4.07 -16.54
C MET B 436 20.73 3.17 -17.72
N ILE B 437 19.61 2.47 -17.59
CA ILE B 437 19.09 1.61 -18.65
C ILE B 437 17.72 2.14 -19.06
N ASN B 438 17.56 2.48 -20.33
CA ASN B 438 16.29 2.97 -20.84
C ASN B 438 15.63 1.83 -21.60
N ILE B 439 14.41 1.49 -21.21
CA ILE B 439 13.68 0.40 -21.84
C ILE B 439 12.58 0.97 -22.73
N SER B 440 12.61 0.57 -23.99
CA SER B 440 11.60 0.97 -24.98
C SER B 440 11.10 -0.31 -25.63
N PRO B 441 10.03 -0.88 -25.10
CA PRO B 441 9.54 -2.16 -25.63
C PRO B 441 8.91 -2.02 -26.99
N GLU B 442 8.92 -3.13 -27.74
CA GLU B 442 8.36 -3.18 -29.08
C GLU B 442 6.93 -3.69 -28.96
N PHE B 443 5.95 -2.79 -29.06
CA PHE B 443 4.56 -3.18 -28.94
C PHE B 443 4.06 -3.81 -30.23
N ILE B 444 3.28 -4.88 -30.08
CA ILE B 444 2.72 -5.58 -31.23
C ILE B 444 1.20 -5.42 -31.24
N SER C 3 14.80 11.23 -22.56
CA SER C 3 15.58 10.68 -21.46
C SER C 3 15.03 11.15 -20.12
N CYS C 4 15.56 10.59 -19.03
CA CYS C 4 15.12 10.93 -17.68
C CYS C 4 16.13 11.93 -17.12
N ALA C 5 15.89 13.21 -17.40
CA ALA C 5 16.77 14.27 -16.92
C ALA C 5 15.97 15.55 -16.76
N TYR C 6 16.51 16.44 -15.95
CA TYR C 6 15.90 17.74 -15.70
C TYR C 6 16.09 18.69 -16.87
N THR C 7 15.15 19.60 -17.02
CA THR C 7 15.28 20.69 -17.96
C THR C 7 15.93 21.86 -17.24
N ILE C 8 16.11 22.98 -17.94
CA ILE C 8 16.68 24.17 -17.34
C ILE C 8 15.78 24.69 -16.23
N ASP C 9 14.47 24.74 -16.49
CA ASP C 9 13.51 25.23 -15.51
C ASP C 9 13.36 24.28 -14.33
N SER C 10 13.36 22.97 -14.61
CA SER C 10 13.25 21.98 -13.55
C SER C 10 14.46 22.03 -12.64
N TYR C 11 15.65 22.24 -13.21
CA TYR C 11 16.86 22.34 -12.40
C TYR C 11 16.85 23.61 -11.57
N ILE C 12 16.34 24.72 -12.12
CA ILE C 12 16.24 25.96 -11.37
C ILE C 12 15.28 25.80 -10.18
N THR C 13 14.16 25.10 -10.41
CA THR C 13 13.26 24.79 -9.32
C THR C 13 13.93 23.89 -8.29
N LEU C 14 14.78 22.95 -8.74
CA LEU C 14 15.53 22.11 -7.82
C LEU C 14 16.47 22.95 -6.95
N LEU C 15 17.05 23.99 -7.53
CA LEU C 15 17.91 24.91 -6.77
C LEU C 15 17.11 25.62 -5.69
N THR C 16 15.87 25.99 -6.03
CA THR C 16 15.00 26.61 -5.03
C THR C 16 14.66 25.63 -3.91
N MET C 17 14.38 24.37 -4.25
CA MET C 17 13.98 23.38 -3.24
C MET C 17 15.15 22.85 -2.42
N SER C 18 16.32 22.65 -3.04
CA SER C 18 17.44 22.02 -2.36
C SER C 18 18.22 23.00 -1.50
N SER C 19 18.66 22.52 -0.34
CA SER C 19 19.43 23.32 0.61
C SER C 19 20.91 22.98 0.62
N LYS C 20 21.38 22.11 -0.28
CA LYS C 20 22.78 21.74 -0.31
C LYS C 20 23.63 22.84 -0.94
N LYS C 21 24.93 22.77 -0.68
CA LYS C 21 25.90 23.56 -1.42
C LYS C 21 26.21 22.83 -2.72
N ARG C 22 26.01 23.51 -3.85
CA ARG C 22 26.09 22.85 -5.15
C ARG C 22 27.14 23.50 -6.04
N LEU C 23 27.64 22.70 -6.98
CA LEU C 23 28.57 23.17 -7.99
C LEU C 23 28.13 22.61 -9.33
N LEU C 24 28.07 23.45 -10.36
CA LEU C 24 27.63 23.02 -11.68
C LEU C 24 28.82 23.04 -12.64
N VAL C 25 29.10 21.89 -13.25
CA VAL C 25 30.20 21.74 -14.19
C VAL C 25 29.66 21.22 -15.52
N GLU C 26 30.51 21.23 -16.53
CA GLU C 26 30.10 20.86 -17.88
C GLU C 26 29.92 19.35 -18.03
N GLY C 27 31.00 18.58 -17.84
CA GLY C 27 30.98 17.16 -18.10
C GLY C 27 31.11 16.32 -16.84
N ARG C 28 30.95 15.00 -17.04
CA ARG C 28 31.09 14.05 -15.94
C ARG C 28 32.53 13.87 -15.51
N HIS C 29 33.48 14.04 -16.45
CA HIS C 29 34.89 13.93 -16.12
C HIS C 29 35.32 15.08 -15.23
N ASP C 30 34.78 16.27 -15.48
CA ASP C 30 35.03 17.41 -14.61
C ASP C 30 34.46 17.16 -13.23
N ARG C 31 33.32 16.48 -13.16
CA ARG C 31 32.71 16.14 -11.88
C ARG C 31 33.59 15.17 -11.09
N SER C 32 34.15 14.16 -11.77
CA SER C 32 35.01 13.19 -11.08
C SER C 32 36.30 13.83 -10.59
N HIS C 33 36.91 14.69 -11.42
CA HIS C 33 38.15 15.35 -11.03
C HIS C 33 37.90 16.32 -9.88
N LEU C 34 36.80 17.07 -9.94
CA LEU C 34 36.53 18.03 -8.89
C LEU C 34 36.13 17.32 -7.60
N TYR C 35 35.51 16.14 -7.70
CA TYR C 35 35.20 15.37 -6.50
C TYR C 35 36.48 14.94 -5.80
N GLN C 36 37.49 14.51 -6.57
CA GLN C 36 38.78 14.18 -5.96
C GLN C 36 39.43 15.41 -5.33
N LEU C 37 39.36 16.55 -6.02
CA LEU C 37 39.95 17.79 -5.51
C LEU C 37 39.28 18.25 -4.22
N ILE C 38 37.95 18.20 -4.17
CA ILE C 38 37.22 18.61 -2.98
C ILE C 38 37.48 17.64 -1.84
N TYR C 39 37.46 16.32 -2.13
CA TYR C 39 37.64 15.32 -1.09
C TYR C 39 39.06 15.30 -0.54
N LYS C 40 40.04 15.87 -1.24
CA LYS C 40 41.38 15.96 -0.65
C LYS C 40 41.37 16.92 0.54
N PHE C 41 40.79 18.11 0.36
CA PHE C 41 40.75 19.09 1.44
C PHE C 41 39.75 18.71 2.53
N ASN C 42 38.61 18.14 2.15
CA ASN C 42 37.58 17.74 3.11
C ASN C 42 36.98 16.42 2.66
N PRO C 43 37.49 15.30 3.16
CA PRO C 43 36.93 13.99 2.80
C PRO C 43 35.49 13.79 3.23
N ALA C 44 34.99 14.56 4.20
CA ALA C 44 33.62 14.48 4.65
C ALA C 44 32.76 15.62 4.11
N SER C 45 33.22 16.31 3.06
CA SER C 45 32.48 17.42 2.48
C SER C 45 31.14 16.98 1.89
N LYS C 46 30.15 17.85 2.00
CA LYS C 46 28.79 17.55 1.55
C LYS C 46 28.39 18.35 0.32
N VAL C 47 29.36 18.80 -0.47
CA VAL C 47 29.05 19.55 -1.69
C VAL C 47 28.58 18.57 -2.75
N LYS C 48 27.48 18.91 -3.42
CA LYS C 48 26.95 18.11 -4.52
C LYS C 48 27.30 18.77 -5.84
N ILE C 49 27.91 18.01 -6.73
CA ILE C 49 28.35 18.52 -8.03
C ILE C 49 27.42 17.97 -9.10
N ASP C 50 26.77 18.87 -9.82
CA ASP C 50 25.90 18.52 -10.94
C ASP C 50 26.64 18.76 -12.24
N THR C 51 26.17 18.11 -13.30
CA THR C 51 26.75 18.23 -14.62
C THR C 51 25.73 18.81 -15.57
N ALA C 52 26.13 19.84 -16.33
CA ALA C 52 25.28 20.41 -17.35
C ALA C 52 25.04 19.45 -18.51
N GLN C 53 25.86 18.41 -18.64
CA GLN C 53 25.67 17.40 -19.68
C GLN C 53 24.38 16.63 -19.47
N ASP C 54 23.92 16.52 -18.22
CA ASP C 54 22.72 15.76 -17.88
C ASP C 54 21.50 16.64 -17.69
N ILE C 55 21.47 17.79 -18.35
CA ILE C 55 20.32 18.70 -18.30
C ILE C 55 19.80 18.87 -19.71
N LYS C 56 18.53 18.53 -19.92
CA LYS C 56 17.94 18.63 -21.24
C LYS C 56 17.68 20.08 -21.61
N ALA C 57 17.86 20.40 -22.89
CA ALA C 57 17.60 21.72 -23.44
C ALA C 57 16.62 21.59 -24.58
N SER C 58 15.60 22.44 -24.59
CA SER C 58 14.60 22.38 -25.65
C SER C 58 15.17 22.86 -26.98
N ASP C 59 16.02 23.88 -26.95
CA ASP C 59 16.66 24.39 -28.16
C ASP C 59 17.62 23.35 -28.73
N LYS C 60 17.59 23.19 -30.05
CA LYS C 60 18.50 22.25 -30.71
C LYS C 60 19.95 22.70 -30.59
N ALA C 61 20.20 24.00 -30.75
CA ALA C 61 21.57 24.50 -30.65
C ALA C 61 22.09 24.42 -29.23
N MET C 62 21.24 24.72 -28.24
CA MET C 62 21.63 24.66 -26.84
C MET C 62 21.66 23.24 -26.30
N SER C 63 21.22 22.25 -27.09
CA SER C 63 21.13 20.87 -26.64
C SER C 63 22.49 20.28 -26.30
N LYS C 64 23.50 20.54 -27.14
CA LYS C 64 24.83 19.98 -26.91
C LYS C 64 25.86 21.04 -26.56
N ASN C 65 25.41 22.24 -26.17
CA ASN C 65 26.29 23.33 -25.78
C ASN C 65 26.18 23.43 -24.26
N ASN C 66 27.12 22.77 -23.57
CA ASN C 66 27.11 22.75 -22.10
C ASN C 66 27.36 24.13 -21.52
N ARG C 67 28.27 24.89 -22.13
CA ARG C 67 28.60 26.23 -21.65
C ARG C 67 27.39 27.15 -21.73
N LEU C 68 26.62 27.05 -22.81
CA LEU C 68 25.44 27.90 -22.96
C LEU C 68 24.38 27.53 -21.94
N LYS C 69 24.27 26.24 -21.59
CA LYS C 69 23.37 25.82 -20.52
C LYS C 69 23.78 26.43 -19.19
N ILE C 70 25.08 26.40 -18.89
CA ILE C 70 25.56 26.95 -17.62
C ILE C 70 25.33 28.45 -17.57
N GLU C 71 25.62 29.16 -18.66
CA GLU C 71 25.40 30.60 -18.70
C GLU C 71 23.92 30.96 -18.57
N THR C 72 23.03 30.18 -19.20
CA THR C 72 21.60 30.41 -19.08
C THR C 72 21.11 30.21 -17.65
N ILE C 73 21.56 29.11 -17.01
CA ILE C 73 21.16 28.83 -15.63
C ILE C 73 21.72 29.89 -14.69
N HIS C 74 22.98 30.27 -14.88
CA HIS C 74 23.63 31.26 -14.03
C HIS C 74 22.94 32.62 -14.16
N SER C 75 22.54 32.97 -15.39
CA SER C 75 21.86 34.24 -15.61
C SER C 75 20.50 34.26 -14.93
N LYS C 76 19.79 33.11 -14.95
CA LYS C 76 18.45 33.12 -14.37
C LYS C 76 18.43 32.96 -12.85
N VAL C 77 19.53 32.56 -12.21
CA VAL C 77 19.54 32.44 -10.74
C VAL C 77 20.66 33.30 -10.16
N LYS C 78 21.05 34.34 -10.89
CA LYS C 78 22.13 35.25 -10.52
C LYS C 78 21.84 35.94 -9.20
N GLY C 79 22.59 35.57 -8.16
CA GLY C 79 22.38 36.06 -6.81
C GLY C 79 22.13 34.98 -5.78
N LYS C 80 21.96 33.73 -6.18
CA LYS C 80 21.82 32.63 -5.22
C LYS C 80 23.12 32.41 -4.46
N ASP C 81 22.98 31.87 -3.25
CA ASP C 81 24.12 31.69 -2.35
C ASP C 81 24.66 30.27 -2.32
N ASN C 82 23.84 29.27 -2.61
CA ASN C 82 24.22 27.88 -2.41
C ASN C 82 24.80 27.20 -3.65
N ILE C 83 24.94 27.90 -4.76
CA ILE C 83 25.41 27.27 -5.99
C ILE C 83 26.57 28.06 -6.57
N SER C 84 27.55 27.35 -7.11
CA SER C 84 28.66 27.95 -7.84
C SER C 84 28.75 27.26 -9.20
N PHE C 85 29.30 27.97 -10.17
CA PHE C 85 29.39 27.48 -11.54
C PHE C 85 30.85 27.47 -11.99
N LEU C 86 31.22 26.45 -12.77
CA LEU C 86 32.55 26.38 -13.35
C LEU C 86 32.44 26.03 -14.83
N CYS C 87 33.14 26.78 -15.66
CA CYS C 87 33.16 26.53 -17.11
C CYS C 87 34.60 26.38 -17.58
N ASP C 88 34.75 26.17 -18.87
CA ASP C 88 36.06 26.07 -19.49
C ASP C 88 36.35 27.39 -20.20
N ARG C 89 37.54 27.94 -19.95
CA ARG C 89 37.91 29.23 -20.54
C ARG C 89 38.01 29.15 -22.06
N ALA C 90 38.36 27.99 -22.59
CA ALA C 90 38.66 27.75 -24.03
C ALA C 90 39.77 28.73 -24.42
N PHE C 91 39.67 29.38 -25.58
CA PHE C 91 40.68 30.35 -26.00
C PHE C 91 40.29 31.78 -25.67
N ARG C 92 39.27 31.98 -24.83
CA ARG C 92 38.82 33.31 -24.45
C ARG C 92 39.90 34.03 -23.64
N GLU C 93 39.95 35.35 -23.81
CA GLU C 93 40.89 36.28 -23.15
C GLU C 93 42.35 35.98 -23.49
N PHE C 94 42.60 35.35 -24.62
CA PHE C 94 43.95 35.11 -25.11
C PHE C 94 44.20 35.96 -26.36
N ALA C 95 45.41 36.51 -26.46
CA ALA C 95 45.79 37.35 -27.57
C ALA C 95 46.77 36.58 -28.46
N PHE C 96 46.53 36.64 -29.76
CA PHE C 96 47.34 35.96 -30.77
C PHE C 96 48.07 36.96 -31.66
N ASN C 97 48.48 38.10 -31.10
CA ASN C 97 49.16 39.15 -31.85
C ASN C 97 50.65 38.82 -31.97
N ASP C 98 50.92 37.79 -32.77
CA ASP C 98 52.23 37.21 -33.08
C ASP C 98 52.91 36.54 -31.89
N GLN C 99 52.27 36.54 -30.72
CA GLN C 99 52.80 35.93 -29.51
C GLN C 99 51.61 35.67 -28.59
N ILE C 100 51.66 34.54 -27.88
CA ILE C 100 50.55 34.15 -27.02
C ILE C 100 50.56 35.03 -25.78
N GLU C 101 49.43 35.68 -25.50
CA GLU C 101 49.34 36.56 -24.34
C GLU C 101 48.07 36.24 -23.55
N ASP C 102 48.21 36.13 -22.23
CA ASP C 102 47.09 35.87 -21.34
C ASP C 102 46.66 37.19 -20.72
N LEU C 103 45.43 37.61 -21.00
CA LEU C 103 44.95 38.90 -20.53
C LEU C 103 44.42 38.85 -19.10
N LEU C 104 44.19 37.66 -18.54
CA LEU C 104 43.69 37.55 -17.18
C LEU C 104 44.78 37.18 -16.18
N ASN C 105 45.50 36.09 -16.44
CA ASN C 105 46.56 35.53 -15.60
C ASN C 105 46.04 35.17 -14.18
N SER C 106 44.73 34.91 -14.08
CA SER C 106 44.08 34.55 -12.83
C SER C 106 42.73 33.93 -13.19
N HIS C 107 42.08 33.35 -12.18
CA HIS C 107 40.76 32.76 -12.39
C HIS C 107 39.70 33.86 -12.54
N TYR C 108 38.89 33.73 -13.58
CA TYR C 108 37.78 34.65 -13.82
C TYR C 108 36.67 34.42 -12.80
N CYS C 109 36.00 35.51 -12.42
CA CYS C 109 34.91 35.42 -11.45
C CYS C 109 33.84 36.44 -11.79
N ASP C 110 32.60 35.98 -11.91
CA ASP C 110 31.47 36.88 -12.17
C ASP C 110 30.24 36.24 -11.53
N ASP C 111 29.96 36.62 -10.28
CA ASP C 111 28.80 36.22 -9.48
C ASP C 111 28.58 34.69 -9.51
N SER C 112 29.56 34.00 -8.89
CA SER C 112 29.61 32.55 -8.71
C SER C 112 29.82 31.80 -10.02
N LEU C 113 30.27 32.48 -11.07
CA LEU C 113 30.66 31.85 -12.33
C LEU C 113 32.16 31.97 -12.47
N TYR C 114 32.83 30.83 -12.60
CA TYR C 114 34.28 30.79 -12.62
C TYR C 114 34.77 30.11 -13.90
N TRP C 115 35.99 30.46 -14.29
CA TRP C 115 36.64 29.89 -15.46
C TRP C 115 37.92 29.19 -15.01
N THR C 116 38.25 28.11 -15.70
CA THR C 116 39.53 27.45 -15.47
C THR C 116 40.69 28.33 -15.92
N LEU C 117 41.82 28.18 -15.22
CA LEU C 117 43.00 28.99 -15.52
C LEU C 117 43.54 28.68 -16.92
N GLY C 118 43.56 27.41 -17.29
CA GLY C 118 44.02 26.99 -18.60
C GLY C 118 42.87 26.95 -19.59
N HIS C 119 43.10 26.21 -20.69
CA HIS C 119 42.05 26.04 -21.70
C HIS C 119 40.85 25.31 -21.12
N SER C 120 41.10 24.27 -20.33
CA SER C 120 40.04 23.52 -19.66
C SER C 120 40.61 23.00 -18.35
N LEU C 121 39.88 22.08 -17.72
CA LEU C 121 40.29 21.53 -16.43
C LEU C 121 41.56 20.68 -16.55
N GLU C 122 41.75 20.01 -17.69
CA GLU C 122 42.89 19.14 -17.88
C GLU C 122 44.21 19.90 -17.99
N ASN C 123 44.16 21.22 -18.18
CA ASN C 123 45.38 22.00 -18.23
C ASN C 123 46.03 22.10 -16.86
N TYR C 124 45.27 21.80 -15.79
CA TYR C 124 45.87 21.74 -14.46
C TYR C 124 46.79 20.54 -14.35
N PHE C 125 46.59 19.53 -15.19
CA PHE C 125 47.44 18.35 -15.16
C PHE C 125 48.75 18.62 -15.89
N PHE C 126 48.89 19.75 -16.58
CA PHE C 126 50.05 19.96 -17.44
C PHE C 126 51.29 20.46 -16.70
N ASN C 127 51.33 20.34 -15.38
CA ASN C 127 52.58 20.56 -14.66
C ASN C 127 53.48 19.36 -14.93
N PRO C 128 54.78 19.59 -15.22
CA PRO C 128 55.67 18.47 -15.57
C PRO C 128 55.80 17.35 -14.54
N SER C 129 55.78 17.69 -13.24
CA SER C 129 55.88 16.67 -12.19
C SER C 129 54.69 15.73 -12.21
N ILE C 130 53.51 16.28 -12.49
CA ILE C 130 52.28 15.49 -12.49
C ILE C 130 52.31 14.51 -13.65
N ILE C 131 52.69 15.00 -14.84
CA ILE C 131 52.78 14.17 -16.04
C ILE C 131 53.79 13.05 -15.84
N ILE C 132 54.95 13.37 -15.25
CA ILE C 132 55.97 12.36 -14.93
C ILE C 132 55.41 11.28 -14.01
N ASP C 133 54.96 11.67 -12.81
CA ASP C 133 54.40 10.74 -11.83
C ASP C 133 53.30 9.85 -12.44
N ALA C 134 52.38 10.46 -13.21
CA ALA C 134 51.27 9.72 -13.78
C ALA C 134 51.74 8.74 -14.84
N PHE C 135 52.68 9.15 -15.70
CA PHE C 135 53.16 8.23 -16.74
C PHE C 135 53.99 7.12 -16.14
N GLN C 136 54.75 7.43 -15.08
CA GLN C 136 55.56 6.41 -14.40
C GLN C 136 54.67 5.36 -13.75
N PHE C 137 53.58 5.80 -13.11
CA PHE C 137 52.66 4.84 -12.47
C PHE C 137 51.93 3.98 -13.49
N LEU C 138 51.55 4.56 -14.63
CA LEU C 138 50.82 3.85 -15.68
C LEU C 138 51.78 3.67 -16.86
N SER C 139 52.54 2.57 -16.81
CA SER C 139 53.56 2.32 -17.81
C SER C 139 53.70 0.81 -18.00
N PRO C 140 54.24 0.36 -19.13
CA PRO C 140 54.50 -1.09 -19.31
C PRO C 140 55.51 -1.68 -18.34
N SER C 141 56.32 -0.84 -17.67
CA SER C 141 57.31 -1.25 -16.66
C SER C 141 58.41 -2.11 -17.27
N GLU C 142 58.93 -1.68 -18.41
CA GLU C 142 60.04 -2.34 -19.08
C GLU C 142 61.30 -1.47 -19.12
N TYR C 143 61.17 -0.25 -19.64
CA TYR C 143 62.24 0.73 -19.71
C TYR C 143 61.74 2.08 -19.22
N LYS C 144 60.98 2.06 -18.12
CA LYS C 144 60.29 3.26 -17.62
C LYS C 144 61.26 4.36 -17.22
N TYR C 145 62.35 4.03 -16.52
CA TYR C 145 63.24 5.03 -15.93
C TYR C 145 63.94 5.87 -17.00
N LYS C 146 64.42 5.24 -18.06
CA LYS C 146 65.09 5.98 -19.12
C LYS C 146 64.09 6.78 -19.95
N ALA C 147 62.90 6.22 -20.18
CA ALA C 147 61.86 6.94 -20.92
C ALA C 147 61.43 8.19 -20.16
N ILE C 148 61.25 8.07 -18.83
CA ILE C 148 60.90 9.20 -17.98
C ILE C 148 62.01 10.24 -17.98
N GLU C 149 63.27 9.80 -17.91
CA GLU C 149 64.42 10.70 -17.95
C GLU C 149 64.48 11.48 -19.27
N LEU C 150 64.25 10.81 -20.40
CA LEU C 150 64.19 11.50 -21.68
C LEU C 150 62.98 12.43 -21.77
N PHE C 151 61.82 11.98 -21.27
CA PHE C 151 60.58 12.74 -21.35
C PHE C 151 60.67 14.03 -20.57
N SER C 152 61.32 14.00 -19.40
CA SER C 152 61.49 15.20 -18.58
C SER C 152 62.33 16.25 -19.31
N GLU C 153 63.24 15.82 -20.18
CA GLU C 153 63.99 16.75 -21.01
C GLU C 153 63.13 17.27 -22.16
N LEU C 154 62.31 16.39 -22.76
CA LEU C 154 61.52 16.80 -23.92
C LEU C 154 60.33 17.68 -23.56
N ILE C 155 59.79 17.53 -22.35
CA ILE C 155 58.51 18.14 -21.96
C ILE C 155 58.59 19.66 -21.95
N SER C 156 59.79 20.23 -21.75
CA SER C 156 59.96 21.67 -21.68
C SER C 156 59.64 22.32 -23.02
N SER C 157 60.21 21.80 -24.10
CA SER C 157 59.98 22.35 -25.43
C SER C 157 58.76 21.75 -26.12
N SER C 158 58.26 20.59 -25.68
CA SER C 158 57.14 19.95 -26.35
C SER C 158 55.85 20.75 -26.23
N PHE C 159 55.72 21.56 -25.19
CA PHE C 159 54.50 22.36 -25.00
C PHE C 159 54.30 23.36 -26.13
N ALA C 160 55.38 23.90 -26.68
CA ALA C 160 55.28 24.78 -27.85
C ALA C 160 54.71 24.03 -29.05
N VAL C 161 55.14 22.78 -29.23
CA VAL C 161 54.61 21.94 -30.30
C VAL C 161 53.13 21.65 -30.09
N LEU C 162 52.76 21.29 -28.85
CA LEU C 162 51.37 20.97 -28.55
C LEU C 162 50.46 22.18 -28.74
N ALA C 163 50.89 23.36 -28.28
CA ALA C 163 50.13 24.58 -28.47
C ALA C 163 50.00 24.92 -29.94
N ALA C 164 51.08 24.74 -30.72
CA ALA C 164 51.02 24.98 -32.16
C ALA C 164 50.04 24.06 -32.85
N VAL C 165 50.01 22.78 -32.43
CA VAL C 165 49.05 21.82 -32.96
C VAL C 165 47.62 22.23 -32.64
N SER C 166 47.37 22.66 -31.40
CA SER C 166 46.02 23.09 -31.02
C SER C 166 45.59 24.35 -31.77
N LEU C 167 46.50 25.31 -31.91
CA LEU C 167 46.19 26.54 -32.65
C LEU C 167 45.96 26.24 -34.12
N ALA C 168 46.74 25.32 -34.70
CA ALA C 168 46.51 24.95 -36.09
C ALA C 168 45.16 24.26 -36.25
N ALA C 169 44.76 23.49 -35.24
CA ALA C 169 43.46 22.84 -35.28
C ALA C 169 42.33 23.86 -35.23
N LYS C 170 42.46 24.86 -34.35
CA LYS C 170 41.37 25.85 -34.25
C LYS C 170 41.34 26.83 -35.42
N ASP C 171 42.46 27.04 -36.13
CA ASP C 171 42.42 27.92 -37.30
C ASP C 171 41.56 27.35 -38.41
N ILE C 172 41.62 26.04 -38.63
CA ILE C 172 40.82 25.40 -39.66
C ILE C 172 39.53 24.80 -39.08
N ASP C 173 39.26 25.08 -37.81
CA ASP C 173 38.08 24.64 -37.03
C ASP C 173 37.96 23.12 -36.92
N LYS C 174 39.00 22.37 -37.25
CA LYS C 174 39.00 20.92 -37.13
C LYS C 174 39.71 20.57 -35.83
N ALA C 175 38.99 20.75 -34.71
CA ALA C 175 39.54 20.54 -33.38
C ALA C 175 39.92 19.08 -33.15
N GLY C 176 39.07 18.14 -33.59
CA GLY C 176 39.35 16.74 -33.40
C GLY C 176 40.25 16.11 -34.43
N LEU C 177 40.73 16.89 -35.40
CA LEU C 177 41.61 16.36 -36.44
C LEU C 177 42.94 15.79 -35.94
N PRO C 178 43.74 16.46 -35.08
CA PRO C 178 45.01 15.85 -34.65
C PRO C 178 44.87 14.56 -33.86
N ALA C 179 43.70 14.30 -33.26
CA ALA C 179 43.49 13.08 -32.49
C ALA C 179 43.64 11.83 -33.35
N ALA C 180 43.07 11.86 -34.56
CA ALA C 180 43.15 10.72 -35.46
C ALA C 180 44.21 10.91 -36.54
N LEU C 181 44.63 12.15 -36.79
CA LEU C 181 45.60 12.42 -37.84
C LEU C 181 47.01 12.03 -37.41
N ILE C 182 47.52 12.66 -36.36
CA ILE C 182 48.88 12.45 -35.91
C ILE C 182 48.97 11.11 -35.18
N ASP C 183 49.97 10.30 -35.55
CA ASP C 183 50.26 9.06 -34.87
C ASP C 183 51.66 9.14 -34.26
N TRP C 184 51.89 8.32 -33.23
CA TRP C 184 53.14 8.34 -32.47
C TRP C 184 54.36 8.00 -33.32
N LYS C 185 54.18 7.20 -34.37
CA LYS C 185 55.30 6.83 -35.23
C LYS C 185 55.83 8.03 -36.02
N ASP C 186 54.98 9.01 -36.32
CA ASP C 186 55.43 10.19 -37.06
C ASP C 186 56.38 11.05 -36.23
N ILE C 187 56.23 11.04 -34.90
CA ILE C 187 57.07 11.85 -34.03
C ILE C 187 58.50 11.30 -34.04
N VAL C 188 59.48 12.20 -34.03
CA VAL C 188 60.90 11.85 -33.97
C VAL C 188 61.49 12.55 -32.75
N ILE C 189 62.30 11.81 -31.99
CA ILE C 189 62.91 12.35 -30.78
C ILE C 189 64.30 12.88 -31.14
N ASN C 190 64.46 14.20 -31.00
CA ASN C 190 65.69 14.88 -31.33
C ASN C 190 66.40 15.21 -30.00
N ASP C 191 67.32 16.18 -30.03
CA ASP C 191 68.06 16.61 -28.84
C ASP C 191 67.24 17.63 -28.06
N GLY C 192 66.14 17.13 -27.47
CA GLY C 192 65.24 17.93 -26.70
C GLY C 192 64.01 18.42 -27.45
N THR C 193 63.99 18.28 -28.77
CA THR C 193 62.88 18.75 -29.59
C THR C 193 62.23 17.56 -30.30
N ILE C 194 61.16 17.86 -31.04
CA ILE C 194 60.41 16.87 -31.82
C ILE C 194 60.00 17.53 -33.13
N LYS C 195 59.76 16.69 -34.15
CA LYS C 195 59.42 17.17 -35.50
C LYS C 195 58.47 16.16 -36.13
N LEU C 196 57.17 16.44 -36.01
CA LEU C 196 56.15 15.59 -36.61
C LEU C 196 56.19 15.68 -38.14
N ILE C 197 57.02 14.81 -38.74
CA ILE C 197 57.14 14.70 -40.19
C ILE C 197 55.76 14.56 -40.84
N ARG C 198 55.57 15.23 -41.97
CA ARG C 198 54.34 15.11 -42.75
C ARG C 198 54.36 13.77 -43.47
N ARG C 199 53.66 12.79 -42.89
CA ARG C 199 53.61 11.45 -43.47
C ARG C 199 52.89 11.48 -44.81
N ASP C 200 53.41 10.72 -45.77
CA ASP C 200 52.83 10.71 -47.11
C ASP C 200 51.46 10.03 -47.13
N SER C 201 51.30 8.98 -46.32
CA SER C 201 50.08 8.18 -46.32
C SER C 201 49.18 8.59 -45.15
N TYR C 202 47.94 8.95 -45.46
CA TYR C 202 46.94 9.24 -44.45
C TYR C 202 45.58 8.82 -44.96
N ASP C 203 44.74 8.34 -44.05
CA ASP C 203 43.39 7.92 -44.41
C ASP C 203 42.54 9.12 -44.83
N ILE C 204 42.73 10.25 -44.16
CA ILE C 204 42.01 11.48 -44.49
C ILE C 204 42.58 12.06 -45.78
N ASP C 205 41.81 12.91 -46.45
CA ASP C 205 42.23 13.54 -47.70
C ASP C 205 43.43 14.46 -47.47
N SER C 206 44.27 14.55 -48.51
CA SER C 206 45.50 15.33 -48.44
C SER C 206 45.26 16.83 -48.26
N ALA C 207 44.10 17.33 -48.71
CA ALA C 207 43.78 18.76 -48.58
C ALA C 207 43.72 19.20 -47.12
N CYS C 208 43.04 18.41 -46.28
CA CYS C 208 42.98 18.70 -44.85
C CYS C 208 44.35 18.61 -44.19
N VAL C 209 45.14 17.59 -44.56
CA VAL C 209 46.47 17.39 -44.00
C VAL C 209 47.37 18.56 -44.36
N ASP C 210 47.33 18.97 -45.64
CA ASP C 210 48.14 20.08 -46.11
C ASP C 210 47.74 21.39 -45.42
N SER C 211 46.43 21.63 -45.27
CA SER C 211 45.97 22.84 -44.59
C SER C 211 46.40 22.85 -43.12
N PHE C 212 46.35 21.67 -42.48
CA PHE C 212 46.79 21.54 -41.09
C PHE C 212 48.28 21.85 -40.94
N PHE C 213 49.11 21.33 -41.85
CA PHE C 213 50.54 21.61 -41.72
C PHE C 213 50.88 23.04 -42.13
N ASN C 214 50.14 23.63 -43.07
CA ASN C 214 50.31 25.04 -43.40
C ASN C 214 50.02 25.94 -42.21
N ALA C 215 48.91 25.65 -41.50
CA ALA C 215 48.58 26.39 -40.29
C ALA C 215 49.62 26.15 -39.19
N PHE C 216 50.10 24.91 -39.05
CA PHE C 216 51.10 24.59 -38.04
C PHE C 216 52.40 25.35 -38.29
N ASP C 217 52.84 25.38 -39.55
CA ASP C 217 54.05 26.10 -39.92
C ASP C 217 53.88 27.60 -39.71
N ALA C 218 52.69 28.12 -40.04
CA ALA C 218 52.46 29.55 -39.88
C ALA C 218 52.26 29.96 -38.42
N VAL C 219 51.98 29.01 -37.52
CA VAL C 219 51.74 29.37 -36.13
C VAL C 219 52.93 29.02 -35.22
N LEU C 220 53.80 28.09 -35.63
CA LEU C 220 54.91 27.64 -34.78
C LEU C 220 55.90 28.73 -34.34
N PRO C 221 56.44 29.62 -35.22
CA PRO C 221 57.33 30.68 -34.70
C PRO C 221 56.67 31.62 -33.70
N ARG C 222 55.37 31.88 -33.87
CA ARG C 222 54.65 32.72 -32.92
C ARG C 222 54.57 32.05 -31.55
N VAL C 223 54.33 30.74 -31.52
CA VAL C 223 54.26 30.00 -30.26
C VAL C 223 55.64 29.94 -29.60
N ILE C 224 56.72 29.83 -30.40
CA ILE C 224 58.08 29.74 -29.87
C ILE C 224 58.46 30.99 -29.08
N ALA C 225 58.13 32.17 -29.60
CA ALA C 225 58.46 33.43 -28.94
C ALA C 225 57.67 33.65 -27.64
N SER C 226 56.61 32.90 -27.39
CA SER C 226 55.82 33.10 -26.18
C SER C 226 56.46 32.41 -24.98
N ASP C 227 56.03 32.86 -23.79
CA ASP C 227 56.49 32.29 -22.54
C ASP C 227 55.99 30.86 -22.42
N VAL C 228 56.84 29.98 -21.85
CA VAL C 228 56.51 28.56 -21.71
C VAL C 228 55.32 28.35 -20.78
N GLY C 229 55.28 29.08 -19.65
CA GLY C 229 54.19 28.94 -18.70
C GLY C 229 52.84 29.33 -19.29
N ILE C 230 52.80 30.43 -20.04
CA ILE C 230 51.58 30.82 -20.74
C ILE C 230 51.25 29.80 -21.83
N CYS C 231 52.29 29.27 -22.48
CA CYS C 231 52.13 28.33 -23.58
C CYS C 231 51.46 27.03 -23.13
N SER C 232 51.76 26.59 -21.91
CA SER C 232 51.22 25.31 -21.44
C SER C 232 49.73 25.37 -21.12
N ARG C 233 49.13 26.56 -21.05
CA ARG C 233 47.73 26.70 -20.69
C ARG C 233 46.78 26.78 -21.88
N VAL C 234 47.27 27.15 -23.07
CA VAL C 234 46.40 27.27 -24.23
C VAL C 234 46.17 25.96 -24.96
N VAL C 235 46.87 24.89 -24.59
CA VAL C 235 46.68 23.60 -25.24
C VAL C 235 45.29 23.06 -24.89
N ARG C 236 44.57 22.60 -25.92
CA ARG C 236 43.25 22.00 -25.75
C ARG C 236 43.32 20.76 -24.86
N GLY C 237 42.35 20.66 -23.96
CA GLY C 237 42.37 19.61 -22.93
C GLY C 237 42.33 18.20 -23.50
N HIS C 238 41.43 17.94 -24.44
CA HIS C 238 41.33 16.61 -25.03
C HIS C 238 42.51 16.32 -25.95
N THR C 239 42.94 17.33 -26.72
CA THR C 239 44.07 17.19 -27.62
C THR C 239 45.36 16.86 -26.87
N GLY C 240 45.64 17.63 -25.81
CA GLY C 240 46.88 17.49 -25.06
C GLY C 240 47.11 16.11 -24.46
N ILE C 241 46.04 15.49 -23.93
CA ILE C 241 46.15 14.16 -23.32
C ILE C 241 46.66 13.14 -24.32
N LEU C 242 46.02 13.10 -25.49
CA LEU C 242 46.41 12.15 -26.53
C LEU C 242 47.79 12.47 -27.08
N LEU C 243 48.10 13.77 -27.28
CA LEU C 243 49.42 14.15 -27.78
C LEU C 243 50.53 13.75 -26.82
N LEU C 244 50.31 13.89 -25.52
CA LEU C 244 51.29 13.43 -24.54
C LEU C 244 51.43 11.92 -24.56
N GLN C 245 50.29 11.20 -24.66
CA GLN C 245 50.31 9.74 -24.78
C GLN C 245 51.15 9.26 -25.96
N LYS C 246 50.99 9.92 -27.12
CA LYS C 246 51.80 9.58 -28.29
C LYS C 246 53.26 9.98 -28.11
N LEU C 247 53.52 11.19 -27.62
CA LEU C 247 54.89 11.64 -27.36
C LEU C 247 55.64 10.72 -26.38
N PHE C 248 54.93 10.14 -25.42
CA PHE C 248 55.60 9.21 -24.52
C PHE C 248 55.77 7.84 -25.15
N SER C 249 54.80 7.41 -25.98
CA SER C 249 54.95 6.16 -26.71
C SER C 249 56.14 6.25 -27.67
N ALA C 250 56.31 7.40 -28.31
CA ALA C 250 57.40 7.63 -29.24
C ALA C 250 58.74 7.66 -28.53
N CYS C 251 58.83 8.37 -27.39
CA CYS C 251 60.12 8.45 -26.69
C CYS C 251 60.50 7.10 -26.10
N LEU C 252 59.50 6.34 -25.61
CA LEU C 252 59.74 5.00 -25.08
C LEU C 252 60.26 4.06 -26.16
N TYR C 253 59.64 4.10 -27.35
CA TYR C 253 60.13 3.24 -28.43
C TYR C 253 61.48 3.73 -28.95
N TYR C 254 61.70 5.05 -28.95
CA TYR C 254 62.95 5.61 -29.46
C TYR C 254 64.13 5.18 -28.61
N VAL C 255 63.95 5.15 -27.28
CA VAL C 255 65.05 4.83 -26.38
C VAL C 255 65.06 3.35 -25.99
N GLY C 256 64.05 2.59 -26.38
CA GLY C 256 64.03 1.19 -26.00
C GLY C 256 64.15 0.20 -27.14
N ARG C 257 64.28 0.69 -28.37
CA ARG C 257 64.32 -0.19 -29.54
C ARG C 257 65.64 -0.93 -29.69
N GLU C 258 66.75 -0.33 -29.22
CA GLU C 258 68.07 -0.93 -29.39
C GLU C 258 68.20 -2.24 -28.63
N ASP C 259 67.66 -2.30 -27.40
CA ASP C 259 67.72 -3.53 -26.64
C ASP C 259 66.83 -4.61 -27.25
N ASP C 260 65.60 -4.26 -27.59
CA ASP C 260 64.66 -5.20 -28.21
C ASP C 260 63.64 -4.37 -28.97
N ALA C 261 63.72 -4.39 -30.30
CA ALA C 261 62.79 -3.63 -31.14
C ALA C 261 61.35 -4.10 -30.97
N LEU C 262 61.14 -5.42 -30.95
CA LEU C 262 59.79 -5.98 -30.82
C LEU C 262 59.17 -5.65 -29.47
N GLN C 263 59.95 -5.78 -28.38
CA GLN C 263 59.44 -5.47 -27.05
C GLN C 263 59.11 -4.00 -26.91
N ALA C 264 59.98 -3.13 -27.44
CA ALA C 264 59.72 -1.69 -27.42
C ALA C 264 58.48 -1.33 -28.23
N ASP C 265 58.33 -1.96 -29.41
CA ASP C 265 57.14 -1.70 -30.24
C ASP C 265 55.87 -2.16 -29.54
N SER C 266 55.92 -3.33 -28.88
CA SER C 266 54.77 -3.84 -28.13
C SER C 266 54.42 -2.92 -26.98
N SER C 267 55.42 -2.45 -26.23
CA SER C 267 55.18 -1.52 -25.12
C SER C 267 54.61 -0.19 -25.62
N ALA C 268 55.17 0.34 -26.71
CA ALA C 268 54.70 1.59 -27.29
C ALA C 268 53.26 1.47 -27.78
N ASN C 269 52.92 0.36 -28.44
CA ASN C 269 51.55 0.14 -28.88
C ASN C 269 50.61 -0.05 -27.70
N TYR C 270 51.08 -0.71 -26.65
CA TYR C 270 50.29 -0.89 -25.43
C TYR C 270 49.97 0.46 -24.78
N PHE C 271 50.97 1.34 -24.70
CA PHE C 271 50.75 2.68 -24.14
C PHE C 271 49.82 3.48 -25.04
N CYS C 272 49.99 3.38 -26.36
CA CYS C 272 49.12 4.10 -27.29
C CYS C 272 47.68 3.60 -27.24
N ASN C 273 47.48 2.33 -26.88
CA ASN C 273 46.14 1.76 -26.80
C ASN C 273 45.47 1.98 -25.45
N LEU C 274 46.14 2.67 -24.52
CA LEU C 274 45.54 2.95 -23.22
C LEU C 274 44.35 3.89 -23.35
N SER C 275 43.32 3.64 -22.56
CA SER C 275 42.11 4.45 -22.58
C SER C 275 42.39 5.87 -22.08
N GLU C 276 41.67 6.82 -22.67
CA GLU C 276 41.79 8.22 -22.28
C GLU C 276 41.38 8.42 -20.82
N LEU C 277 40.34 7.69 -20.38
CA LEU C 277 39.86 7.77 -19.00
C LEU C 277 40.93 7.32 -18.02
N SER C 278 41.71 6.30 -18.39
CA SER C 278 42.80 5.83 -17.53
C SER C 278 43.85 6.91 -17.34
N LEU C 279 44.21 7.59 -18.44
CA LEU C 279 45.22 8.64 -18.40
C LEU C 279 44.74 9.82 -17.56
N THR C 280 43.50 10.25 -17.79
CA THR C 280 42.95 11.38 -17.06
C THR C 280 42.82 11.08 -15.56
N THR C 281 42.36 9.87 -15.21
CA THR C 281 42.27 9.49 -13.80
C THR C 281 43.65 9.42 -13.13
N ALA C 282 44.65 8.86 -13.83
CA ALA C 282 46.00 8.82 -13.27
C ALA C 282 46.58 10.22 -13.09
N LEU C 283 46.35 11.09 -14.08
CA LEU C 283 46.78 12.49 -13.96
C LEU C 283 46.06 13.20 -12.84
N ALA C 284 44.76 12.93 -12.67
CA ALA C 284 43.99 13.55 -11.61
C ALA C 284 44.50 13.14 -10.23
N GLU C 285 44.80 11.84 -10.04
CA GLU C 285 45.35 11.37 -8.77
C GLU C 285 46.71 12.00 -8.49
N SER C 286 47.58 12.06 -9.50
CA SER C 286 48.87 12.71 -9.34
C SER C 286 48.72 14.19 -9.04
N TRP C 287 47.78 14.87 -9.73
CA TRP C 287 47.53 16.28 -9.54
C TRP C 287 47.05 16.56 -8.12
N VAL C 288 46.16 15.69 -7.61
CA VAL C 288 45.67 15.83 -6.24
C VAL C 288 46.81 15.68 -5.25
N ARG C 289 47.67 14.68 -5.47
CA ARG C 289 48.77 14.46 -4.53
C ARG C 289 49.81 15.58 -4.56
N LYS C 290 50.05 16.20 -5.72
CA LYS C 290 51.07 17.25 -5.79
C LYS C 290 50.62 18.62 -5.29
N ILE C 291 49.32 18.84 -5.04
CA ILE C 291 48.87 20.13 -4.54
C ILE C 291 49.35 20.32 -3.10
N GLY C 292 49.98 21.46 -2.83
CA GLY C 292 50.54 21.76 -1.54
C GLY C 292 51.97 21.32 -1.35
N VAL C 293 52.46 20.42 -2.20
CA VAL C 293 53.85 20.01 -2.13
C VAL C 293 54.73 20.87 -3.04
N LEU C 294 54.24 21.18 -4.24
CA LEU C 294 54.95 22.01 -5.19
C LEU C 294 54.23 23.32 -5.42
N GLU C 295 55.00 24.41 -5.46
CA GLU C 295 54.45 25.74 -5.69
C GLU C 295 54.04 25.98 -7.14
N ASP C 296 54.41 25.08 -8.05
CA ASP C 296 54.12 25.24 -9.47
C ASP C 296 52.86 24.53 -9.92
N VAL C 297 52.11 23.93 -9.01
CA VAL C 297 50.87 23.24 -9.33
C VAL C 297 49.71 24.15 -8.96
N TYR C 298 48.83 24.40 -9.92
CA TYR C 298 47.71 25.32 -9.74
C TYR C 298 46.40 24.54 -9.61
N PHE C 299 45.38 25.22 -9.11
CA PHE C 299 44.06 24.65 -8.89
C PHE C 299 43.08 25.79 -8.67
N PRO C 300 41.76 25.56 -8.92
CA PRO C 300 40.78 26.64 -8.70
C PRO C 300 40.54 26.95 -7.23
N ASP C 301 41.50 27.67 -6.62
CA ASP C 301 41.42 27.99 -5.20
C ASP C 301 40.22 28.88 -4.87
N SER C 302 39.90 29.84 -5.75
CA SER C 302 38.76 30.73 -5.53
C SER C 302 37.45 29.95 -5.52
N LEU C 303 37.30 28.99 -6.44
CA LEU C 303 36.10 28.18 -6.51
C LEU C 303 35.92 27.34 -5.24
N LEU C 304 37.00 26.72 -4.77
CA LEU C 304 36.94 25.92 -3.56
C LEU C 304 36.63 26.78 -2.34
N LYS C 305 37.21 27.99 -2.29
CA LYS C 305 36.95 28.90 -1.20
C LYS C 305 35.50 29.35 -1.18
N ASN C 306 34.92 29.60 -2.36
CA ASN C 306 33.55 30.09 -2.46
C ASN C 306 32.54 29.07 -1.94
N ILE C 307 32.72 27.80 -2.27
CA ILE C 307 31.81 26.76 -1.82
C ILE C 307 32.15 26.34 -0.39
N ILE D 3 3.93 -10.81 53.86
CA ILE D 3 2.98 -10.22 52.92
C ILE D 3 1.56 -10.45 53.39
N ARG D 4 0.60 -10.32 52.48
CA ARG D 4 -0.81 -10.44 52.79
C ARG D 4 -1.31 -11.83 52.42
N THR D 5 -1.92 -12.53 53.38
CA THR D 5 -2.50 -13.84 53.17
C THR D 5 -3.94 -13.84 53.63
N ILE D 6 -4.77 -14.63 52.95
CA ILE D 6 -6.15 -14.80 53.36
C ILE D 6 -6.19 -15.65 54.63
N SER D 7 -7.18 -15.39 55.49
CA SER D 7 -7.26 -16.09 56.76
C SER D 7 -8.66 -16.62 57.11
N LYS D 8 -9.72 -16.04 56.57
CA LYS D 8 -11.07 -16.47 56.93
C LYS D 8 -12.04 -16.06 55.82
N ILE D 9 -12.86 -17.01 55.38
CA ILE D 9 -13.89 -16.76 54.37
C ILE D 9 -15.22 -17.25 54.93
N GLU D 10 -16.19 -16.34 55.03
CA GLU D 10 -17.54 -16.67 55.50
C GLU D 10 -18.50 -16.49 54.34
N LEU D 11 -19.24 -17.54 54.03
CA LEU D 11 -20.23 -17.52 52.96
C LEU D 11 -21.62 -17.71 53.53
N SER D 12 -22.59 -16.98 52.99
CA SER D 12 -23.97 -17.05 53.45
C SER D 12 -24.88 -17.24 52.25
N LYS D 13 -25.62 -18.35 52.25
CA LYS D 13 -26.65 -18.68 51.26
C LYS D 13 -26.10 -18.74 49.84
N ILE D 14 -25.03 -19.51 49.66
CA ILE D 14 -24.50 -19.75 48.32
C ILE D 14 -25.48 -20.65 47.58
N HIS D 15 -25.99 -20.15 46.45
CA HIS D 15 -27.14 -20.69 45.70
C HIS D 15 -28.40 -20.76 46.57
N ASN D 16 -28.48 -19.93 47.61
CA ASN D 16 -29.56 -19.86 48.59
C ASN D 16 -29.85 -21.20 49.26
N ARG D 17 -28.85 -22.06 49.41
CA ARG D 17 -29.11 -23.38 49.99
C ARG D 17 -28.15 -23.75 51.12
N TYR D 18 -26.89 -23.37 51.03
CA TYR D 18 -25.91 -23.78 52.02
C TYR D 18 -25.03 -22.61 52.43
N ASN D 19 -24.50 -22.70 53.65
CA ASN D 19 -23.62 -21.69 54.22
C ASN D 19 -22.29 -22.33 54.57
N LEU D 20 -21.20 -21.57 54.41
CA LEU D 20 -19.86 -22.08 54.69
C LEU D 20 -19.03 -21.02 55.38
N THR D 21 -18.22 -21.45 56.35
CA THR D 21 -17.30 -20.55 57.04
C THR D 21 -16.02 -21.32 57.30
N VAL D 22 -14.95 -21.00 56.59
CA VAL D 22 -13.69 -21.71 56.66
C VAL D 22 -12.59 -20.72 57.02
N ASP D 23 -11.84 -21.02 58.09
CA ASP D 23 -10.67 -20.25 58.46
C ASP D 23 -9.44 -20.84 57.78
N PHE D 24 -8.49 -19.98 57.44
CA PHE D 24 -7.32 -20.38 56.68
C PHE D 24 -6.04 -19.98 57.40
N PHE D 25 -4.99 -20.77 57.14
CA PHE D 25 -3.64 -20.48 57.61
C PHE D 25 -2.91 -19.61 56.60
N ASN D 26 -1.78 -19.05 57.03
CA ASN D 26 -1.02 -18.14 56.19
C ASN D 26 -0.05 -18.86 55.26
N ASP D 27 0.19 -20.15 55.45
CA ASP D 27 1.19 -20.87 54.67
C ASP D 27 0.58 -21.95 53.80
N LEU D 28 -0.17 -22.89 54.37
CA LEU D 28 -0.71 -24.01 53.61
C LEU D 28 -2.13 -24.29 54.08
N ASN D 29 -3.04 -24.49 53.13
CA ASN D 29 -4.45 -24.74 53.42
C ASN D 29 -4.91 -25.94 52.60
N VAL D 30 -4.77 -27.13 53.16
CA VAL D 30 -5.24 -28.36 52.51
C VAL D 30 -6.72 -28.51 52.79
N ILE D 31 -7.52 -28.66 51.74
CA ILE D 31 -8.97 -28.78 51.86
C ILE D 31 -9.39 -30.15 51.33
N HIS D 32 -10.13 -30.89 52.15
CA HIS D 32 -10.62 -32.21 51.81
C HIS D 32 -12.11 -32.29 52.08
N GLY D 33 -12.80 -33.13 51.32
CA GLY D 33 -14.23 -33.28 51.49
C GLY D 33 -14.80 -34.22 50.45
N LYS D 34 -16.12 -34.29 50.45
CA LYS D 34 -16.83 -35.16 49.51
C LYS D 34 -17.05 -34.45 48.18
N ASN D 35 -17.57 -35.20 47.21
CA ASN D 35 -17.83 -34.64 45.89
C ASN D 35 -19.03 -33.72 45.91
N GLY D 36 -18.91 -32.58 45.24
CA GLY D 36 -20.00 -31.61 45.22
C GLY D 36 -20.20 -30.86 46.50
N ALA D 37 -19.18 -30.77 47.36
CA ALA D 37 -19.34 -30.08 48.64
C ALA D 37 -19.33 -28.57 48.47
N GLY D 38 -18.87 -28.07 47.33
CA GLY D 38 -18.81 -26.64 47.10
C GLY D 38 -17.40 -26.10 47.22
N LYS D 39 -16.42 -27.00 47.08
CA LYS D 39 -15.02 -26.58 47.16
C LYS D 39 -14.63 -25.75 45.95
N SER D 40 -15.14 -26.10 44.76
CA SER D 40 -14.86 -25.34 43.56
C SER D 40 -15.46 -23.94 43.63
N THR D 41 -16.68 -23.83 44.18
CA THR D 41 -17.32 -22.54 44.36
C THR D 41 -16.55 -21.67 45.34
N LEU D 42 -16.04 -22.28 46.42
CA LEU D 42 -15.19 -21.57 47.37
C LEU D 42 -13.89 -21.11 46.72
N ILE D 43 -13.33 -21.93 45.83
CA ILE D 43 -12.12 -21.55 45.11
C ILE D 43 -12.39 -20.36 44.20
N HIS D 44 -13.53 -20.36 43.51
CA HIS D 44 -13.90 -19.24 42.64
C HIS D 44 -14.13 -17.96 43.45
N VAL D 45 -14.75 -18.09 44.63
CA VAL D 45 -15.00 -16.95 45.51
C VAL D 45 -13.67 -16.37 46.00
N ILE D 46 -12.76 -17.23 46.43
CA ILE D 46 -11.45 -16.80 46.93
C ILE D 46 -10.63 -16.16 45.81
N ALA D 47 -10.69 -16.72 44.60
CA ALA D 47 -9.95 -16.16 43.47
C ALA D 47 -10.49 -14.80 43.06
N ASN D 48 -11.82 -14.63 43.05
CA ASN D 48 -12.39 -13.35 42.70
C ASN D 48 -12.19 -12.31 43.79
N ILE D 49 -12.08 -12.74 45.05
CA ILE D 49 -11.79 -11.81 46.14
C ILE D 49 -10.35 -11.34 46.07
N VAL D 50 -9.42 -12.28 45.93
CA VAL D 50 -7.99 -11.96 45.97
C VAL D 50 -7.57 -11.21 44.71
N ASN D 51 -8.04 -11.64 43.54
CA ASN D 51 -7.68 -10.99 42.29
C ASN D 51 -8.40 -9.66 42.08
N GLY D 52 -9.42 -9.35 42.89
CA GLY D 52 -10.10 -8.08 42.79
C GLY D 52 -11.08 -7.96 41.65
N ASP D 53 -11.39 -9.05 40.96
CA ASP D 53 -12.37 -9.03 39.87
C ASP D 53 -13.76 -9.16 40.49
N PHE D 54 -14.29 -8.02 40.92
CA PHE D 54 -15.56 -8.01 41.62
C PHE D 54 -16.76 -8.18 40.69
N ILE D 55 -16.57 -7.97 39.38
CA ILE D 55 -17.67 -8.07 38.43
C ILE D 55 -18.17 -9.50 38.25
N ARG D 56 -17.41 -10.50 38.71
CA ARG D 56 -17.90 -11.87 38.73
C ARG D 56 -18.98 -12.05 39.79
N PHE D 57 -18.96 -11.23 40.85
CA PHE D 57 -19.89 -11.41 41.96
C PHE D 57 -21.32 -11.02 41.62
N ALA D 58 -21.56 -10.38 40.47
CA ALA D 58 -22.91 -10.19 39.98
C ALA D 58 -23.50 -11.47 39.40
N PHE D 59 -22.70 -12.51 39.17
CA PHE D 59 -23.17 -13.76 38.61
C PHE D 59 -23.38 -14.85 39.66
N LEU D 60 -23.43 -14.48 40.94
CA LEU D 60 -23.60 -15.42 42.03
C LEU D 60 -24.91 -15.13 42.76
N ILE D 61 -25.67 -16.17 43.03
CA ILE D 61 -26.91 -16.05 43.80
C ILE D 61 -26.54 -16.26 45.27
N PHE D 62 -26.43 -15.16 46.01
CA PHE D 62 -25.95 -15.21 47.39
C PHE D 62 -26.56 -14.04 48.14
N GLU D 63 -26.24 -13.97 49.44
CA GLU D 63 -26.63 -12.84 50.27
C GLU D 63 -25.43 -12.07 50.81
N GLU D 64 -24.48 -12.75 51.45
CA GLU D 64 -23.35 -12.06 52.07
C GLU D 64 -22.10 -12.92 51.99
N ILE D 65 -20.98 -12.28 51.65
CA ILE D 65 -19.68 -12.92 51.58
C ILE D 65 -18.72 -12.09 52.43
N LYS D 66 -18.04 -12.73 53.37
CA LYS D 66 -17.06 -12.06 54.22
C LYS D 66 -15.67 -12.59 53.92
N ALA D 67 -14.71 -11.67 53.80
CA ALA D 67 -13.32 -12.02 53.51
C ALA D 67 -12.41 -11.30 54.49
N THR D 68 -11.41 -12.00 55.01
CA THR D 68 -10.47 -11.45 55.97
C THR D 68 -9.04 -11.78 55.53
N TYR D 69 -8.20 -10.76 55.47
CA TYR D 69 -6.79 -10.93 55.13
C TYR D 69 -5.95 -10.94 56.42
N SER D 70 -4.63 -11.10 56.24
CA SER D 70 -3.73 -11.16 57.39
C SER D 70 -3.46 -9.79 57.99
N ASP D 71 -3.54 -8.73 57.19
CA ASP D 71 -3.22 -7.38 57.66
C ASP D 71 -4.43 -6.66 58.26
N GLY D 72 -5.58 -7.33 58.35
CA GLY D 72 -6.76 -6.74 58.95
C GLY D 72 -7.78 -6.21 57.96
N LEU D 73 -7.54 -6.34 56.66
CA LEU D 73 -8.52 -5.89 55.66
C LEU D 73 -9.67 -6.89 55.58
N LYS D 74 -10.89 -6.38 55.74
CA LYS D 74 -12.09 -7.20 55.69
C LYS D 74 -13.03 -6.65 54.63
N ILE D 75 -13.55 -7.54 53.79
CA ILE D 75 -14.41 -7.17 52.66
C ILE D 75 -15.75 -7.87 52.83
N VAL D 76 -16.83 -7.10 52.75
CA VAL D 76 -18.19 -7.63 52.83
C VAL D 76 -18.87 -7.38 51.50
N ILE D 77 -19.33 -8.45 50.86
CA ILE D 77 -20.02 -8.39 49.58
C ILE D 77 -21.49 -8.74 49.82
N ARG D 78 -22.38 -7.86 49.41
CA ARG D 78 -23.81 -8.01 49.67
C ARG D 78 -24.58 -7.93 48.36
N ARG D 79 -25.46 -8.90 48.13
CA ARG D 79 -26.37 -8.89 47.00
C ARG D 79 -27.75 -8.45 47.49
N ASP D 80 -28.27 -7.38 46.91
CA ASP D 80 -29.58 -6.85 47.24
C ASP D 80 -30.49 -6.94 46.01
N LYS D 81 -31.80 -6.88 46.25
CA LYS D 81 -32.78 -6.87 45.17
C LYS D 81 -33.85 -5.84 45.51
N ILE D 82 -33.77 -4.68 44.88
CA ILE D 82 -34.69 -3.58 45.12
C ILE D 82 -35.44 -3.31 43.82
N ASP D 83 -36.79 -3.31 43.92
CA ASP D 83 -37.71 -3.04 42.81
C ASP D 83 -37.47 -4.00 41.63
N GLU D 84 -37.21 -5.27 41.99
CA GLU D 84 -36.85 -6.44 41.18
C GLU D 84 -35.45 -6.34 40.55
N GLN D 85 -34.76 -5.20 40.70
CA GLN D 85 -33.43 -5.03 40.13
C GLN D 85 -32.39 -5.44 41.15
N SER D 86 -31.42 -6.25 40.72
CA SER D 86 -30.42 -6.80 41.62
C SER D 86 -29.16 -5.94 41.60
N PHE D 87 -28.57 -5.75 42.78
CA PHE D 87 -27.40 -4.90 42.96
C PHE D 87 -26.36 -5.64 43.81
N ILE D 88 -25.10 -5.30 43.57
CA ILE D 88 -23.97 -5.81 44.35
C ILE D 88 -23.28 -4.62 45.01
N SER D 89 -23.11 -4.71 46.34
CA SER D 89 -22.43 -3.67 47.10
C SER D 89 -21.23 -4.31 47.80
N VAL D 90 -20.04 -3.75 47.55
CA VAL D 90 -18.80 -4.22 48.15
C VAL D 90 -18.31 -3.17 49.12
N THR D 91 -18.17 -3.55 50.39
CA THR D 91 -17.78 -2.63 51.45
C THR D 91 -16.47 -3.10 52.06
N LEU D 92 -15.51 -2.20 52.16
CA LEU D 92 -14.22 -2.51 52.77
C LEU D 92 -14.28 -2.30 54.29
N SER D 93 -13.18 -2.64 54.95
CA SER D 93 -13.11 -2.53 56.40
C SER D 93 -12.95 -1.10 56.88
N ASN D 94 -12.36 -0.23 56.07
CA ASN D 94 -12.12 1.16 56.46
C ASN D 94 -13.32 2.07 56.21
N GLY D 95 -14.42 1.53 55.68
CA GLY D 95 -15.60 2.31 55.39
C GLY D 95 -15.78 2.65 53.92
N LYS D 96 -14.77 2.44 53.08
CA LYS D 96 -14.91 2.67 51.65
C LYS D 96 -15.75 1.56 51.03
N TYR D 97 -16.60 1.95 50.09
CA TYR D 97 -17.51 0.99 49.47
C TYR D 97 -17.83 1.42 48.06
N ILE D 98 -18.36 0.47 47.30
CA ILE D 98 -18.91 0.73 45.97
C ILE D 98 -20.19 -0.09 45.83
N LYS D 99 -21.06 0.34 44.91
CA LYS D 99 -22.30 -0.36 44.63
C LYS D 99 -22.59 -0.25 43.15
N PHE D 100 -23.11 -1.33 42.57
CA PHE D 100 -23.42 -1.35 41.14
C PHE D 100 -24.56 -2.34 40.91
N ALA D 101 -25.01 -2.40 39.65
CA ALA D 101 -26.15 -3.23 39.29
C ALA D 101 -25.69 -4.53 38.66
N VAL D 102 -26.48 -5.59 38.89
CA VAL D 102 -26.21 -6.88 38.27
C VAL D 102 -26.50 -6.82 36.77
N GLY D 103 -27.62 -6.22 36.39
CA GLY D 103 -27.96 -6.11 34.98
C GLY D 103 -27.03 -5.21 34.20
N GLU D 104 -26.52 -4.14 34.82
CA GLU D 104 -25.53 -3.29 34.18
C GLU D 104 -24.23 -4.04 33.95
N ALA D 105 -23.80 -4.85 34.92
CA ALA D 105 -22.59 -5.65 34.75
C ALA D 105 -22.79 -6.73 33.69
N MET D 106 -23.98 -7.33 33.63
CA MET D 106 -24.26 -8.31 32.59
C MET D 106 -24.29 -7.67 31.20
N ALA D 107 -24.82 -6.46 31.10
CA ALA D 107 -24.78 -5.72 29.83
C ALA D 107 -23.36 -5.35 29.44
N THR D 108 -22.51 -5.02 30.43
CA THR D 108 -21.10 -4.75 30.16
C THR D 108 -20.39 -6.01 29.66
N VAL D 109 -20.67 -7.16 30.27
CA VAL D 109 -20.07 -8.42 29.83
C VAL D 109 -20.55 -8.80 28.44
N ARG D 110 -21.84 -8.58 28.15
CA ARG D 110 -22.37 -8.84 26.82
C ARG D 110 -21.80 -7.87 25.78
N GLU D 111 -21.51 -6.63 26.18
CA GLU D 111 -20.82 -5.70 25.29
C GLU D 111 -19.39 -6.15 25.00
N ILE D 112 -18.73 -6.72 26.01
CA ILE D 112 -17.40 -7.30 25.81
C ILE D 112 -17.47 -8.49 24.85
N GLU D 113 -18.50 -9.33 25.01
CA GLU D 113 -18.72 -10.45 24.09
C GLU D 113 -19.05 -9.98 22.69
N SER D 114 -19.91 -8.97 22.58
CA SER D 114 -20.29 -8.44 21.28
C SER D 114 -19.40 -7.26 20.89
N VAL D 123 -11.29 -2.71 25.29
CA VAL D 123 -11.78 -1.43 25.75
C VAL D 123 -12.85 -1.62 26.82
N LYS D 124 -12.53 -1.20 28.05
CA LYS D 124 -13.47 -1.35 29.15
C LYS D 124 -14.57 -0.29 29.06
N SER D 125 -15.73 -0.62 29.62
CA SER D 125 -16.86 0.30 29.67
C SER D 125 -16.73 1.21 30.88
N MET D 126 -17.81 1.94 31.20
CA MET D 126 -17.78 2.86 32.33
C MET D 126 -17.77 2.12 33.66
N LEU D 127 -18.53 1.02 33.75
CA LEU D 127 -18.62 0.28 35.01
C LEU D 127 -17.31 -0.47 35.31
N ALA D 128 -16.69 -1.04 34.28
CA ALA D 128 -15.42 -1.73 34.46
C ALA D 128 -14.31 -0.75 34.86
N MET D 129 -14.31 0.44 34.26
CA MET D 129 -13.35 1.47 34.66
C MET D 129 -13.64 1.98 36.06
N ASP D 130 -14.91 2.04 36.46
CA ASP D 130 -15.25 2.41 37.83
C ASP D 130 -14.74 1.38 38.84
N ILE D 131 -14.91 0.09 38.52
CA ILE D 131 -14.41 -0.98 39.40
C ILE D 131 -12.88 -0.95 39.47
N ASP D 132 -12.24 -0.72 38.33
CA ASP D 132 -10.77 -0.62 38.28
C ASP D 132 -10.26 0.57 39.08
N LYS D 133 -10.95 1.71 38.97
CA LYS D 133 -10.57 2.90 39.74
C LYS D 133 -10.77 2.68 41.23
N PHE D 134 -11.87 2.00 41.61
CA PHE D 134 -12.12 1.72 43.02
C PHE D 134 -11.09 0.76 43.61
N VAL D 135 -10.69 -0.27 42.86
CA VAL D 135 -9.67 -1.18 43.37
C VAL D 135 -8.27 -0.64 43.21
N LYS D 136 -8.08 0.43 42.43
CA LYS D 136 -6.77 1.04 42.29
C LYS D 136 -6.52 2.11 43.36
N GLU D 137 -7.51 2.97 43.63
CA GLU D 137 -7.32 4.01 44.64
C GLU D 137 -7.39 3.47 46.06
N ASN D 138 -7.94 2.26 46.25
CA ASN D 138 -7.93 1.60 47.54
C ASN D 138 -6.86 0.53 47.66
N GLU D 139 -6.20 0.19 46.54
CA GLU D 139 -5.16 -0.85 46.44
C GLU D 139 -5.67 -2.20 46.94
N LEU D 140 -6.67 -2.71 46.22
CA LEU D 140 -7.31 -3.97 46.58
C LEU D 140 -6.72 -5.17 45.85
N GLN D 141 -5.66 -4.97 45.07
CA GLN D 141 -5.01 -6.03 44.31
C GLN D 141 -3.53 -6.08 44.62
N LYS D 142 -3.19 -6.06 45.92
CA LYS D 142 -1.80 -6.19 46.34
C LYS D 142 -1.26 -7.58 46.04
N VAL D 143 -2.07 -8.61 46.28
CA VAL D 143 -1.68 -10.00 46.04
C VAL D 143 -2.62 -10.57 44.97
N ARG D 144 -2.04 -11.20 43.96
CA ARG D 144 -2.82 -11.86 42.93
C ARG D 144 -3.08 -13.32 43.35
N ALA D 145 -3.60 -14.12 42.44
CA ALA D 145 -3.85 -15.52 42.73
C ALA D 145 -3.78 -16.31 41.43
N SER D 146 -2.85 -17.26 41.35
CA SER D 146 -2.76 -18.15 40.21
C SER D 146 -3.82 -19.24 40.32
N TYR D 147 -4.73 -19.29 39.36
CA TYR D 147 -5.89 -20.18 39.43
C TYR D 147 -5.67 -21.39 38.54
N PHE D 148 -5.83 -22.58 39.13
CA PHE D 148 -5.71 -23.84 38.40
C PHE D 148 -7.08 -24.48 38.27
N PRO D 149 -7.71 -24.44 37.10
CA PRO D 149 -9.00 -25.12 36.93
C PRO D 149 -8.84 -26.62 36.85
N ALA D 150 -9.93 -27.32 37.09
CA ALA D 150 -9.93 -28.78 36.99
C ALA D 150 -9.93 -29.26 35.55
N PHE D 151 -10.25 -28.39 34.59
CA PHE D 151 -10.34 -28.74 33.18
C PHE D 151 -9.16 -28.21 32.38
N ARG D 152 -8.04 -27.91 33.04
CA ARG D 152 -6.92 -27.25 32.37
C ARG D 152 -6.20 -28.17 31.40
N THR D 153 -6.36 -29.49 31.52
CA THR D 153 -5.82 -30.41 30.53
C THR D 153 -6.50 -30.23 29.17
N MET D 154 -7.81 -30.04 29.18
CA MET D 154 -8.51 -29.70 27.94
C MET D 154 -8.19 -28.29 27.48
N LEU D 155 -7.98 -27.36 28.42
CA LEU D 155 -7.73 -25.97 28.07
C LEU D 155 -6.38 -25.79 27.41
N GLU D 156 -5.35 -26.50 27.86
CA GLU D 156 -4.04 -26.38 27.24
C GLU D 156 -4.03 -27.03 25.85
N ALA D 157 -4.83 -28.08 25.64
CA ALA D 157 -4.96 -28.66 24.31
C ALA D 157 -5.71 -27.73 23.38
N TRP D 158 -6.72 -27.03 23.90
CA TRP D 158 -7.43 -26.02 23.13
C TRP D 158 -6.52 -24.86 22.76
N SER D 159 -5.65 -24.46 23.68
CA SER D 159 -4.72 -23.37 23.39
C SER D 159 -3.65 -23.79 22.40
N SER D 160 -3.15 -25.03 22.51
CA SER D 160 -2.15 -25.52 21.58
C SER D 160 -2.70 -25.83 20.21
N SER D 161 -4.00 -26.13 20.12
CA SER D 161 -4.65 -26.37 18.83
C SER D 161 -5.17 -25.11 18.19
N SER D 162 -5.00 -23.95 18.83
CA SER D 162 -5.45 -22.68 18.28
C SER D 162 -4.25 -21.79 17.92
N ARG D 172 -1.54 -18.22 25.12
CA ARG D 172 -2.01 -18.07 26.49
C ARG D 172 -0.84 -17.81 27.44
N SER D 173 -1.05 -16.93 28.40
CA SER D 173 -0.05 -16.62 29.41
C SER D 173 -0.76 -16.19 30.68
N SER D 174 0.03 -15.80 31.68
CA SER D 174 -0.54 -15.28 32.92
C SER D 174 -1.14 -13.89 32.74
N PHE D 175 -0.70 -13.14 31.73
CA PHE D 175 -1.22 -11.81 31.44
C PHE D 175 -2.10 -11.76 30.20
N TYR D 176 -1.87 -12.62 29.22
CA TYR D 176 -2.61 -12.64 27.97
C TYR D 176 -3.41 -13.94 27.92
N ASN D 177 -4.58 -13.93 28.54
CA ASN D 177 -5.41 -15.12 28.62
C ASN D 177 -6.89 -14.78 28.42
N ARG D 178 -7.18 -13.75 27.64
CA ARG D 178 -8.55 -13.25 27.52
C ARG D 178 -9.44 -14.23 26.75
N LYS D 179 -8.93 -14.78 25.65
CA LYS D 179 -9.71 -15.72 24.85
C LYS D 179 -9.91 -17.05 25.58
N ALA D 180 -8.88 -17.52 26.27
CA ALA D 180 -9.00 -18.75 27.05
C ALA D 180 -9.96 -18.58 28.22
N SER D 181 -9.91 -17.43 28.89
CA SER D 181 -10.86 -17.17 29.97
C SER D 181 -12.28 -17.00 29.44
N ALA D 182 -12.43 -16.43 28.24
CA ALA D 182 -13.75 -16.31 27.62
C ALA D 182 -14.31 -17.68 27.27
N PHE D 183 -13.48 -18.57 26.75
CA PHE D 183 -13.92 -19.94 26.44
C PHE D 183 -14.27 -20.71 27.72
N ALA D 184 -13.46 -20.54 28.77
CA ALA D 184 -13.72 -21.22 30.04
C ALA D 184 -14.99 -20.70 30.71
N ARG D 185 -15.24 -19.39 30.64
CA ARG D 185 -16.46 -18.83 31.19
C ARG D 185 -17.67 -19.11 30.30
N GLU D 186 -17.47 -19.36 29.01
CA GLU D 186 -18.55 -19.87 28.19
C GLU D 186 -18.93 -21.29 28.61
N LEU D 187 -17.94 -22.12 28.90
CA LEU D 187 -18.23 -23.50 29.29
C LEU D 187 -18.73 -23.63 30.73
N PHE D 188 -18.35 -22.72 31.63
CA PHE D 188 -18.64 -22.90 33.05
C PHE D 188 -19.27 -21.67 33.69
N GLY D 189 -19.95 -20.85 32.90
CA GLY D 189 -20.63 -19.70 33.45
C GLY D 189 -19.71 -18.53 33.72
N GLN D 190 -20.31 -17.36 33.89
CA GLN D 190 -19.54 -16.12 34.01
C GLN D 190 -19.07 -15.84 35.43
N PHE D 191 -19.37 -16.72 36.38
CA PHE D 191 -18.79 -16.62 37.73
C PHE D 191 -17.34 -17.10 37.77
N LEU D 192 -16.89 -17.79 36.73
CA LEU D 192 -15.55 -18.38 36.73
C LEU D 192 -14.48 -17.30 36.64
N PRO D 193 -13.44 -17.36 37.47
CA PRO D 193 -12.40 -16.33 37.47
C PRO D 193 -11.47 -16.47 36.26
N SER D 194 -10.52 -15.54 36.17
CA SER D 194 -9.58 -15.53 35.06
C SER D 194 -8.56 -16.65 35.22
N ILE D 195 -8.08 -17.16 34.09
CA ILE D 195 -7.13 -18.27 34.05
C ILE D 195 -5.73 -17.68 34.25
N ASN D 196 -5.22 -17.77 35.48
CA ASN D 196 -3.95 -17.15 35.82
C ASN D 196 -2.80 -18.14 35.90
N TYR D 197 -3.04 -19.44 35.71
CA TYR D 197 -1.90 -20.35 35.76
C TYR D 197 -1.13 -20.27 34.45
N PRO D 198 0.21 -20.29 34.51
CA PRO D 198 1.02 -20.06 33.32
C PRO D 198 1.07 -21.28 32.40
N SER D 199 1.47 -21.01 31.16
CA SER D 199 1.73 -21.88 30.03
C SER D 199 3.19 -22.31 30.03
N PRO D 200 3.50 -23.50 29.47
CA PRO D 200 4.91 -23.92 29.38
C PRO D 200 5.78 -23.02 28.50
N MET D 201 5.19 -22.36 27.51
CA MET D 201 5.94 -21.40 26.70
C MET D 201 6.35 -20.20 27.54
N GLU D 202 5.48 -19.74 28.44
CA GLU D 202 5.81 -18.66 29.36
C GLU D 202 6.92 -19.09 30.33
N ILE D 203 6.88 -20.35 30.78
CA ILE D 203 7.92 -20.88 31.64
C ILE D 203 9.26 -20.95 30.91
N GLU D 204 9.24 -21.35 29.64
CA GLU D 204 10.45 -21.41 28.84
C GLU D 204 11.04 -20.03 28.59
N ASP D 205 10.18 -19.04 28.29
CA ASP D 205 10.66 -17.67 28.10
C ASP D 205 11.19 -17.08 29.39
N ARG D 206 10.55 -17.40 30.53
CA ARG D 206 11.04 -16.93 31.82
C ARG D 206 12.39 -17.56 32.15
N LEU D 207 12.57 -18.84 31.82
CA LEU D 207 13.85 -19.50 32.02
C LEU D 207 14.95 -18.87 31.16
N ARG D 208 14.63 -18.56 29.91
CA ARG D 208 15.62 -17.93 29.03
C ARG D 208 15.99 -16.53 29.50
N GLU D 209 14.99 -15.76 29.96
CA GLU D 209 15.28 -14.42 30.47
C GLU D 209 16.08 -14.46 31.76
N GLU D 210 15.79 -15.42 32.64
CA GLU D 210 16.57 -15.58 33.86
C GLU D 210 18.01 -15.99 33.56
N ILE D 211 18.20 -16.86 32.55
CA ILE D 211 19.54 -17.28 32.16
C ILE D 211 20.32 -16.10 31.57
N ARG D 212 19.67 -15.29 30.73
CA ARG D 212 20.34 -14.12 30.14
C ARG D 212 20.70 -13.09 31.21
N ARG D 213 19.80 -12.84 32.16
CA ARG D 213 20.10 -11.90 33.24
C ARG D 213 21.19 -12.43 34.16
N ALA D 214 21.22 -13.75 34.39
CA ALA D 214 22.28 -14.35 35.19
C ALA D 214 23.63 -14.23 34.49
N GLN D 215 23.67 -14.43 33.17
CA GLN D 215 24.91 -14.28 32.42
C GLN D 215 25.39 -12.83 32.43
N LEU D 216 24.46 -11.87 32.32
CA LEU D 216 24.83 -10.46 32.35
C LEU D 216 25.36 -10.06 33.73
N GLY D 217 24.73 -10.55 34.80
CA GLY D 217 25.23 -10.30 36.14
C GLY D 217 26.58 -10.95 36.40
N ILE D 218 26.79 -12.14 35.83
CA ILE D 218 28.07 -12.83 35.95
C ILE D 218 29.16 -12.04 35.24
N ALA D 219 28.85 -11.50 34.06
CA ALA D 219 29.83 -10.68 33.34
C ALA D 219 30.16 -9.39 34.09
N ALA D 220 29.15 -8.73 34.65
CA ALA D 220 29.38 -7.51 35.43
C ALA D 220 30.20 -7.79 36.68
N TYR D 221 29.89 -8.89 37.39
CA TYR D 221 30.66 -9.27 38.56
C TYR D 221 32.06 -9.72 38.18
N GLU D 222 32.25 -10.29 37.00
CA GLU D 222 33.58 -10.67 36.55
C GLU D 222 34.44 -9.44 36.26
N SER D 223 33.85 -8.42 35.64
CA SER D 223 34.57 -7.17 35.42
C SER D 223 34.93 -6.50 36.75
N ARG D 224 33.98 -6.48 37.69
CA ARG D 224 34.22 -5.90 39.01
C ARG D 224 35.28 -6.67 39.79
N THR D 225 35.24 -8.01 39.70
CA THR D 225 36.19 -8.84 40.43
C THR D 225 37.59 -8.73 39.82
N PHE D 226 37.68 -8.62 38.49
CA PHE D 226 38.98 -8.41 37.85
C PHE D 226 39.58 -7.07 38.24
N SER D 227 38.75 -6.01 38.27
CA SER D 227 39.24 -4.71 38.69
C SER D 227 39.67 -4.70 40.15
N GLU D 228 38.88 -5.33 41.02
CA GLU D 228 39.21 -5.40 42.45
C GLU D 228 40.47 -6.22 42.70
N SER D 229 40.63 -7.34 42.00
CA SER D 229 41.82 -8.15 42.16
C SER D 229 43.05 -7.48 41.59
N PHE D 230 42.89 -6.69 40.52
CA PHE D 230 44.05 -5.95 40.00
C PHE D 230 44.44 -4.81 40.93
N VAL D 231 43.46 -4.18 41.59
CA VAL D 231 43.78 -3.17 42.60
C VAL D 231 44.47 -3.82 43.79
N LYS D 232 44.00 -4.99 44.22
CA LYS D 232 44.56 -5.64 45.40
C LYS D 232 45.90 -6.31 45.11
N VAL D 233 46.20 -6.59 43.84
CA VAL D 233 47.35 -7.44 43.56
C VAL D 233 48.66 -6.65 43.43
N PHE D 234 48.59 -5.35 43.15
CA PHE D 234 49.81 -4.59 42.95
C PHE D 234 50.16 -3.78 44.19
N SER D 235 51.33 -3.11 44.12
CA SER D 235 51.94 -2.37 45.24
C SER D 235 52.11 -3.25 46.46
N ALA D 236 52.61 -4.47 46.24
CA ALA D 236 52.84 -5.42 47.32
C ALA D 236 54.14 -5.09 48.05
N THR D 248 51.90 -23.02 49.93
CA THR D 248 51.70 -22.59 48.56
C THR D 248 51.26 -23.75 47.68
N GLY D 249 51.68 -24.96 48.04
CA GLY D 249 51.27 -26.14 47.30
C GLY D 249 49.79 -26.45 47.47
N GLU D 250 49.28 -26.29 48.70
CA GLU D 250 47.85 -26.51 48.95
C GLU D 250 46.99 -25.48 48.24
N LEU D 251 47.50 -24.25 48.09
CA LEU D 251 46.81 -23.24 47.30
C LEU D 251 46.71 -23.66 45.84
N LEU D 252 47.78 -24.24 45.28
CA LEU D 252 47.74 -24.73 43.90
C LEU D 252 46.81 -25.93 43.77
N LYS D 253 46.75 -26.78 44.79
CA LYS D 253 45.81 -27.90 44.79
C LYS D 253 44.36 -27.41 44.83
N GLU D 254 44.08 -26.39 45.63
CA GLU D 254 42.74 -25.82 45.69
C GLU D 254 42.37 -25.13 44.38
N ILE D 255 43.33 -24.46 43.76
CA ILE D 255 43.11 -23.82 42.46
C ILE D 255 42.85 -24.88 41.38
N GLU D 256 43.57 -26.01 41.45
CA GLU D 256 43.32 -27.13 40.53
C GLU D 256 41.93 -27.72 40.73
N GLY D 257 41.51 -27.87 41.99
CA GLY D 257 40.17 -28.38 42.25
C GLY D 257 39.08 -27.43 41.78
N LEU D 258 39.29 -26.12 41.96
CA LEU D 258 38.35 -25.13 41.46
C LEU D 258 38.29 -25.14 39.93
N ALA D 259 39.44 -25.31 39.27
CA ALA D 259 39.46 -25.35 37.81
C ALA D 259 38.77 -26.61 37.28
N ILE D 260 38.96 -27.74 37.96
CA ILE D 260 38.27 -28.97 37.58
C ILE D 260 36.76 -28.85 37.78
N ALA D 261 36.35 -28.22 38.89
CA ALA D 261 34.92 -28.01 39.15
C ALA D 261 34.28 -27.06 38.16
N GLN D 262 34.98 -25.98 37.79
CA GLN D 262 34.42 -25.02 36.84
C GLN D 262 34.45 -25.53 35.41
N ASP D 263 35.40 -26.40 35.07
CA ASP D 263 35.43 -26.97 33.72
C ASP D 263 34.32 -28.01 33.54
N SER D 264 33.94 -28.69 34.62
CA SER D 264 32.93 -29.73 34.57
C SER D 264 31.56 -29.23 35.00
N SER D 265 31.23 -27.99 34.69
CA SER D 265 29.95 -27.39 35.04
C SER D 265 29.21 -26.99 33.77
N ILE D 266 27.88 -27.11 33.82
CA ILE D 266 27.04 -26.76 32.68
C ILE D 266 27.01 -25.25 32.47
N LYS D 267 27.16 -24.48 33.55
CA LYS D 267 27.01 -23.02 33.48
C LYS D 267 28.17 -22.34 32.76
N ASN D 268 29.31 -23.00 32.61
CA ASN D 268 30.50 -22.41 32.01
C ASN D 268 30.67 -22.81 30.55
N GLY D 269 29.57 -22.90 29.81
CA GLY D 269 29.66 -23.30 28.40
C GLY D 269 30.32 -22.27 27.52
N TYR D 270 30.25 -20.98 27.91
CA TYR D 270 30.90 -19.94 27.12
C TYR D 270 32.41 -19.95 27.30
N TYR D 271 32.91 -20.44 28.43
CA TYR D 271 34.36 -20.51 28.67
C TYR D 271 34.63 -21.64 29.65
N ALA D 272 35.37 -22.66 29.18
CA ALA D 272 35.68 -23.84 29.97
C ALA D 272 37.15 -24.20 29.83
N GLU D 273 38.03 -23.23 29.99
CA GLU D 273 39.46 -23.42 29.85
C GLU D 273 40.22 -22.92 31.07
N TYR D 274 39.76 -23.32 32.26
CA TYR D 274 40.42 -22.91 33.49
C TYR D 274 41.63 -23.78 33.82
N SER D 275 41.59 -25.07 33.42
CA SER D 275 42.69 -25.97 33.75
C SER D 275 43.96 -25.63 32.97
N LYS D 276 43.82 -25.13 31.74
CA LYS D 276 44.98 -24.66 31.00
C LYS D 276 45.60 -23.44 31.67
N VAL D 277 44.77 -22.56 32.23
CA VAL D 277 45.24 -21.41 32.98
C VAL D 277 45.99 -21.85 34.22
N TYR D 278 45.46 -22.85 34.94
CA TYR D 278 46.14 -23.39 36.11
C TYR D 278 47.48 -24.04 35.75
N GLU D 279 47.52 -24.78 34.64
CA GLU D 279 48.76 -25.44 34.24
C GLU D 279 49.81 -24.43 33.81
N GLU D 280 49.40 -23.35 33.12
CA GLU D 280 50.34 -22.29 32.75
C GLU D 280 50.86 -21.55 33.97
N ILE D 281 49.99 -21.31 34.97
CA ILE D 281 50.41 -20.67 36.22
C ILE D 281 51.41 -21.56 36.96
N ARG D 282 51.13 -22.87 37.01
CA ARG D 282 52.03 -23.81 37.69
C ARG D 282 53.37 -23.93 36.97
N SER D 283 53.35 -23.91 35.64
CA SER D 283 54.60 -23.97 34.88
C SER D 283 55.41 -22.67 35.03
N LEU D 284 54.75 -21.53 35.16
CA LEU D 284 55.47 -20.29 35.42
C LEU D 284 56.05 -20.27 36.84
N ILE D 285 55.33 -20.87 37.80
CA ILE D 285 55.81 -20.90 39.18
C ILE D 285 56.99 -21.86 39.31
N ASN D 286 56.91 -23.03 38.66
CA ASN D 286 57.85 -24.12 38.90
C ASN D 286 59.27 -23.82 38.44
N ARG D 287 59.46 -22.90 37.50
CA ARG D 287 60.82 -22.58 37.04
C ARG D 287 61.58 -21.71 38.03
N ASN D 288 60.88 -21.05 38.96
CA ASN D 288 61.55 -20.22 39.96
C ASN D 288 60.87 -20.34 41.31
N ASN D 295 55.64 -15.48 49.59
CA ASN D 295 56.03 -14.09 49.73
C ASN D 295 55.08 -13.18 48.95
N SER D 296 55.64 -12.38 48.04
CA SER D 296 54.81 -11.51 47.21
C SER D 296 54.04 -12.30 46.16
N VAL D 297 54.59 -13.44 45.71
CA VAL D 297 53.88 -14.32 44.79
C VAL D 297 52.71 -15.00 45.49
N SER D 298 52.85 -15.26 46.79
CA SER D 298 51.79 -15.91 47.56
C SER D 298 50.56 -15.01 47.69
N GLY D 299 50.76 -13.68 47.78
CA GLY D 299 49.62 -12.78 47.81
C GLY D 299 48.85 -12.76 46.50
N ALA D 300 49.56 -12.79 45.37
CA ALA D 300 48.90 -12.90 44.07
C ALA D 300 48.19 -14.24 43.93
N LEU D 301 48.80 -15.31 44.46
CA LEU D 301 48.18 -16.62 44.42
C LEU D 301 46.89 -16.67 45.25
N VAL D 302 46.89 -16.07 46.44
CA VAL D 302 45.69 -16.14 47.26
C VAL D 302 44.61 -15.20 46.74
N VAL D 303 44.97 -14.05 46.13
CA VAL D 303 43.90 -13.24 45.57
C VAL D 303 43.36 -13.85 44.27
N TYR D 304 44.19 -14.60 43.53
CA TYR D 304 43.68 -15.33 42.37
C TYR D 304 42.75 -16.46 42.79
N ARG D 305 43.11 -17.18 43.86
CA ARG D 305 42.25 -18.23 44.38
C ARG D 305 40.95 -17.65 44.94
N ASP D 306 41.02 -16.49 45.59
CA ASP D 306 39.81 -15.86 46.10
C ASP D 306 38.93 -15.33 44.96
N ALA D 307 39.55 -14.88 43.86
CA ALA D 307 38.77 -14.47 42.70
C ALA D 307 38.07 -15.66 42.06
N LEU D 308 38.75 -16.80 41.97
CA LEU D 308 38.12 -18.01 41.45
C LEU D 308 36.99 -18.49 42.36
N ARG D 309 37.20 -18.40 43.68
CA ARG D 309 36.15 -18.73 44.65
C ARG D 309 34.96 -17.78 44.53
N ASP D 310 35.22 -16.49 44.31
CA ASP D 310 34.15 -15.52 44.16
C ASP D 310 33.34 -15.78 42.89
N ARG D 311 34.02 -16.15 41.79
CA ARG D 311 33.30 -16.50 40.57
C ARG D 311 32.47 -17.76 40.75
N GLN D 312 33.03 -18.77 41.41
CA GLN D 312 32.32 -20.02 41.64
C GLN D 312 31.11 -19.82 42.55
N ASP D 313 31.23 -18.95 43.56
CA ASP D 313 30.09 -18.67 44.42
C ASP D 313 29.06 -17.78 43.73
N TYR D 314 29.50 -16.85 42.89
CA TYR D 314 28.55 -15.96 42.21
C TYR D 314 27.76 -16.67 41.15
N GLN D 315 28.35 -17.68 40.49
CA GLN D 315 27.60 -18.48 39.53
C GLN D 315 26.45 -19.23 40.21
N GLU D 316 26.74 -19.83 41.37
CA GLU D 316 25.69 -20.53 42.11
C GLU D 316 24.66 -19.56 42.69
N LYS D 317 25.11 -18.36 43.08
CA LYS D 317 24.18 -17.34 43.57
C LYS D 317 23.25 -16.87 42.46
N ALA D 318 23.76 -16.75 41.24
CA ALA D 318 22.93 -16.34 40.11
C ALA D 318 21.99 -17.46 39.68
N PHE D 319 22.45 -18.71 39.74
CA PHE D 319 21.68 -19.84 39.22
C PHE D 319 20.96 -20.64 40.30
N SER D 320 20.88 -20.11 41.53
CA SER D 320 20.27 -20.85 42.63
C SER D 320 18.80 -21.14 42.41
N GLU D 321 18.04 -20.14 41.93
CA GLU D 321 16.61 -20.34 41.71
C GLU D 321 16.33 -21.33 40.58
N ILE D 322 17.10 -21.21 39.49
CA ILE D 322 16.92 -22.11 38.35
C ILE D 322 17.34 -23.53 38.72
N ASP D 323 18.43 -23.66 39.50
CA ASP D 323 18.87 -24.99 39.91
C ASP D 323 17.91 -25.63 40.90
N ASN D 324 17.33 -24.83 41.80
CA ASN D 324 16.32 -25.35 42.72
C ASN D 324 15.07 -25.79 41.97
N TYR D 325 14.64 -25.01 40.98
CA TYR D 325 13.47 -25.38 40.19
C TYR D 325 13.73 -26.63 39.36
N MET D 326 14.92 -26.75 38.77
CA MET D 326 15.24 -27.94 37.98
C MET D 326 15.47 -29.15 38.85
N SER D 327 15.93 -28.95 40.10
CA SER D 327 16.05 -30.06 41.03
C SER D 327 14.68 -30.55 41.48
N SER D 328 13.73 -29.63 41.64
CA SER D 328 12.37 -30.02 41.99
C SER D 328 11.68 -30.72 40.82
N VAL D 329 11.92 -30.25 39.60
CA VAL D 329 11.28 -30.84 38.43
C VAL D 329 11.88 -32.21 38.13
N ASN D 330 13.21 -32.31 38.12
CA ASN D 330 13.88 -33.55 37.77
C ASN D 330 13.77 -34.63 38.84
N SER D 331 13.27 -34.29 40.03
CA SER D 331 12.96 -35.30 41.04
C SER D 331 11.73 -36.13 40.68
N PHE D 332 10.95 -35.71 39.69
CA PHE D 332 9.81 -36.48 39.22
C PHE D 332 10.04 -37.15 37.87
N LEU D 333 10.81 -36.52 36.99
CA LEU D 333 11.06 -37.10 35.67
C LEU D 333 12.04 -38.25 35.77
N GLU D 334 11.78 -39.31 35.00
CA GLU D 334 12.57 -40.54 35.06
C GLU D 334 13.56 -40.65 33.89
N ASP D 335 13.07 -40.62 32.66
CA ASP D 335 13.88 -40.85 31.47
C ASP D 335 14.31 -39.55 30.80
N LYS D 336 14.15 -38.42 31.50
CA LYS D 336 14.50 -37.12 30.93
C LYS D 336 14.80 -36.16 32.07
N GLU D 337 15.44 -35.05 31.73
CA GLU D 337 15.70 -34.00 32.70
C GLU D 337 15.64 -32.65 32.00
N MET D 338 15.02 -31.67 32.65
CA MET D 338 15.00 -30.32 32.11
C MET D 338 16.35 -29.66 32.36
N ALA D 339 16.95 -29.13 31.30
CA ALA D 339 18.31 -28.60 31.40
C ALA D 339 18.53 -27.52 30.35
N TYR D 340 19.59 -26.76 30.55
CA TYR D 340 19.96 -25.65 29.69
C TYR D 340 21.34 -25.92 29.08
N ASP D 341 21.55 -25.39 27.88
CA ASP D 341 22.83 -25.51 27.20
C ASP D 341 23.02 -24.33 26.28
N PHE D 342 24.18 -23.68 26.38
CA PHE D 342 24.54 -22.56 25.52
C PHE D 342 25.82 -22.89 24.77
N ASP D 343 25.73 -22.97 23.45
CA ASP D 343 26.90 -23.16 22.61
C ASP D 343 27.48 -21.81 22.22
N LEU D 344 28.80 -21.80 21.98
CA LEU D 344 29.45 -20.56 21.57
C LEU D 344 29.18 -20.24 20.11
N ARG D 345 28.79 -21.24 19.31
CA ARG D 345 28.45 -21.01 17.92
C ARG D 345 27.18 -20.17 17.79
N ARG D 346 26.14 -20.54 18.53
CA ARG D 346 24.93 -19.75 18.60
C ARG D 346 25.04 -18.72 19.71
N LYS D 347 24.00 -17.91 19.88
CA LYS D 347 23.90 -16.99 21.00
C LYS D 347 22.56 -17.13 21.71
N TYR D 348 21.84 -18.21 21.45
CA TYR D 348 20.53 -18.45 22.05
C TYR D 348 20.61 -19.64 22.99
N PRO D 349 20.56 -19.44 24.30
CA PRO D 349 20.65 -20.58 25.24
C PRO D 349 19.40 -21.45 25.16
N LYS D 350 19.61 -22.72 24.85
CA LYS D 350 18.52 -23.66 24.61
C LYS D 350 18.16 -24.37 25.92
N VAL D 351 16.90 -24.26 26.33
CA VAL D 351 16.38 -24.92 27.52
C VAL D 351 15.35 -25.94 27.08
N GLY D 352 15.45 -27.15 27.61
CA GLY D 352 14.48 -28.17 27.26
C GLY D 352 14.83 -29.52 27.85
N LEU D 353 14.16 -30.54 27.32
CA LEU D 353 14.34 -31.90 27.80
C LEU D 353 15.64 -32.48 27.28
N LYS D 354 16.33 -33.23 28.13
CA LYS D 354 17.55 -33.93 27.77
C LYS D 354 17.42 -35.37 28.22
N PHE D 355 17.69 -36.29 27.30
CA PHE D 355 17.63 -37.73 27.49
C PHE D 355 19.01 -38.25 27.88
N PRO D 356 19.08 -39.43 28.54
CA PRO D 356 20.39 -40.05 28.79
C PRO D 356 21.12 -40.49 27.52
N ASP D 357 20.42 -40.64 26.40
CA ASP D 357 21.07 -40.92 25.13
C ASP D 357 21.62 -39.66 24.46
N GLY D 358 21.37 -38.48 25.03
CA GLY D 358 21.93 -37.24 24.53
C GLY D 358 21.02 -36.41 23.66
N SER D 359 19.76 -36.81 23.48
CA SER D 359 18.84 -36.07 22.64
C SER D 359 18.32 -34.83 23.35
N TRP D 360 18.12 -33.76 22.58
CA TRP D 360 17.55 -32.52 23.07
C TRP D 360 16.17 -32.34 22.45
N SER D 361 15.17 -32.09 23.29
CA SER D 361 13.80 -31.97 22.87
C SER D 361 13.15 -30.75 23.50
N PRO D 362 12.16 -30.16 22.83
CA PRO D 362 11.41 -29.06 23.46
C PRO D 362 10.50 -29.58 24.57
N ILE D 363 9.93 -28.62 25.31
CA ILE D 363 9.10 -28.97 26.46
C ILE D 363 7.70 -29.41 26.06
N ARG D 364 7.30 -29.19 24.81
CA ARG D 364 5.95 -29.56 24.37
C ARG D 364 5.77 -31.06 24.17
N VAL D 365 6.87 -31.83 24.14
CA VAL D 365 6.76 -33.28 23.98
C VAL D 365 6.46 -33.99 25.29
N LEU D 366 6.36 -33.26 26.40
CA LEU D 366 5.95 -33.85 27.67
C LEU D 366 4.50 -34.27 27.63
N SER D 367 4.14 -35.18 28.53
CA SER D 367 2.77 -35.68 28.62
C SER D 367 1.93 -34.69 29.44
N SER D 368 0.71 -35.10 29.79
CA SER D 368 -0.17 -34.23 30.56
C SER D 368 0.31 -34.10 32.00
N GLY D 369 0.67 -35.23 32.62
CA GLY D 369 1.08 -35.21 34.02
C GLY D 369 2.39 -34.49 34.26
N GLU D 370 3.36 -34.67 33.35
CA GLU D 370 4.64 -33.98 33.46
C GLU D 370 4.46 -32.46 33.29
N ARG D 371 3.59 -32.06 32.36
CA ARG D 371 3.30 -30.64 32.17
C ARG D 371 2.58 -30.06 33.38
N GLN D 372 1.67 -30.84 33.98
CA GLN D 372 0.98 -30.40 35.20
C GLN D 372 1.95 -30.24 36.36
N LEU D 373 2.89 -31.18 36.51
CA LEU D 373 3.91 -31.08 37.56
C LEU D 373 4.82 -29.87 37.32
N LEU D 374 5.18 -29.62 36.06
CA LEU D 374 6.02 -28.48 35.72
C LEU D 374 5.33 -27.16 36.04
N THR D 375 4.05 -27.04 35.68
CA THR D 375 3.31 -25.81 35.93
C THR D 375 3.06 -25.61 37.42
N MET D 376 2.74 -26.68 38.16
CA MET D 376 2.50 -26.55 39.59
C MET D 376 3.78 -26.26 40.36
N LEU D 377 4.92 -26.77 39.88
CA LEU D 377 6.18 -26.43 40.54
C LEU D 377 6.63 -25.01 40.20
N TYR D 378 6.37 -24.53 38.98
CA TYR D 378 6.69 -23.16 38.65
C TYR D 378 5.79 -22.17 39.38
N ALA D 379 4.53 -22.54 39.62
CA ALA D 379 3.63 -21.69 40.40
C ALA D 379 4.07 -21.59 41.85
N ALA D 380 4.71 -22.63 42.37
CA ALA D 380 5.26 -22.62 43.72
C ALA D 380 6.72 -22.19 43.77
N SER D 381 7.28 -21.78 42.64
CA SER D 381 8.69 -21.39 42.59
C SER D 381 8.85 -19.90 42.89
N LYS D 382 10.09 -19.52 43.20
CA LYS D 382 10.40 -18.11 43.40
C LYS D 382 10.49 -17.34 42.09
N MET D 383 10.60 -18.04 40.97
CA MET D 383 10.64 -17.38 39.66
C MET D 383 9.29 -16.76 39.31
N GLY D 384 8.20 -17.37 39.78
CA GLY D 384 6.88 -16.84 39.49
C GLY D 384 6.56 -15.61 40.33
N ASP D 385 5.46 -14.96 39.95
CA ASP D 385 5.02 -13.77 40.65
C ASP D 385 4.41 -14.14 42.01
N ASP D 386 4.39 -13.15 42.90
CA ASP D 386 3.83 -13.36 44.23
C ASP D 386 2.31 -13.44 44.13
N ALA D 387 1.76 -14.60 44.47
CA ALA D 387 0.33 -14.84 44.36
C ALA D 387 -0.06 -15.92 45.36
N ILE D 388 -1.30 -16.37 45.27
CA ILE D 388 -1.82 -17.45 46.11
C ILE D 388 -2.19 -18.61 45.17
N VAL D 389 -1.58 -19.76 45.41
CA VAL D 389 -1.71 -20.90 44.50
C VAL D 389 -3.01 -21.63 44.86
N LEU D 390 -4.04 -21.45 44.04
CA LEU D 390 -5.34 -22.09 44.23
C LEU D 390 -5.47 -23.23 43.23
N ILE D 391 -5.51 -24.46 43.73
CA ILE D 391 -5.55 -25.65 42.89
C ILE D 391 -6.79 -26.47 43.23
N ASP D 392 -7.57 -26.79 42.21
CA ASP D 392 -8.70 -27.70 42.32
C ASP D 392 -8.34 -29.02 41.68
N GLN D 393 -8.46 -30.11 42.45
CA GLN D 393 -8.10 -31.48 42.10
C GLN D 393 -6.67 -31.59 41.59
N PRO D 394 -5.67 -31.53 42.49
CA PRO D 394 -4.27 -31.62 42.04
C PRO D 394 -3.86 -33.00 41.54
N GLU D 395 -4.68 -34.03 41.74
CA GLU D 395 -4.34 -35.40 41.34
C GLU D 395 -4.73 -35.71 39.89
N ILE D 396 -4.88 -34.70 39.05
CA ILE D 396 -5.27 -34.91 37.66
C ILE D 396 -4.05 -35.43 36.89
N SER D 397 -4.19 -36.60 36.26
CA SER D 397 -3.21 -37.21 35.36
C SER D 397 -1.87 -37.48 36.04
N LEU D 398 -1.87 -37.69 37.35
CA LEU D 398 -0.65 -37.91 38.11
C LEU D 398 -0.62 -39.34 38.65
N HIS D 399 0.57 -39.95 38.58
CA HIS D 399 0.78 -41.25 39.19
C HIS D 399 0.80 -41.12 40.71
N ILE D 400 0.60 -42.25 41.39
CA ILE D 400 0.52 -42.24 42.84
C ILE D 400 1.89 -41.97 43.49
N ASP D 401 2.98 -42.12 42.73
CA ASP D 401 4.29 -41.75 43.26
C ASP D 401 4.43 -40.23 43.33
N TRP D 402 3.91 -39.52 42.33
CA TRP D 402 4.07 -38.06 42.29
C TRP D 402 3.15 -37.37 43.28
N GLN D 403 2.04 -38.00 43.65
CA GLN D 403 1.08 -37.39 44.57
C GLN D 403 1.66 -37.26 45.98
N GLU D 404 2.46 -38.23 46.40
CA GLU D 404 3.07 -38.20 47.72
C GLU D 404 4.24 -37.24 47.81
N ASP D 405 4.78 -36.77 46.68
CA ASP D 405 5.95 -35.91 46.67
C ASP D 405 5.70 -34.51 46.12
N LEU D 406 4.53 -34.25 45.53
CA LEU D 406 4.26 -32.96 44.91
C LEU D 406 4.25 -31.82 45.92
N LEU D 407 3.50 -31.97 47.02
CA LEU D 407 3.43 -30.91 48.02
C LEU D 407 4.74 -30.77 48.76
N LYS D 408 5.47 -31.87 48.96
CA LYS D 408 6.80 -31.81 49.58
C LYS D 408 7.78 -31.02 48.71
N ARG D 409 7.77 -31.26 47.38
CA ARG D 409 8.66 -30.53 46.50
C ARG D 409 8.23 -29.08 46.32
N MET D 410 6.93 -28.81 46.42
CA MET D 410 6.47 -27.43 46.35
C MET D 410 6.86 -26.65 47.60
N LEU D 411 6.75 -27.27 48.78
CA LEU D 411 7.13 -26.60 50.02
C LEU D 411 8.63 -26.58 50.24
N SER D 412 9.40 -27.44 49.57
CA SER D 412 10.84 -27.44 49.74
C SER D 412 11.51 -26.29 49.00
N GLN D 413 10.83 -25.66 48.04
CA GLN D 413 11.40 -24.51 47.35
C GLN D 413 11.39 -23.25 48.20
N LEU D 414 10.58 -23.23 49.27
CA LEU D 414 10.56 -22.18 50.30
C LEU D 414 10.24 -20.80 49.73
N SER D 415 9.30 -20.77 48.77
CA SER D 415 8.92 -19.51 48.15
C SER D 415 8.05 -18.65 49.05
N GLY D 416 7.43 -19.24 50.07
CA GLY D 416 6.59 -18.50 50.99
C GLY D 416 5.20 -18.22 50.49
N ARG D 417 4.81 -18.74 49.33
CA ARG D 417 3.48 -18.53 48.80
C ARG D 417 2.45 -19.33 49.58
N GLN D 418 1.25 -18.78 49.68
CA GLN D 418 0.14 -19.45 50.34
C GLN D 418 -0.51 -20.39 49.34
N ILE D 419 -0.71 -21.65 49.74
CA ILE D 419 -1.21 -22.69 48.86
C ILE D 419 -2.54 -23.19 49.41
N ILE D 420 -3.57 -23.16 48.57
CA ILE D 420 -4.88 -23.72 48.89
C ILE D 420 -5.19 -24.78 47.84
N VAL D 421 -5.33 -26.03 48.29
CA VAL D 421 -5.56 -27.17 47.40
C VAL D 421 -6.82 -27.89 47.84
N CYS D 422 -7.65 -28.27 46.87
CA CYS D 422 -8.86 -29.04 47.11
C CYS D 422 -8.71 -30.40 46.44
N THR D 423 -8.62 -31.45 47.25
CA THR D 423 -8.39 -32.79 46.75
C THR D 423 -9.36 -33.78 47.41
N HIS D 424 -9.51 -34.93 46.77
CA HIS D 424 -10.31 -36.02 47.29
C HIS D 424 -9.49 -37.24 47.67
N SER D 425 -8.17 -37.20 47.47
CA SER D 425 -7.32 -38.35 47.72
C SER D 425 -6.44 -38.10 48.94
N PRO D 426 -6.20 -39.11 49.77
CA PRO D 426 -5.28 -38.93 50.90
C PRO D 426 -3.82 -38.91 50.49
N SER D 427 -3.48 -39.38 49.29
CA SER D 427 -2.10 -39.37 48.82
C SER D 427 -1.59 -37.96 48.55
N ILE D 428 -2.49 -37.01 48.29
CA ILE D 428 -2.09 -35.61 48.21
C ILE D 428 -1.73 -35.08 49.58
N ALA D 429 -2.55 -35.40 50.60
CA ALA D 429 -2.49 -34.76 51.90
C ALA D 429 -1.73 -35.57 52.95
N THR D 430 -1.00 -36.61 52.54
CA THR D 430 -0.24 -37.39 53.51
C THR D 430 0.97 -36.61 54.00
N GLY D 431 1.23 -36.70 55.29
CA GLY D 431 2.31 -35.95 55.92
C GLY D 431 1.98 -34.51 56.26
N TYR D 432 0.78 -34.04 55.93
CA TYR D 432 0.33 -32.68 56.22
C TYR D 432 -1.09 -32.71 56.76
N GLU D 433 -1.33 -33.60 57.73
CA GLU D 433 -2.66 -33.80 58.29
C GLU D 433 -3.10 -32.61 59.15
N ASP D 434 -2.17 -31.83 59.68
CA ASP D 434 -2.53 -30.69 60.50
C ASP D 434 -3.10 -29.54 59.68
N PHE D 435 -2.78 -29.49 58.39
CA PHE D 435 -3.31 -28.46 57.50
C PHE D 435 -4.60 -28.88 56.81
N MET D 436 -5.08 -30.10 57.06
CA MET D 436 -6.28 -30.60 56.41
C MET D 436 -7.52 -29.94 57.02
N ILE D 437 -8.34 -29.33 56.16
CA ILE D 437 -9.56 -28.64 56.58
C ILE D 437 -10.74 -29.29 55.87
N ASN D 438 -11.75 -29.70 56.63
CA ASN D 438 -12.93 -30.33 56.09
C ASN D 438 -14.02 -29.29 55.85
N ILE D 439 -14.81 -29.49 54.81
CA ILE D 439 -15.91 -28.61 54.46
C ILE D 439 -17.22 -29.34 54.74
N SER D 440 -18.06 -28.75 55.58
CA SER D 440 -19.39 -29.28 55.88
C SER D 440 -20.41 -28.18 55.61
N PRO D 441 -21.17 -28.29 54.52
CA PRO D 441 -22.19 -27.26 54.24
C PRO D 441 -23.35 -27.32 55.22
N GLU D 442 -23.94 -26.16 55.47
CA GLU D 442 -25.03 -26.02 56.43
C GLU D 442 -26.34 -25.87 55.66
N PHE D 443 -27.13 -26.94 55.64
CA PHE D 443 -28.40 -26.92 54.92
C PHE D 443 -29.45 -26.19 55.75
N ILE D 444 -30.27 -25.39 55.07
CA ILE D 444 -31.35 -24.63 55.69
C ILE D 444 -32.66 -25.06 55.06
N SER D 445 -33.66 -25.32 55.91
CA SER D 445 -34.97 -25.74 55.43
C SER D 445 -35.72 -24.56 54.83
N SER D 446 -36.24 -24.74 53.62
CA SER D 446 -36.96 -23.69 52.93
C SER D 446 -38.24 -24.23 52.29
N ILE E 3 -41.89 -15.68 -33.57
CA ILE E 3 -40.97 -16.05 -32.51
C ILE E 3 -41.01 -17.56 -32.27
N ARG E 4 -40.31 -18.00 -31.23
CA ARG E 4 -40.28 -19.40 -30.85
C ARG E 4 -41.13 -19.59 -29.60
N THR E 5 -42.15 -20.43 -29.71
CA THR E 5 -43.06 -20.73 -28.61
C THR E 5 -43.14 -22.23 -28.39
N ILE E 6 -43.42 -22.61 -27.15
CA ILE E 6 -43.55 -24.03 -26.82
C ILE E 6 -44.87 -24.55 -27.35
N SER E 7 -44.89 -25.84 -27.71
CA SER E 7 -46.07 -26.43 -28.31
C SER E 7 -46.50 -27.70 -27.59
N LYS E 8 -45.54 -28.49 -27.12
CA LYS E 8 -45.85 -29.79 -26.55
C LYS E 8 -44.86 -30.14 -25.45
N ILE E 9 -45.37 -30.60 -24.31
CA ILE E 9 -44.55 -31.04 -23.19
C ILE E 9 -45.03 -32.43 -22.78
N GLU E 10 -44.10 -33.39 -22.78
CA GLU E 10 -44.38 -34.77 -22.38
C GLU E 10 -43.43 -35.13 -21.23
N LEU E 11 -43.99 -35.62 -20.13
CA LEU E 11 -43.20 -36.02 -18.98
C LEU E 11 -43.36 -37.51 -18.72
N SER E 12 -42.28 -38.13 -18.26
CA SER E 12 -42.30 -39.54 -17.89
C SER E 12 -41.78 -39.70 -16.46
N LYS E 13 -42.68 -40.10 -15.56
CA LYS E 13 -42.35 -40.50 -14.18
C LYS E 13 -41.71 -39.36 -13.39
N ILE E 14 -42.43 -38.25 -13.27
CA ILE E 14 -41.98 -37.14 -12.44
C ILE E 14 -42.07 -37.55 -10.98
N HIS E 15 -40.92 -37.61 -10.30
CA HIS E 15 -40.76 -38.15 -8.93
C HIS E 15 -41.23 -39.60 -8.82
N ASN E 16 -41.15 -40.34 -9.94
CA ASN E 16 -41.53 -41.75 -10.07
C ASN E 16 -42.97 -42.03 -9.64
N ARG E 17 -43.88 -41.06 -9.79
CA ARG E 17 -45.25 -41.31 -9.36
C ARG E 17 -46.29 -40.96 -10.41
N TYR E 18 -46.06 -39.91 -11.21
CA TYR E 18 -47.06 -39.49 -12.19
C TYR E 18 -46.39 -39.09 -13.50
N ASN E 19 -47.14 -39.30 -14.59
CA ASN E 19 -46.74 -38.87 -15.93
C ASN E 19 -47.69 -37.78 -16.40
N LEU E 20 -47.15 -36.83 -17.16
CA LEU E 20 -47.97 -35.72 -17.65
C LEU E 20 -47.61 -35.42 -19.10
N THR E 21 -48.64 -35.19 -19.92
CA THR E 21 -48.44 -34.83 -21.32
C THR E 21 -49.47 -33.73 -21.65
N VAL E 22 -49.01 -32.48 -21.65
CA VAL E 22 -49.85 -31.32 -21.91
C VAL E 22 -49.27 -30.57 -23.10
N ASP E 23 -50.09 -30.36 -24.12
CA ASP E 23 -49.73 -29.53 -25.26
C ASP E 23 -50.19 -28.10 -25.01
N PHE E 24 -49.38 -27.14 -25.46
CA PHE E 24 -49.59 -25.74 -25.14
C PHE E 24 -49.85 -24.92 -26.38
N PHE E 25 -50.67 -23.87 -26.23
CA PHE E 25 -50.91 -22.91 -27.27
C PHE E 25 -49.75 -21.93 -27.37
N ASN E 26 -49.64 -21.28 -28.53
CA ASN E 26 -48.58 -20.31 -28.76
C ASN E 26 -48.91 -18.93 -28.23
N ASP E 27 -50.16 -18.69 -27.81
CA ASP E 27 -50.59 -17.37 -27.37
C ASP E 27 -50.94 -17.32 -25.89
N LEU E 28 -51.84 -18.18 -25.43
CA LEU E 28 -52.31 -18.14 -24.04
C LEU E 28 -52.50 -19.56 -23.54
N ASN E 29 -52.02 -19.82 -22.33
CA ASN E 29 -52.12 -21.15 -21.71
C ASN E 29 -52.64 -20.97 -20.28
N VAL E 30 -53.96 -21.05 -20.11
CA VAL E 30 -54.57 -20.98 -18.78
C VAL E 30 -54.67 -22.40 -18.25
N ILE E 31 -54.13 -22.63 -17.07
CA ILE E 31 -54.10 -23.96 -16.45
C ILE E 31 -54.88 -23.92 -15.16
N HIS E 32 -55.86 -24.81 -15.03
CA HIS E 32 -56.67 -24.93 -13.83
C HIS E 32 -56.61 -26.36 -13.33
N GLY E 33 -56.73 -26.53 -12.01
CA GLY E 33 -56.68 -27.85 -11.42
C GLY E 33 -56.84 -27.77 -9.92
N LYS E 34 -56.80 -28.94 -9.30
CA LYS E 34 -56.95 -29.05 -7.85
C LYS E 34 -55.61 -28.81 -7.16
N ASN E 35 -55.63 -28.88 -5.83
CA ASN E 35 -54.42 -28.65 -5.05
C ASN E 35 -53.47 -29.84 -5.17
N GLY E 36 -52.18 -29.56 -5.33
CA GLY E 36 -51.19 -30.61 -5.43
C GLY E 36 -51.21 -31.39 -6.72
N ALA E 37 -51.73 -30.82 -7.80
CA ALA E 37 -51.81 -31.53 -9.07
C ALA E 37 -50.45 -31.64 -9.76
N GLY E 38 -49.49 -30.81 -9.36
CA GLY E 38 -48.20 -30.78 -9.98
C GLY E 38 -48.00 -29.67 -11.00
N LYS E 39 -48.84 -28.63 -10.98
CA LYS E 39 -48.73 -27.54 -11.94
C LYS E 39 -47.47 -26.72 -11.73
N SER E 40 -47.07 -26.55 -10.46
CA SER E 40 -45.84 -25.83 -10.14
C SER E 40 -44.62 -26.59 -10.62
N THR E 41 -44.66 -27.93 -10.52
CA THR E 41 -43.57 -28.76 -11.04
C THR E 41 -43.45 -28.63 -12.55
N LEU E 42 -44.60 -28.58 -13.25
CA LEU E 42 -44.60 -28.37 -14.69
C LEU E 42 -44.04 -26.99 -15.04
N ILE E 43 -44.37 -25.97 -14.23
CA ILE E 43 -43.85 -24.62 -14.45
C ILE E 43 -42.32 -24.61 -14.29
N HIS E 44 -41.81 -25.29 -13.27
CA HIS E 44 -40.37 -25.35 -13.04
C HIS E 44 -39.67 -26.12 -14.16
N VAL E 45 -40.30 -27.18 -14.67
CA VAL E 45 -39.76 -27.95 -15.79
C VAL E 45 -39.69 -27.09 -17.05
N ILE E 46 -40.76 -26.34 -17.33
CA ILE E 46 -40.80 -25.47 -18.51
C ILE E 46 -39.78 -24.35 -18.38
N ALA E 47 -39.62 -23.80 -17.17
CA ALA E 47 -38.63 -22.75 -16.93
C ALA E 47 -37.20 -23.26 -17.13
N ASN E 48 -36.91 -24.47 -16.64
CA ASN E 48 -35.57 -25.02 -16.83
C ASN E 48 -35.32 -25.44 -18.27
N ILE E 49 -36.37 -25.79 -19.01
CA ILE E 49 -36.20 -26.14 -20.42
C ILE E 49 -35.93 -24.88 -21.25
N VAL E 50 -36.74 -23.84 -21.07
CA VAL E 50 -36.63 -22.65 -21.90
C VAL E 50 -35.39 -21.84 -21.53
N ASN E 51 -35.12 -21.68 -20.22
CA ASN E 51 -33.99 -20.88 -19.78
C ASN E 51 -32.65 -21.54 -20.01
N GLY E 52 -32.62 -22.82 -20.37
CA GLY E 52 -31.37 -23.51 -20.59
C GLY E 52 -30.66 -23.96 -19.33
N ASP E 53 -31.31 -23.85 -18.17
CA ASP E 53 -30.71 -24.25 -16.90
C ASP E 53 -31.00 -25.73 -16.66
N PHE E 54 -30.32 -26.57 -17.45
CA PHE E 54 -30.53 -28.01 -17.39
C PHE E 54 -29.88 -28.65 -16.18
N ILE E 55 -29.00 -27.94 -15.47
CA ILE E 55 -28.37 -28.49 -14.28
C ILE E 55 -29.34 -28.61 -13.11
N ARG E 56 -30.50 -27.96 -13.20
CA ARG E 56 -31.58 -28.21 -12.26
C ARG E 56 -32.20 -29.58 -12.44
N PHE E 57 -32.09 -30.17 -13.65
CA PHE E 57 -32.69 -31.47 -13.93
C PHE E 57 -31.99 -32.62 -13.21
N ALA E 58 -30.80 -32.40 -12.64
CA ALA E 58 -30.20 -33.38 -11.75
C ALA E 58 -30.92 -33.46 -10.40
N PHE E 59 -31.74 -32.48 -10.06
CA PHE E 59 -32.53 -32.50 -8.83
C PHE E 59 -33.92 -33.05 -9.05
N LEU E 60 -34.23 -33.53 -10.25
CA LEU E 60 -35.54 -34.08 -10.59
C LEU E 60 -35.39 -35.56 -10.90
N ILE E 61 -36.25 -36.37 -10.31
CA ILE E 61 -36.28 -37.81 -10.56
C ILE E 61 -37.29 -38.05 -11.68
N PHE E 62 -36.78 -38.37 -12.88
CA PHE E 62 -37.63 -38.53 -14.05
C PHE E 62 -37.07 -39.65 -14.91
N GLU E 63 -37.77 -39.94 -16.00
CA GLU E 63 -37.33 -40.91 -16.99
C GLU E 63 -37.07 -40.28 -18.35
N GLU E 64 -38.04 -39.56 -18.90
CA GLU E 64 -37.88 -38.94 -20.21
C GLU E 64 -38.81 -37.74 -20.30
N ILE E 65 -38.26 -36.59 -20.70
CA ILE E 65 -39.00 -35.36 -20.86
C ILE E 65 -38.80 -34.87 -22.29
N LYS E 66 -39.89 -34.74 -23.03
CA LYS E 66 -39.87 -34.33 -24.43
C LYS E 66 -40.50 -32.95 -24.57
N ALA E 67 -39.76 -32.02 -25.15
CA ALA E 67 -40.23 -30.66 -25.35
C ALA E 67 -40.20 -30.35 -26.84
N THR E 68 -41.36 -30.01 -27.39
CA THR E 68 -41.51 -29.66 -28.80
C THR E 68 -41.95 -28.21 -28.91
N TYR E 69 -41.14 -27.40 -29.59
CA TYR E 69 -41.45 -25.99 -29.80
C TYR E 69 -42.31 -25.82 -31.06
N SER E 70 -42.60 -24.56 -31.39
CA SER E 70 -43.41 -24.27 -32.56
C SER E 70 -42.63 -24.43 -33.87
N ASP E 71 -41.32 -24.15 -33.85
CA ASP E 71 -40.51 -24.20 -35.05
C ASP E 71 -39.97 -25.61 -35.34
N GLY E 72 -40.30 -26.59 -34.51
CA GLY E 72 -39.86 -27.96 -34.72
C GLY E 72 -38.71 -28.42 -33.86
N LEU E 73 -38.28 -27.59 -32.90
CA LEU E 73 -37.18 -27.98 -32.01
C LEU E 73 -37.70 -28.97 -30.98
N LYS E 74 -37.17 -30.20 -31.02
CA LYS E 74 -37.55 -31.25 -30.08
C LYS E 74 -36.34 -31.60 -29.22
N ILE E 75 -36.53 -31.52 -27.90
CA ILE E 75 -35.46 -31.78 -26.94
C ILE E 75 -35.91 -32.91 -26.03
N VAL E 76 -35.10 -33.96 -25.94
CA VAL E 76 -35.38 -35.13 -25.12
C VAL E 76 -34.34 -35.17 -24.01
N ILE E 77 -34.82 -35.11 -22.77
CA ILE E 77 -33.98 -35.17 -21.58
C ILE E 77 -34.25 -36.50 -20.90
N ARG E 78 -33.21 -37.32 -20.75
CA ARG E 78 -33.35 -38.67 -20.22
C ARG E 78 -32.44 -38.84 -19.00
N ARG E 79 -33.02 -39.33 -17.91
CA ARG E 79 -32.26 -39.66 -16.71
C ARG E 79 -32.05 -41.16 -16.66
N ASP E 80 -30.79 -41.57 -16.53
CA ASP E 80 -30.41 -42.97 -16.45
C ASP E 80 -29.70 -43.25 -15.14
N LYS E 81 -29.74 -44.51 -14.71
CA LYS E 81 -29.07 -44.95 -13.50
C LYS E 81 -28.21 -46.16 -13.86
N ILE E 82 -26.92 -45.92 -14.07
CA ILE E 82 -25.98 -46.97 -14.46
C ILE E 82 -24.93 -47.10 -13.36
N ASP E 83 -24.80 -48.32 -12.81
CA ASP E 83 -23.84 -48.66 -11.75
C ASP E 83 -24.00 -47.76 -10.53
N GLU E 84 -25.26 -47.48 -10.18
CA GLU E 84 -25.78 -46.59 -9.14
C GLU E 84 -25.50 -45.11 -9.40
N GLN E 85 -24.77 -44.77 -10.47
CA GLN E 85 -24.50 -43.38 -10.81
C GLN E 85 -25.58 -42.89 -11.76
N SER E 86 -26.15 -41.73 -11.45
CA SER E 86 -27.22 -41.16 -12.25
C SER E 86 -26.67 -40.17 -13.26
N PHE E 87 -27.21 -40.22 -14.48
CA PHE E 87 -26.75 -39.39 -15.58
C PHE E 87 -27.95 -38.71 -16.24
N ILE E 88 -27.70 -37.51 -16.78
CA ILE E 88 -28.68 -36.75 -17.54
C ILE E 88 -28.14 -36.60 -18.96
N SER E 89 -28.96 -36.98 -19.93
CA SER E 89 -28.61 -36.87 -21.35
C SER E 89 -29.65 -35.98 -22.03
N VAL E 90 -29.18 -34.88 -22.60
CA VAL E 90 -30.05 -33.94 -23.32
C VAL E 90 -29.71 -34.05 -24.80
N THR E 91 -30.70 -34.46 -25.60
CA THR E 91 -30.52 -34.68 -27.03
C THR E 91 -31.48 -33.78 -27.79
N LEU E 92 -30.95 -33.04 -28.76
CA LEU E 92 -31.77 -32.14 -29.56
C LEU E 92 -32.38 -32.88 -30.75
N SER E 93 -33.23 -32.18 -31.50
CA SER E 93 -33.85 -32.77 -32.67
C SER E 93 -32.90 -32.88 -33.85
N ASN E 94 -31.84 -32.08 -33.88
CA ASN E 94 -30.87 -32.12 -34.97
C ASN E 94 -29.78 -33.17 -34.76
N GLY E 95 -29.82 -33.90 -33.66
CA GLY E 95 -28.83 -34.93 -33.37
C GLY E 95 -27.77 -34.55 -32.36
N LYS E 96 -27.66 -33.26 -32.03
CA LYS E 96 -26.70 -32.84 -31.01
C LYS E 96 -27.17 -33.27 -29.63
N TYR E 97 -26.22 -33.70 -28.79
CA TYR E 97 -26.55 -34.16 -27.45
C TYR E 97 -25.37 -33.91 -26.53
N ILE E 98 -25.69 -33.85 -25.23
CA ILE E 98 -24.69 -33.82 -24.17
C ILE E 98 -25.16 -34.77 -23.06
N LYS E 99 -24.21 -35.19 -22.23
CA LYS E 99 -24.52 -36.09 -21.13
C LYS E 99 -23.59 -35.77 -19.97
N PHE E 100 -24.15 -35.74 -18.76
CA PHE E 100 -23.36 -35.38 -17.59
C PHE E 100 -23.89 -36.12 -16.36
N ALA E 101 -23.00 -36.31 -15.38
CA ALA E 101 -23.36 -37.00 -14.16
C ALA E 101 -24.16 -36.11 -13.22
N VAL E 102 -25.09 -36.73 -12.50
CA VAL E 102 -25.89 -36.02 -11.52
C VAL E 102 -25.03 -35.64 -10.31
N GLY E 103 -24.17 -36.57 -9.86
CA GLY E 103 -23.29 -36.28 -8.74
C GLY E 103 -22.25 -35.23 -9.04
N GLU E 104 -21.75 -35.20 -10.28
CA GLU E 104 -20.85 -34.12 -10.70
C GLU E 104 -21.56 -32.78 -10.72
N ALA E 105 -22.84 -32.78 -11.14
CA ALA E 105 -23.64 -31.56 -11.11
C ALA E 105 -23.88 -31.08 -9.68
N MET E 106 -24.13 -32.01 -8.75
CA MET E 106 -24.31 -31.63 -7.35
C MET E 106 -23.01 -31.14 -6.73
N ALA E 107 -21.88 -31.71 -7.13
CA ALA E 107 -20.58 -31.22 -6.69
C ALA E 107 -20.31 -29.81 -7.22
N THR E 108 -20.70 -29.54 -8.47
CA THR E 108 -20.56 -28.20 -9.03
C THR E 108 -21.47 -27.21 -8.31
N VAL E 109 -22.68 -27.64 -7.95
CA VAL E 109 -23.61 -26.80 -7.21
C VAL E 109 -23.07 -26.47 -5.82
N ARG E 110 -22.51 -27.47 -5.14
CA ARG E 110 -21.91 -27.24 -3.81
C ARG E 110 -20.65 -26.39 -3.90
N GLU E 111 -19.91 -26.49 -5.02
CA GLU E 111 -18.77 -25.59 -5.25
C GLU E 111 -19.23 -24.15 -5.46
N ILE E 112 -20.37 -23.97 -6.14
CA ILE E 112 -20.94 -22.64 -6.31
C ILE E 112 -21.42 -22.09 -4.96
N GLU E 113 -22.00 -22.96 -4.13
CA GLU E 113 -22.46 -22.55 -2.79
C GLU E 113 -21.28 -22.16 -1.90
N SER E 114 -20.18 -22.91 -1.96
CA SER E 114 -19.00 -22.58 -1.17
C SER E 114 -17.94 -21.89 -2.03
N VAL E 123 -15.65 -18.49 -9.27
CA VAL E 123 -14.86 -19.37 -10.13
C VAL E 123 -15.75 -20.44 -10.76
N LYS E 124 -15.85 -20.42 -12.09
CA LYS E 124 -16.66 -21.39 -12.80
C LYS E 124 -15.92 -22.72 -12.91
N SER E 125 -16.66 -23.81 -12.72
CA SER E 125 -16.10 -25.14 -12.87
C SER E 125 -16.10 -25.55 -14.34
N MET E 126 -15.61 -26.76 -14.60
CA MET E 126 -15.54 -27.24 -15.98
C MET E 126 -16.92 -27.67 -16.50
N LEU E 127 -17.78 -28.19 -15.63
CA LEU E 127 -19.09 -28.66 -16.06
C LEU E 127 -20.00 -27.49 -16.41
N ALA E 128 -19.92 -26.39 -15.65
CA ALA E 128 -20.71 -25.20 -15.96
C ALA E 128 -20.27 -24.58 -17.28
N MET E 129 -18.96 -24.55 -17.55
CA MET E 129 -18.47 -24.05 -18.82
C MET E 129 -18.84 -24.99 -19.97
N ASP E 130 -18.90 -26.30 -19.71
CA ASP E 130 -19.34 -27.24 -20.74
C ASP E 130 -20.82 -27.06 -21.07
N ILE E 131 -21.64 -26.81 -20.04
CA ILE E 131 -23.06 -26.53 -20.27
C ILE E 131 -23.23 -25.21 -21.02
N ASP E 132 -22.41 -24.21 -20.68
CA ASP E 132 -22.42 -22.94 -21.42
C ASP E 132 -22.02 -23.12 -22.88
N LYS E 133 -21.02 -23.96 -23.13
CA LYS E 133 -20.61 -24.26 -24.50
C LYS E 133 -21.71 -24.99 -25.26
N PHE E 134 -22.39 -25.92 -24.60
CA PHE E 134 -23.48 -26.67 -25.22
C PHE E 134 -24.66 -25.78 -25.57
N VAL E 135 -25.02 -24.85 -24.68
CA VAL E 135 -26.13 -23.94 -24.97
C VAL E 135 -25.71 -22.77 -25.86
N LYS E 136 -24.41 -22.55 -26.04
CA LYS E 136 -23.94 -21.50 -26.93
C LYS E 136 -23.79 -21.99 -28.37
N GLU E 137 -23.24 -23.19 -28.56
CA GLU E 137 -23.05 -23.71 -29.91
C GLU E 137 -24.33 -24.23 -30.55
N ASN E 138 -25.39 -24.42 -29.76
CA ASN E 138 -26.67 -24.91 -30.27
C ASN E 138 -27.76 -23.85 -30.29
N GLU E 139 -27.52 -22.68 -29.69
CA GLU E 139 -28.45 -21.54 -29.65
C GLU E 139 -29.80 -21.93 -29.02
N LEU E 140 -29.72 -22.59 -27.88
CA LEU E 140 -30.90 -23.06 -27.15
C LEU E 140 -31.53 -22.00 -26.26
N GLN E 141 -30.96 -20.81 -26.20
CA GLN E 141 -31.44 -19.78 -25.28
C GLN E 141 -31.77 -18.50 -26.03
N LYS E 142 -32.48 -18.62 -27.15
CA LYS E 142 -32.88 -17.44 -27.91
C LYS E 142 -33.96 -16.64 -27.16
N VAL E 143 -34.93 -17.34 -26.58
CA VAL E 143 -36.04 -16.72 -25.86
C VAL E 143 -35.93 -17.10 -24.39
N ARG E 144 -36.03 -16.11 -23.51
CA ARG E 144 -35.97 -16.35 -22.07
C ARG E 144 -37.35 -16.80 -21.57
N ALA E 145 -37.50 -16.82 -20.25
CA ALA E 145 -38.78 -17.18 -19.63
C ALA E 145 -38.88 -16.50 -18.29
N SER E 146 -39.91 -15.67 -18.11
CA SER E 146 -40.15 -15.01 -16.84
C SER E 146 -40.91 -15.94 -15.92
N TYR E 147 -40.31 -16.30 -14.79
CA TYR E 147 -40.92 -17.20 -13.82
C TYR E 147 -41.49 -16.39 -12.67
N PHE E 148 -42.80 -16.48 -12.48
CA PHE E 148 -43.47 -15.80 -11.37
C PHE E 148 -43.88 -16.83 -10.33
N PRO E 149 -43.20 -16.89 -9.18
CA PRO E 149 -43.61 -17.85 -8.14
C PRO E 149 -44.85 -17.36 -7.41
N ALA E 150 -45.47 -18.29 -6.69
CA ALA E 150 -46.64 -17.95 -5.89
C ALA E 150 -46.27 -17.18 -4.63
N PHE E 151 -45.01 -17.25 -4.20
CA PHE E 151 -44.53 -16.58 -3.00
C PHE E 151 -43.69 -15.34 -3.32
N ARG E 152 -43.94 -14.70 -4.46
CA ARG E 152 -43.10 -13.58 -4.89
C ARG E 152 -43.32 -12.33 -4.06
N THR E 153 -44.51 -12.15 -3.48
CA THR E 153 -44.75 -11.03 -2.58
C THR E 153 -43.90 -11.15 -1.32
N MET E 154 -43.82 -12.35 -0.75
CA MET E 154 -42.97 -12.59 0.41
C MET E 154 -41.49 -12.44 0.05
N LEU E 155 -41.11 -12.85 -1.17
CA LEU E 155 -39.73 -12.71 -1.62
C LEU E 155 -39.34 -11.24 -1.77
N GLU E 156 -40.20 -10.43 -2.38
CA GLU E 156 -39.86 -9.02 -2.53
C GLU E 156 -39.97 -8.26 -1.22
N ALA E 157 -40.82 -8.73 -0.29
CA ALA E 157 -40.84 -8.15 1.05
C ALA E 157 -39.55 -8.48 1.81
N TRP E 158 -39.04 -9.70 1.64
CA TRP E 158 -37.76 -10.07 2.24
C TRP E 158 -36.61 -9.28 1.63
N SER E 159 -36.68 -9.03 0.31
CA SER E 159 -35.64 -8.25 -0.35
C SER E 159 -35.68 -6.78 0.09
N SER E 160 -36.87 -6.22 0.24
CA SER E 160 -37.01 -4.83 0.68
C SER E 160 -36.77 -4.64 2.18
N SER E 161 -36.91 -5.69 2.99
CA SER E 161 -36.69 -5.60 4.42
C SER E 161 -35.23 -5.79 4.80
N SER E 162 -34.36 -6.09 3.85
CA SER E 162 -32.95 -6.27 4.13
C SER E 162 -32.15 -5.04 3.72
N ARG E 172 -33.04 -6.83 -5.73
CA ARG E 172 -33.25 -7.95 -6.64
C ARG E 172 -33.64 -7.44 -8.03
N SER E 173 -33.08 -8.07 -9.06
CA SER E 173 -33.36 -7.69 -10.45
C SER E 173 -33.44 -8.96 -11.29
N SER E 174 -33.82 -8.78 -12.55
CA SER E 174 -33.89 -9.91 -13.47
C SER E 174 -32.53 -10.35 -13.98
N PHE E 175 -31.49 -9.54 -13.79
CA PHE E 175 -30.13 -9.90 -14.16
C PHE E 175 -29.25 -10.25 -12.98
N TYR E 176 -29.53 -9.70 -11.80
CA TYR E 176 -28.78 -10.01 -10.58
C TYR E 176 -29.79 -10.40 -9.50
N ASN E 177 -29.97 -11.71 -9.32
CA ASN E 177 -30.87 -12.24 -8.29
C ASN E 177 -30.26 -13.47 -7.61
N ARG E 178 -28.93 -13.52 -7.50
CA ARG E 178 -28.25 -14.71 -7.03
C ARG E 178 -28.54 -15.00 -5.56
N LYS E 179 -28.58 -13.95 -4.73
CA LYS E 179 -28.93 -14.12 -3.32
C LYS E 179 -30.38 -14.57 -3.16
N ALA E 180 -31.30 -13.98 -3.94
CA ALA E 180 -32.70 -14.38 -3.90
C ALA E 180 -32.90 -15.78 -4.45
N SER E 181 -32.13 -16.14 -5.49
CA SER E 181 -32.21 -17.50 -6.03
C SER E 181 -31.70 -18.54 -5.04
N ALA E 182 -30.61 -18.21 -4.33
CA ALA E 182 -30.09 -19.11 -3.31
C ALA E 182 -31.06 -19.26 -2.15
N PHE E 183 -31.69 -18.16 -1.72
CA PHE E 183 -32.68 -18.19 -0.66
C PHE E 183 -33.91 -19.01 -1.06
N ALA E 184 -34.37 -18.83 -2.30
CA ALA E 184 -35.54 -19.57 -2.78
C ALA E 184 -35.22 -21.05 -2.97
N ARG E 185 -34.01 -21.37 -3.41
CA ARG E 185 -33.63 -22.77 -3.54
C ARG E 185 -33.40 -23.43 -2.19
N GLU E 186 -32.99 -22.66 -1.19
CA GLU E 186 -32.90 -23.21 0.17
C GLU E 186 -34.28 -23.45 0.74
N LEU E 187 -35.22 -22.54 0.50
CA LEU E 187 -36.55 -22.69 1.09
C LEU E 187 -37.40 -23.73 0.38
N PHE E 188 -37.29 -23.84 -0.95
CA PHE E 188 -38.21 -24.69 -1.72
C PHE E 188 -37.45 -25.63 -2.66
N GLY E 189 -36.34 -26.20 -2.21
CA GLY E 189 -35.65 -27.22 -2.98
C GLY E 189 -34.77 -26.68 -4.09
N GLN E 190 -33.73 -27.43 -4.44
CA GLN E 190 -32.77 -26.99 -5.45
C GLN E 190 -33.27 -27.15 -6.88
N PHE E 191 -34.41 -27.82 -7.08
CA PHE E 191 -35.03 -27.89 -8.40
C PHE E 191 -35.67 -26.57 -8.81
N LEU E 192 -35.89 -25.66 -7.85
CA LEU E 192 -36.53 -24.38 -8.14
C LEU E 192 -35.65 -23.53 -9.04
N PRO E 193 -36.15 -23.05 -10.19
CA PRO E 193 -35.30 -22.32 -11.13
C PRO E 193 -34.93 -20.92 -10.67
N SER E 194 -34.22 -20.20 -11.52
CA SER E 194 -33.81 -18.84 -11.21
C SER E 194 -35.01 -17.90 -11.20
N ILE E 195 -34.99 -16.94 -10.27
CA ILE E 195 -36.07 -15.99 -10.09
C ILE E 195 -35.94 -14.94 -11.19
N ASN E 196 -36.74 -15.06 -12.24
CA ASN E 196 -36.63 -14.20 -13.40
C ASN E 196 -37.74 -13.16 -13.51
N TYR E 197 -38.67 -13.11 -12.55
CA TYR E 197 -39.69 -12.08 -12.66
C TYR E 197 -39.11 -10.72 -12.23
N PRO E 198 -39.50 -9.64 -12.90
CA PRO E 198 -38.92 -8.33 -12.57
C PRO E 198 -39.47 -7.75 -11.28
N SER E 199 -38.59 -7.09 -10.54
CA SER E 199 -38.95 -6.37 -9.34
C SER E 199 -39.59 -5.04 -9.71
N PRO E 200 -40.45 -4.48 -8.84
CA PRO E 200 -40.98 -3.12 -9.09
C PRO E 200 -39.92 -2.04 -9.14
N MET E 201 -38.80 -2.22 -8.43
CA MET E 201 -37.68 -1.30 -8.58
C MET E 201 -37.07 -1.39 -9.98
N GLU E 202 -37.00 -2.60 -10.52
CA GLU E 202 -36.55 -2.78 -11.90
C GLU E 202 -37.53 -2.17 -12.89
N ILE E 203 -38.83 -2.25 -12.57
CA ILE E 203 -39.86 -1.60 -13.38
C ILE E 203 -39.68 -0.08 -13.37
N GLU E 204 -39.39 0.47 -12.19
CA GLU E 204 -39.16 1.92 -12.07
C GLU E 204 -37.92 2.35 -12.83
N ASP E 205 -36.84 1.56 -12.75
CA ASP E 205 -35.62 1.88 -13.46
C ASP E 205 -35.80 1.78 -14.97
N ARG E 206 -36.55 0.76 -15.42
CA ARG E 206 -36.83 0.63 -16.85
C ARG E 206 -37.73 1.74 -17.35
N LEU E 207 -38.67 2.19 -16.51
CA LEU E 207 -39.52 3.33 -16.88
C LEU E 207 -38.70 4.60 -17.01
N ARG E 208 -37.76 4.83 -16.09
CA ARG E 208 -36.88 5.99 -16.18
C ARG E 208 -35.99 5.92 -17.41
N GLU E 209 -35.48 4.72 -17.72
CA GLU E 209 -34.65 4.53 -18.90
C GLU E 209 -35.43 4.79 -20.18
N GLU E 210 -36.67 4.30 -20.26
CA GLU E 210 -37.49 4.51 -21.45
C GLU E 210 -37.93 5.96 -21.57
N ILE E 211 -38.13 6.64 -20.45
CA ILE E 211 -38.43 8.08 -20.48
C ILE E 211 -37.22 8.85 -21.01
N ARG E 212 -36.01 8.47 -20.59
CA ARG E 212 -34.79 9.10 -21.10
C ARG E 212 -34.61 8.83 -22.59
N ARG E 213 -34.90 7.61 -23.03
CA ARG E 213 -34.83 7.28 -24.46
C ARG E 213 -35.84 8.06 -25.27
N ALA E 214 -37.06 8.22 -24.75
CA ALA E 214 -38.08 8.99 -25.42
C ALA E 214 -37.69 10.47 -25.49
N GLN E 215 -37.09 11.00 -24.43
CA GLN E 215 -36.64 12.39 -24.43
C GLN E 215 -35.52 12.61 -25.44
N LEU E 216 -34.59 11.66 -25.55
CA LEU E 216 -33.51 11.82 -26.53
C LEU E 216 -34.03 11.66 -27.95
N GLY E 217 -35.01 10.79 -28.16
CA GLY E 217 -35.63 10.68 -29.47
C GLY E 217 -36.41 11.93 -29.84
N ILE E 218 -37.07 12.54 -28.87
CA ILE E 218 -37.77 13.81 -29.07
C ILE E 218 -36.76 14.91 -29.40
N ALA E 219 -35.59 14.90 -28.75
CA ALA E 219 -34.54 15.85 -29.06
C ALA E 219 -34.01 15.69 -30.49
N ALA E 220 -33.80 14.44 -30.91
CA ALA E 220 -33.34 14.17 -32.28
C ALA E 220 -34.39 14.58 -33.31
N TYR E 221 -35.67 14.30 -33.04
CA TYR E 221 -36.72 14.72 -33.95
C TYR E 221 -36.90 16.23 -33.96
N GLU E 222 -36.63 16.90 -32.84
CA GLU E 222 -36.69 18.35 -32.81
C GLU E 222 -35.58 18.97 -33.66
N SER E 223 -34.37 18.40 -33.58
CA SER E 223 -33.29 18.87 -34.46
C SER E 223 -33.60 18.60 -35.92
N ARG E 224 -34.15 17.42 -36.23
CA ARG E 224 -34.51 17.07 -37.60
C ARG E 224 -35.62 17.97 -38.14
N THR E 225 -36.62 18.28 -37.30
CA THR E 225 -37.71 19.15 -37.72
C THR E 225 -37.24 20.59 -37.86
N PHE E 226 -36.29 21.02 -37.02
CA PHE E 226 -35.70 22.35 -37.17
C PHE E 226 -34.96 22.47 -38.48
N SER E 227 -34.25 21.41 -38.90
CA SER E 227 -33.58 21.46 -40.19
C SER E 227 -34.57 21.36 -41.35
N GLU E 228 -35.60 20.54 -41.21
CA GLU E 228 -36.51 20.27 -42.32
C GLU E 228 -37.65 21.29 -42.45
N SER E 229 -37.80 22.19 -41.48
CA SER E 229 -38.85 23.21 -41.60
C SER E 229 -38.55 24.23 -42.68
N PHE E 230 -37.26 24.53 -42.88
CA PHE E 230 -36.91 25.56 -43.85
C PHE E 230 -37.09 25.07 -45.29
N VAL E 231 -36.99 23.76 -45.52
CA VAL E 231 -37.25 23.24 -46.86
C VAL E 231 -38.75 23.22 -47.16
N LYS E 232 -39.61 23.30 -46.15
CA LYS E 232 -41.03 23.50 -46.37
C LYS E 232 -41.36 24.98 -46.50
N VAL E 233 -40.60 25.82 -45.80
CA VAL E 233 -40.79 27.27 -45.89
C VAL E 233 -40.40 27.78 -47.27
N PHE E 234 -39.25 27.34 -47.79
CA PHE E 234 -38.81 27.80 -49.11
C PHE E 234 -39.65 27.23 -50.24
N SER E 235 -40.33 26.10 -50.00
CA SER E 235 -41.26 25.57 -50.98
C SER E 235 -42.57 26.35 -51.04
N ALA E 236 -42.86 27.16 -50.05
CA ALA E 236 -44.07 27.96 -50.04
C ALA E 236 -43.80 29.35 -50.63
N THR E 248 -57.69 31.05 -44.18
CA THR E 248 -56.67 31.53 -43.26
C THR E 248 -57.22 31.61 -41.84
N GLY E 249 -58.45 32.09 -41.71
CA GLY E 249 -59.08 32.17 -40.41
C GLY E 249 -59.51 30.83 -39.85
N GLU E 250 -59.74 29.85 -40.73
CA GLU E 250 -60.06 28.50 -40.29
C GLU E 250 -58.85 27.82 -39.67
N LEU E 251 -57.65 28.13 -40.18
CA LEU E 251 -56.44 27.49 -39.67
C LEU E 251 -56.04 28.04 -38.31
N LEU E 252 -56.43 29.28 -38.00
CA LEU E 252 -56.02 29.91 -36.76
C LEU E 252 -56.63 29.24 -35.54
N LYS E 253 -57.88 28.77 -35.66
CA LYS E 253 -58.52 28.05 -34.56
C LYS E 253 -57.82 26.73 -34.28
N GLU E 254 -57.44 26.00 -35.33
CA GLU E 254 -56.73 24.74 -35.14
C GLU E 254 -55.32 24.96 -34.62
N ILE E 255 -54.68 26.05 -35.04
CA ILE E 255 -53.35 26.40 -34.53
C ILE E 255 -53.44 26.77 -33.04
N GLU E 256 -54.49 27.49 -32.64
CA GLU E 256 -54.70 27.81 -31.24
C GLU E 256 -54.96 26.56 -30.42
N GLY E 257 -55.76 25.64 -30.94
CA GLY E 257 -56.02 24.38 -30.25
C GLY E 257 -54.78 23.53 -30.10
N LEU E 258 -53.95 23.48 -31.15
CA LEU E 258 -52.68 22.77 -31.07
C LEU E 258 -51.73 23.42 -30.08
N ALA E 259 -51.70 24.76 -30.03
CA ALA E 259 -50.85 25.46 -29.07
C ALA E 259 -51.29 25.22 -27.64
N ILE E 260 -52.61 25.18 -27.42
CA ILE E 260 -53.15 24.86 -26.09
C ILE E 260 -52.80 23.43 -25.70
N ALA E 261 -52.91 22.50 -26.66
CA ALA E 261 -52.58 21.10 -26.39
C ALA E 261 -51.09 20.90 -26.10
N GLN E 262 -50.23 21.66 -26.80
CA GLN E 262 -48.79 21.56 -26.55
C GLN E 262 -48.41 22.21 -25.23
N ASP E 263 -49.07 23.32 -24.86
CA ASP E 263 -48.74 23.98 -23.60
C ASP E 263 -49.26 23.21 -22.40
N SER E 264 -50.31 22.41 -22.58
CA SER E 264 -50.92 21.65 -21.50
C SER E 264 -50.49 20.18 -21.52
N SER E 265 -49.26 19.90 -21.91
CA SER E 265 -48.76 18.53 -22.03
C SER E 265 -47.57 18.32 -21.10
N ILE E 266 -47.44 17.08 -20.61
CA ILE E 266 -46.33 16.72 -19.75
C ILE E 266 -45.02 16.71 -20.54
N LYS E 267 -45.08 16.25 -21.79
CA LYS E 267 -43.87 16.06 -22.61
C LYS E 267 -43.21 17.37 -23.00
N ASN E 268 -43.96 18.48 -23.00
CA ASN E 268 -43.43 19.79 -23.37
C ASN E 268 -43.09 20.64 -22.15
N GLY E 269 -42.57 20.01 -21.09
CA GLY E 269 -42.21 20.75 -19.90
C GLY E 269 -41.03 21.69 -20.09
N TYR E 270 -40.15 21.38 -21.04
CA TYR E 270 -39.01 22.25 -21.32
C TYR E 270 -39.39 23.45 -22.16
N TYR E 271 -40.52 23.40 -22.88
CA TYR E 271 -40.96 24.53 -23.70
C TYR E 271 -42.46 24.42 -23.88
N ALA E 272 -43.20 25.36 -23.31
CA ALA E 272 -44.66 25.43 -23.42
C ALA E 272 -45.10 26.85 -23.73
N GLU E 273 -44.45 27.48 -24.70
CA GLU E 273 -44.70 28.88 -25.05
C GLU E 273 -45.23 29.02 -26.48
N TYR E 274 -46.16 28.14 -26.87
CA TYR E 274 -46.71 28.21 -28.21
C TYR E 274 -47.87 29.18 -28.32
N SER E 275 -48.53 29.48 -27.19
CA SER E 275 -49.68 30.38 -27.21
C SER E 275 -49.28 31.80 -27.53
N LYS E 276 -48.14 32.25 -26.98
CA LYS E 276 -47.62 33.58 -27.30
C LYS E 276 -47.22 33.68 -28.76
N VAL E 277 -46.66 32.59 -29.30
CA VAL E 277 -46.32 32.52 -30.73
C VAL E 277 -47.58 32.64 -31.58
N TYR E 278 -48.64 31.93 -31.19
CA TYR E 278 -49.91 32.01 -31.91
C TYR E 278 -50.51 33.42 -31.85
N GLU E 279 -50.45 34.06 -30.68
CA GLU E 279 -51.00 35.41 -30.55
C GLU E 279 -50.21 36.42 -31.36
N GLU E 280 -48.89 36.29 -31.40
CA GLU E 280 -48.07 37.18 -32.22
C GLU E 280 -48.31 36.95 -33.70
N ILE E 281 -48.48 35.69 -34.11
CA ILE E 281 -48.79 35.37 -35.51
C ILE E 281 -50.14 35.94 -35.90
N ARG E 282 -51.14 35.81 -35.03
CA ARG E 282 -52.47 36.34 -35.32
C ARG E 282 -52.47 37.87 -35.37
N SER E 283 -51.69 38.51 -34.48
CA SER E 283 -51.59 39.97 -34.52
C SER E 283 -50.89 40.46 -35.78
N LEU E 284 -49.83 39.76 -36.21
CA LEU E 284 -49.16 40.14 -37.45
C LEU E 284 -50.00 39.83 -38.68
N ILE E 285 -50.89 38.85 -38.60
CA ILE E 285 -51.86 38.63 -39.68
C ILE E 285 -52.86 39.77 -39.71
N ASN E 286 -53.40 40.14 -38.56
CA ASN E 286 -54.49 41.12 -38.51
C ASN E 286 -54.02 42.54 -38.77
N ARG E 287 -52.74 42.85 -38.51
CA ARG E 287 -52.27 44.22 -38.69
C ARG E 287 -52.12 44.63 -40.15
N ASN E 288 -51.95 43.66 -41.06
CA ASN E 288 -51.86 43.95 -42.49
C ASN E 288 -52.24 42.73 -43.31
N ASN E 295 -52.43 33.12 -50.76
CA ASN E 295 -51.07 33.29 -51.24
C ASN E 295 -50.10 32.42 -50.43
N SER E 296 -48.87 32.93 -50.24
CA SER E 296 -47.86 32.22 -49.48
C SER E 296 -48.12 32.23 -47.98
N VAL E 297 -48.97 33.15 -47.50
CA VAL E 297 -49.29 33.20 -46.08
C VAL E 297 -50.10 31.98 -45.67
N SER E 298 -51.07 31.58 -46.50
CA SER E 298 -51.83 30.36 -46.23
C SER E 298 -50.95 29.11 -46.32
N GLY E 299 -49.98 29.12 -47.24
CA GLY E 299 -49.02 28.02 -47.29
C GLY E 299 -48.16 27.93 -46.06
N ALA E 300 -47.72 29.08 -45.54
CA ALA E 300 -46.96 29.10 -44.29
C ALA E 300 -47.80 28.60 -43.12
N LEU E 301 -49.08 28.99 -43.09
CA LEU E 301 -49.98 28.55 -42.02
C LEU E 301 -50.21 27.04 -42.08
N VAL E 302 -50.41 26.49 -43.29
CA VAL E 302 -50.67 25.05 -43.36
C VAL E 302 -49.39 24.24 -43.11
N VAL E 303 -48.21 24.74 -43.49
CA VAL E 303 -47.02 23.97 -43.17
C VAL E 303 -46.67 24.10 -41.69
N TYR E 304 -47.03 25.21 -41.03
CA TYR E 304 -46.84 25.29 -39.59
C TYR E 304 -47.80 24.38 -38.85
N ARG E 305 -49.04 24.29 -39.33
CA ARG E 305 -50.02 23.38 -38.74
C ARG E 305 -49.59 21.93 -38.93
N ASP E 306 -49.08 21.59 -40.11
CA ASP E 306 -48.58 20.24 -40.36
C ASP E 306 -47.36 19.92 -39.52
N ALA E 307 -46.46 20.89 -39.33
CA ALA E 307 -45.28 20.67 -38.50
C ALA E 307 -45.65 20.47 -37.04
N LEU E 308 -46.61 21.25 -36.53
CA LEU E 308 -47.04 21.09 -35.15
C LEU E 308 -47.81 19.78 -34.95
N ARG E 309 -48.61 19.38 -35.94
CA ARG E 309 -49.30 18.09 -35.89
C ARG E 309 -48.30 16.93 -35.91
N ASP E 310 -47.26 17.03 -36.75
CA ASP E 310 -46.24 15.98 -36.81
C ASP E 310 -45.43 15.93 -35.52
N ARG E 311 -45.17 17.09 -34.91
CA ARG E 311 -44.49 17.14 -33.63
C ARG E 311 -45.30 16.46 -32.53
N GLN E 312 -46.60 16.76 -32.47
CA GLN E 312 -47.47 16.15 -31.47
C GLN E 312 -47.62 14.65 -31.70
N ASP E 313 -47.74 14.23 -32.97
CA ASP E 313 -47.88 12.81 -33.28
C ASP E 313 -46.59 12.05 -33.00
N TYR E 314 -45.44 12.69 -33.22
CA TYR E 314 -44.17 12.03 -32.90
C TYR E 314 -43.97 11.92 -31.39
N GLN E 315 -44.40 12.94 -30.62
CA GLN E 315 -44.33 12.84 -29.16
C GLN E 315 -45.25 11.74 -28.65
N GLU E 316 -46.46 11.64 -29.22
CA GLU E 316 -47.37 10.58 -28.84
C GLU E 316 -46.84 9.20 -29.23
N LYS E 317 -46.19 9.09 -30.38
CA LYS E 317 -45.60 7.82 -30.80
C LYS E 317 -44.42 7.44 -29.91
N ALA E 318 -43.62 8.42 -29.49
CA ALA E 318 -42.47 8.14 -28.64
C ALA E 318 -42.90 7.74 -27.23
N PHE E 319 -44.01 8.31 -26.74
CA PHE E 319 -44.50 7.96 -25.42
C PHE E 319 -45.66 6.96 -25.45
N SER E 320 -45.93 6.35 -26.61
CA SER E 320 -47.08 5.47 -26.76
C SER E 320 -47.01 4.23 -25.88
N GLU E 321 -45.83 3.61 -25.79
CA GLU E 321 -45.68 2.40 -24.98
C GLU E 321 -45.88 2.70 -23.50
N ILE E 322 -45.28 3.79 -23.02
CA ILE E 322 -45.42 4.16 -21.61
C ILE E 322 -46.84 4.60 -21.30
N ASP E 323 -47.49 5.30 -22.24
CA ASP E 323 -48.87 5.72 -22.03
C ASP E 323 -49.82 4.53 -22.04
N ASN E 324 -49.57 3.54 -22.90
CA ASN E 324 -50.39 2.33 -22.91
C ASN E 324 -50.20 1.53 -21.63
N TYR E 325 -48.96 1.43 -21.14
CA TYR E 325 -48.70 0.73 -19.88
C TYR E 325 -49.35 1.44 -18.70
N MET E 326 -49.28 2.78 -18.67
CA MET E 326 -49.89 3.51 -17.57
C MET E 326 -51.42 3.53 -17.67
N SER E 327 -51.96 3.43 -18.89
CA SER E 327 -53.40 3.30 -19.03
C SER E 327 -53.88 1.94 -18.59
N SER E 328 -53.07 0.89 -18.82
CA SER E 328 -53.40 -0.43 -18.30
C SER E 328 -53.30 -0.48 -16.78
N VAL E 329 -52.30 0.20 -16.22
CA VAL E 329 -52.12 0.19 -14.77
C VAL E 329 -53.20 1.01 -14.07
N ASN E 330 -53.51 2.19 -14.59
CA ASN E 330 -54.43 3.11 -13.91
C ASN E 330 -55.88 2.68 -13.99
N SER E 331 -56.21 1.64 -14.76
CA SER E 331 -57.55 1.08 -14.74
C SER E 331 -57.89 0.41 -13.42
N PHE E 332 -56.89 -0.01 -12.65
CA PHE E 332 -57.11 -0.63 -11.35
C PHE E 332 -56.93 0.33 -10.19
N LEU E 333 -56.13 1.38 -10.36
CA LEU E 333 -55.91 2.35 -9.29
C LEU E 333 -57.13 3.25 -9.11
N GLU E 334 -57.53 3.45 -7.87
CA GLU E 334 -58.75 4.20 -7.55
C GLU E 334 -58.49 5.66 -7.23
N ASP E 335 -57.71 5.93 -6.18
CA ASP E 335 -57.52 7.28 -5.67
C ASP E 335 -56.16 7.87 -6.06
N LYS E 336 -55.45 7.24 -7.00
CA LYS E 336 -54.16 7.73 -7.44
C LYS E 336 -53.92 7.21 -8.85
N GLU E 337 -52.82 7.66 -9.45
CA GLU E 337 -52.45 7.20 -10.78
C GLU E 337 -50.94 7.19 -10.91
N MET E 338 -50.39 6.12 -11.49
CA MET E 338 -48.96 6.08 -11.76
C MET E 338 -48.67 6.97 -12.97
N ALA E 339 -47.85 7.99 -12.77
CA ALA E 339 -47.59 8.98 -13.80
C ALA E 339 -46.13 9.44 -13.72
N TYR E 340 -45.69 10.03 -14.83
CA TYR E 340 -44.36 10.61 -14.93
C TYR E 340 -44.46 12.13 -14.93
N ASP E 341 -43.48 12.76 -14.29
CA ASP E 341 -43.41 14.21 -14.21
C ASP E 341 -42.01 14.66 -14.61
N PHE E 342 -41.95 15.63 -15.51
CA PHE E 342 -40.69 16.27 -15.87
C PHE E 342 -40.44 17.45 -14.94
N ASP E 343 -39.30 18.11 -15.17
CA ASP E 343 -38.96 19.31 -14.42
C ASP E 343 -37.99 20.14 -15.23
N LEU E 344 -37.98 21.45 -14.96
CA LEU E 344 -37.06 22.36 -15.62
C LEU E 344 -35.83 22.68 -14.79
N ARG E 345 -35.96 22.68 -13.46
CA ARG E 345 -34.80 22.88 -12.59
C ARG E 345 -33.89 21.66 -12.62
N ARG E 346 -34.42 20.51 -12.23
CA ARG E 346 -33.71 19.25 -12.38
C ARG E 346 -34.13 18.58 -13.69
N LYS E 347 -33.22 17.79 -14.25
CA LYS E 347 -33.46 17.07 -15.49
C LYS E 347 -33.73 15.58 -15.25
N TYR E 348 -33.98 15.19 -14.01
CA TYR E 348 -34.26 13.80 -13.69
C TYR E 348 -35.75 13.63 -13.52
N PRO E 349 -36.44 12.94 -14.44
CA PRO E 349 -37.90 12.81 -14.33
C PRO E 349 -38.30 11.87 -13.20
N LYS E 350 -39.48 12.12 -12.65
CA LYS E 350 -39.98 11.38 -11.49
C LYS E 350 -41.16 10.51 -11.90
N VAL E 351 -41.08 9.22 -11.59
CA VAL E 351 -42.14 8.27 -11.87
C VAL E 351 -42.74 7.86 -10.53
N GLY E 352 -44.06 8.06 -10.38
CA GLY E 352 -44.67 7.73 -9.11
C GLY E 352 -46.15 8.02 -9.11
N LEU E 353 -46.74 7.90 -7.92
CA LEU E 353 -48.18 8.04 -7.75
C LEU E 353 -48.56 9.50 -7.59
N LYS E 354 -49.44 9.97 -8.47
CA LYS E 354 -50.01 11.30 -8.40
C LYS E 354 -51.46 11.18 -7.94
N PHE E 355 -51.82 11.99 -6.96
CA PHE E 355 -53.14 12.05 -6.36
C PHE E 355 -53.93 13.22 -6.95
N PRO E 356 -55.26 13.15 -6.92
CA PRO E 356 -56.06 14.34 -7.30
C PRO E 356 -55.88 15.52 -6.37
N ASP E 357 -55.44 15.30 -5.13
CA ASP E 357 -55.09 16.40 -4.23
C ASP E 357 -53.73 17.00 -4.53
N GLY E 358 -52.94 16.38 -5.40
CA GLY E 358 -51.68 16.92 -5.83
C GLY E 358 -50.45 16.32 -5.18
N SER E 359 -50.61 15.31 -4.34
CA SER E 359 -49.47 14.68 -3.68
C SER E 359 -48.74 13.76 -4.63
N TRP E 360 -47.42 13.69 -4.47
CA TRP E 360 -46.57 12.79 -5.23
C TRP E 360 -46.00 11.74 -4.29
N SER E 361 -46.19 10.47 -4.63
CA SER E 361 -45.71 9.36 -3.83
C SER E 361 -44.97 8.37 -4.71
N PRO E 362 -43.94 7.70 -4.18
CA PRO E 362 -43.24 6.68 -4.97
C PRO E 362 -44.02 5.39 -5.11
N ILE E 363 -43.40 4.39 -5.76
CA ILE E 363 -44.08 3.13 -6.00
C ILE E 363 -44.04 2.22 -4.78
N ARG E 364 -43.18 2.50 -3.80
CA ARG E 364 -43.10 1.69 -2.60
C ARG E 364 -44.29 1.88 -1.67
N VAL E 365 -45.10 2.93 -1.87
CA VAL E 365 -46.31 3.12 -1.06
C VAL E 365 -47.46 2.24 -1.52
N LEU E 366 -47.31 1.56 -2.66
CA LEU E 366 -48.33 0.64 -3.13
C LEU E 366 -48.42 -0.59 -2.22
N SER E 367 -49.59 -1.22 -2.22
CA SER E 367 -49.82 -2.40 -1.39
C SER E 367 -49.30 -3.63 -2.13
N SER E 368 -49.62 -4.82 -1.61
CA SER E 368 -49.14 -6.05 -2.20
C SER E 368 -49.86 -6.34 -3.52
N GLY E 369 -51.18 -6.18 -3.54
CA GLY E 369 -51.95 -6.48 -4.74
C GLY E 369 -51.67 -5.52 -5.89
N GLU E 370 -51.49 -4.24 -5.57
CA GLU E 370 -51.13 -3.25 -6.59
C GLU E 370 -49.75 -3.52 -7.16
N ARG E 371 -48.81 -3.96 -6.31
CA ARG E 371 -47.49 -4.34 -6.77
C ARG E 371 -47.54 -5.58 -7.66
N GLN E 372 -48.39 -6.55 -7.30
CA GLN E 372 -48.58 -7.73 -8.13
C GLN E 372 -49.17 -7.38 -9.49
N LEU E 373 -50.16 -6.48 -9.50
CA LEU E 373 -50.76 -6.04 -10.76
C LEU E 373 -49.75 -5.29 -11.62
N LEU E 374 -48.89 -4.48 -10.98
CA LEU E 374 -47.85 -3.74 -11.70
C LEU E 374 -46.85 -4.69 -12.34
N THR E 375 -46.40 -5.70 -11.58
CA THR E 375 -45.44 -6.67 -12.11
C THR E 375 -46.05 -7.52 -13.22
N MET E 376 -47.33 -7.91 -13.07
CA MET E 376 -47.98 -8.72 -14.09
C MET E 376 -48.25 -7.91 -15.35
N LEU E 377 -48.57 -6.62 -15.23
CA LEU E 377 -48.79 -5.80 -16.41
C LEU E 377 -47.48 -5.46 -17.10
N TYR E 378 -46.39 -5.30 -16.35
CA TYR E 378 -45.10 -5.13 -16.99
C TYR E 378 -44.62 -6.43 -17.64
N ALA E 379 -45.05 -7.58 -17.10
CA ALA E 379 -44.76 -8.86 -17.73
C ALA E 379 -45.45 -8.98 -19.08
N ALA E 380 -46.67 -8.47 -19.19
CA ALA E 380 -47.42 -8.46 -20.44
C ALA E 380 -47.14 -7.21 -21.27
N SER E 381 -46.25 -6.34 -20.83
CA SER E 381 -45.94 -5.12 -21.56
C SER E 381 -45.00 -5.40 -22.72
N LYS E 382 -45.00 -4.48 -23.69
CA LYS E 382 -44.06 -4.55 -24.79
C LYS E 382 -42.70 -3.99 -24.44
N MET E 383 -42.58 -3.30 -23.29
CA MET E 383 -41.29 -2.80 -22.85
C MET E 383 -40.36 -3.92 -22.42
N GLY E 384 -40.91 -5.01 -21.87
CA GLY E 384 -40.10 -6.14 -21.48
C GLY E 384 -39.61 -6.93 -22.67
N ASP E 385 -38.58 -7.73 -22.44
CA ASP E 385 -37.99 -8.53 -23.48
C ASP E 385 -38.88 -9.71 -23.84
N ASP E 386 -38.58 -10.34 -24.98
CA ASP E 386 -39.33 -11.49 -25.46
C ASP E 386 -39.02 -12.69 -24.58
N ALA E 387 -39.99 -13.11 -23.77
CA ALA E 387 -39.83 -14.24 -22.88
C ALA E 387 -41.15 -14.98 -22.78
N ILE E 388 -41.18 -16.00 -21.94
CA ILE E 388 -42.39 -16.79 -21.70
C ILE E 388 -42.84 -16.50 -20.28
N VAL E 389 -44.06 -15.97 -20.14
CA VAL E 389 -44.56 -15.48 -18.86
C VAL E 389 -45.13 -16.67 -18.10
N LEU E 390 -44.36 -17.20 -17.15
CA LEU E 390 -44.77 -18.36 -16.36
C LEU E 390 -45.20 -17.87 -14.99
N ILE E 391 -46.51 -17.92 -14.73
CA ILE E 391 -47.08 -17.43 -13.47
C ILE E 391 -47.80 -18.58 -12.78
N ASP E 392 -47.52 -18.76 -11.50
CA ASP E 392 -48.26 -19.68 -10.65
C ASP E 392 -49.00 -18.86 -9.60
N GLN E 393 -50.33 -19.05 -9.53
CA GLN E 393 -51.28 -18.33 -8.69
C GLN E 393 -51.15 -16.82 -8.87
N PRO E 394 -51.64 -16.26 -9.98
CA PRO E 394 -51.53 -14.81 -10.18
C PRO E 394 -52.43 -13.97 -9.28
N GLU E 395 -53.38 -14.60 -8.58
CA GLU E 395 -54.41 -13.90 -7.81
C GLU E 395 -54.01 -13.62 -6.37
N ILE E 396 -52.71 -13.46 -6.10
CA ILE E 396 -52.25 -13.26 -4.73
C ILE E 396 -52.62 -11.85 -4.26
N SER E 397 -53.46 -11.77 -3.22
CA SER E 397 -53.90 -10.53 -2.58
C SER E 397 -54.59 -9.59 -3.55
N LEU E 398 -55.38 -10.14 -4.46
CA LEU E 398 -56.08 -9.37 -5.48
C LEU E 398 -57.58 -9.34 -5.16
N HIS E 399 -58.19 -8.19 -5.40
CA HIS E 399 -59.63 -8.06 -5.28
C HIS E 399 -60.31 -8.81 -6.43
N ILE E 400 -61.54 -9.28 -6.16
CA ILE E 400 -62.25 -10.11 -7.12
C ILE E 400 -62.67 -9.33 -8.36
N ASP E 401 -62.75 -8.01 -8.28
CA ASP E 401 -63.00 -7.20 -9.48
C ASP E 401 -61.75 -7.10 -10.34
N TRP E 402 -60.57 -7.10 -9.71
CA TRP E 402 -59.33 -7.01 -10.47
C TRP E 402 -58.99 -8.32 -11.15
N GLN E 403 -59.46 -9.45 -10.59
CA GLN E 403 -59.21 -10.75 -11.19
C GLN E 403 -59.95 -10.91 -12.51
N GLU E 404 -61.13 -10.32 -12.63
CA GLU E 404 -61.90 -10.39 -13.87
C GLU E 404 -61.33 -9.50 -14.96
N ASP E 405 -60.51 -8.51 -14.59
CA ASP E 405 -59.96 -7.57 -15.56
C ASP E 405 -58.47 -7.76 -15.81
N LEU E 406 -57.79 -8.60 -15.02
CA LEU E 406 -56.34 -8.77 -15.16
C LEU E 406 -55.95 -9.39 -16.49
N LEU E 407 -56.58 -10.50 -16.86
CA LEU E 407 -56.24 -11.15 -18.13
C LEU E 407 -56.72 -10.34 -19.32
N LYS E 408 -57.83 -9.61 -19.16
CA LYS E 408 -58.28 -8.70 -20.21
C LYS E 408 -57.27 -7.59 -20.45
N ARG E 409 -56.74 -6.98 -19.38
CA ARG E 409 -55.73 -5.94 -19.53
C ARG E 409 -54.41 -6.48 -20.04
N MET E 410 -54.07 -7.73 -19.69
CA MET E 410 -52.83 -8.32 -20.19
C MET E 410 -52.95 -8.65 -21.68
N LEU E 411 -54.09 -9.17 -22.12
CA LEU E 411 -54.27 -9.49 -23.53
C LEU E 411 -54.61 -8.26 -24.38
N SER E 412 -54.99 -7.15 -23.76
CA SER E 412 -55.27 -5.94 -24.52
C SER E 412 -53.99 -5.27 -25.04
N GLN E 413 -52.85 -5.55 -24.42
CA GLN E 413 -51.60 -4.90 -24.85
C GLN E 413 -51.03 -5.50 -26.11
N LEU E 414 -51.47 -6.71 -26.49
CA LEU E 414 -51.11 -7.39 -27.75
C LEU E 414 -49.61 -7.59 -27.88
N SER E 415 -48.96 -8.02 -26.79
CA SER E 415 -47.51 -8.22 -26.79
C SER E 415 -47.08 -9.41 -27.62
N GLY E 416 -47.96 -10.40 -27.81
CA GLY E 416 -47.63 -11.56 -28.61
C GLY E 416 -46.80 -12.61 -27.91
N ARG E 417 -46.49 -12.42 -26.63
CA ARG E 417 -45.71 -13.41 -25.89
C ARG E 417 -46.58 -14.60 -25.52
N GLN E 418 -45.91 -15.67 -25.09
CA GLN E 418 -46.58 -16.89 -24.65
C GLN E 418 -46.71 -16.86 -23.13
N ILE E 419 -47.93 -16.97 -22.65
CA ILE E 419 -48.23 -16.85 -21.22
C ILE E 419 -48.80 -18.17 -20.73
N ILE E 420 -48.14 -18.75 -19.72
CA ILE E 420 -48.62 -19.95 -19.05
C ILE E 420 -48.94 -19.57 -17.62
N VAL E 421 -50.23 -19.62 -17.28
CA VAL E 421 -50.72 -19.21 -15.96
C VAL E 421 -51.41 -20.40 -15.31
N CYS E 422 -51.08 -20.66 -14.05
CA CYS E 422 -51.72 -21.68 -13.25
C CYS E 422 -52.50 -21.00 -12.14
N THR E 423 -53.82 -21.24 -12.11
CA THR E 423 -54.70 -20.54 -11.18
C THR E 423 -55.77 -21.49 -10.67
N HIS E 424 -56.32 -21.16 -9.51
CA HIS E 424 -57.44 -21.89 -8.93
C HIS E 424 -58.72 -21.06 -8.91
N SER E 425 -58.65 -19.77 -9.22
CA SER E 425 -59.80 -18.88 -9.18
C SER E 425 -60.47 -18.84 -10.54
N PRO E 426 -61.79 -19.09 -10.63
CA PRO E 426 -62.48 -18.98 -11.92
C PRO E 426 -62.63 -17.56 -12.43
N SER E 427 -62.48 -16.55 -11.56
CA SER E 427 -62.59 -15.16 -11.99
C SER E 427 -61.40 -14.71 -12.83
N ILE E 428 -60.26 -15.40 -12.73
CA ILE E 428 -59.15 -15.14 -13.63
C ILE E 428 -59.48 -15.62 -15.04
N ALA E 429 -60.02 -16.83 -15.15
CA ALA E 429 -60.16 -17.52 -16.42
C ALA E 429 -61.52 -17.34 -17.09
N THR E 430 -62.33 -16.40 -16.62
CA THR E 430 -63.61 -16.15 -17.27
C THR E 430 -63.41 -15.45 -18.61
N GLY E 431 -64.24 -15.82 -19.58
CA GLY E 431 -64.16 -15.26 -20.91
C GLY E 431 -63.09 -15.85 -21.80
N TYR E 432 -62.27 -16.76 -21.30
CA TYR E 432 -61.22 -17.42 -22.05
C TYR E 432 -61.23 -18.92 -21.79
N GLU E 433 -62.42 -19.52 -21.88
CA GLU E 433 -62.59 -20.94 -21.58
C GLU E 433 -61.99 -21.85 -22.65
N ASP E 434 -61.71 -21.31 -23.85
CA ASP E 434 -61.09 -22.11 -24.90
C ASP E 434 -59.64 -22.44 -24.61
N PHE E 435 -58.96 -21.61 -23.81
CA PHE E 435 -57.55 -21.81 -23.49
C PHE E 435 -57.35 -22.42 -22.12
N MET E 436 -58.42 -22.82 -21.45
CA MET E 436 -58.31 -23.46 -20.14
C MET E 436 -57.93 -24.92 -20.33
N ILE E 437 -56.76 -25.31 -19.81
CA ILE E 437 -56.23 -26.65 -19.94
C ILE E 437 -56.16 -27.28 -18.55
N ASN E 438 -56.74 -28.46 -18.41
CA ASN E 438 -56.72 -29.19 -17.15
C ASN E 438 -55.53 -30.14 -17.13
N ILE E 439 -54.87 -30.24 -15.98
CA ILE E 439 -53.73 -31.12 -15.80
C ILE E 439 -54.23 -32.43 -15.21
N SER E 440 -53.95 -33.53 -15.90
CA SER E 440 -54.33 -34.87 -15.43
C SER E 440 -53.07 -35.69 -15.24
N PRO E 441 -52.58 -35.81 -14.00
CA PRO E 441 -51.41 -36.66 -13.76
C PRO E 441 -51.75 -38.14 -13.89
N GLU E 442 -50.92 -38.86 -14.63
CA GLU E 442 -51.13 -40.28 -14.90
C GLU E 442 -50.35 -41.09 -13.87
N PHE E 443 -51.04 -41.55 -12.84
CA PHE E 443 -50.39 -42.29 -11.77
C PHE E 443 -49.95 -43.67 -12.25
N ILE E 444 -48.79 -44.11 -11.78
CA ILE E 444 -48.21 -45.39 -12.18
C ILE E 444 -48.10 -46.29 -10.96
N SER E 445 -48.38 -47.58 -11.16
CA SER E 445 -48.25 -48.54 -10.08
C SER E 445 -46.80 -48.95 -9.88
N SER E 446 -46.37 -48.99 -8.62
CA SER E 446 -45.01 -49.36 -8.29
C SER E 446 -44.97 -50.15 -6.98
PG ATP F . 6.99 12.87 4.54
O1G ATP F . 6.98 13.66 3.28
O2G ATP F . 6.13 11.64 4.48
O3G ATP F . 8.39 12.49 5.00
PB ATP F . 5.81 15.18 6.01
O1B ATP F . 6.84 16.21 5.84
O2B ATP F . 4.57 15.33 5.15
O3B ATP F . 6.38 13.74 5.75
PA ATP F . 4.59 14.02 8.42
O1A ATP F . 5.36 12.78 8.62
O2A ATP F . 3.33 13.64 7.68
O3A ATP F . 5.31 15.09 7.52
O5' ATP F . 4.07 14.80 9.70
C5' ATP F . 4.43 14.41 11.04
C4' ATP F . 5.80 14.77 11.59
O4' ATP F . 5.79 14.59 13.01
C3' ATP F . 7.01 13.96 11.15
O3' ATP F . 8.20 14.69 11.41
C2' ATP F . 6.93 12.74 12.05
O2' ATP F . 8.22 12.20 12.31
C1' ATP F . 6.35 13.32 13.34
N9 ATP F . 5.32 12.49 13.95
C8 ATP F . 4.33 11.79 13.30
N7 ATP F . 3.55 11.12 14.10
C5 ATP F . 4.05 11.39 15.36
C6 ATP F . 3.66 10.97 16.65
N6 ATP F . 2.62 10.16 16.89
N1 ATP F . 4.38 11.42 17.70
C2 ATP F . 5.41 12.23 17.47
N3 ATP F . 5.87 12.69 16.30
C4 ATP F . 5.14 12.23 15.29
MG MG G . 5.12 0.47 -12.32
PG ATP H . 3.84 2.85 -14.36
O1G ATP H . 4.22 2.35 -13.01
O2G ATP H . 2.34 3.02 -14.56
O3G ATP H . 4.54 4.14 -14.76
PB ATP H . 4.99 0.41 -15.61
O1B ATP H . 5.83 0.35 -16.82
O2B ATP H . 5.70 0.14 -14.29
O3B ATP H . 4.27 1.80 -15.48
PA ATP H . 3.53 -2.08 -16.15
O1A ATP H . 2.35 -2.66 -15.48
O2A ATP H . 4.83 -2.82 -15.93
O3A ATP H . 3.77 -0.59 -15.71
O5' ATP H . 3.31 -1.95 -17.71
C5' ATP H . 3.17 -3.12 -18.54
C4' ATP H . 2.31 -2.78 -19.73
O4' ATP H . 1.45 -3.89 -20.03
C3' ATP H . 1.41 -1.57 -19.54
O3' ATP H . 1.31 -0.82 -20.75
C2' ATP H . 0.05 -2.20 -19.19
O2' ATP H . -1.04 -1.37 -19.57
C1' ATP H . 0.10 -3.47 -20.04
N9 ATP H . -0.74 -4.56 -19.57
C8 ATP H . -1.77 -5.15 -20.25
N7 ATP H . -2.36 -6.12 -19.60
C5 ATP H . -1.67 -6.19 -18.40
C6 ATP H . -1.80 -7.02 -17.27
N6 ATP H . -2.71 -7.98 -17.15
N1 ATP H . -0.94 -6.81 -16.24
C2 ATP H . -0.02 -5.84 -16.34
N3 ATP H . 0.19 -5.01 -17.37
C4 ATP H . -0.66 -5.23 -18.37
#